data_4MO3
# 
_entry.id   4MO3 
# 
_audit_conform.dict_name       mmcif_pdbx.dic 
_audit_conform.dict_version    5.397 
_audit_conform.dict_location   http://mmcif.pdb.org/dictionaries/ascii/mmcif_pdbx.dic 
# 
loop_
_database_2.database_id 
_database_2.database_code 
_database_2.pdbx_database_accession 
_database_2.pdbx_DOI 
PDB   4MO3         pdb_00004mo3 10.2210/pdb4mo3/pdb 
RCSB  RCSB082153   ?            ?                   
WWPDB D_1000082153 ?            ?                   
# 
loop_
_pdbx_audit_revision_history.ordinal 
_pdbx_audit_revision_history.data_content_type 
_pdbx_audit_revision_history.major_revision 
_pdbx_audit_revision_history.minor_revision 
_pdbx_audit_revision_history.revision_date 
1 'Structure model' 1 0 2013-11-06 
2 'Structure model' 1 1 2017-11-15 
3 'Structure model' 1 2 2023-09-20 
4 'Structure model' 1 3 2024-10-30 
# 
_pdbx_audit_revision_details.ordinal             1 
_pdbx_audit_revision_details.revision_ordinal    1 
_pdbx_audit_revision_details.data_content_type   'Structure model' 
_pdbx_audit_revision_details.provider            repository 
_pdbx_audit_revision_details.type                'Initial release' 
_pdbx_audit_revision_details.description         ? 
_pdbx_audit_revision_details.details             ? 
# 
loop_
_pdbx_audit_revision_group.ordinal 
_pdbx_audit_revision_group.revision_ordinal 
_pdbx_audit_revision_group.data_content_type 
_pdbx_audit_revision_group.group 
1 2 'Structure model' 'Refinement description' 
2 3 'Structure model' 'Data collection'        
3 3 'Structure model' 'Database references'    
4 3 'Structure model' 'Derived calculations'   
5 3 'Structure model' 'Refinement description' 
6 4 'Structure model' 'Structure summary'      
# 
loop_
_pdbx_audit_revision_category.ordinal 
_pdbx_audit_revision_category.revision_ordinal 
_pdbx_audit_revision_category.data_content_type 
_pdbx_audit_revision_category.category 
1 2 'Structure model' software                      
2 3 'Structure model' chem_comp_atom                
3 3 'Structure model' chem_comp_bond                
4 3 'Structure model' database_2                    
5 3 'Structure model' pdbx_initial_refinement_model 
6 3 'Structure model' struct_ref_seq_dif            
7 3 'Structure model' struct_site                   
8 4 'Structure model' pdbx_entry_details            
9 4 'Structure model' pdbx_modification_feature     
# 
loop_
_pdbx_audit_revision_item.ordinal 
_pdbx_audit_revision_item.revision_ordinal 
_pdbx_audit_revision_item.data_content_type 
_pdbx_audit_revision_item.item 
1 3 'Structure model' '_database_2.pdbx_DOI'                
2 3 'Structure model' '_database_2.pdbx_database_accession' 
3 3 'Structure model' '_struct_ref_seq_dif.details'         
4 3 'Structure model' '_struct_site.pdbx_auth_asym_id'      
5 3 'Structure model' '_struct_site.pdbx_auth_comp_id'      
6 3 'Structure model' '_struct_site.pdbx_auth_seq_id'       
# 
_pdbx_database_status.status_code                     REL 
_pdbx_database_status.entry_id                        4MO3 
_pdbx_database_status.recvd_initial_deposition_date   2013-09-11 
_pdbx_database_status.deposit_site                    RCSB 
_pdbx_database_status.process_site                    RCSB 
_pdbx_database_status.status_code_sf                  REL 
_pdbx_database_status.status_code_mr                  ? 
_pdbx_database_status.SG_entry                        ? 
_pdbx_database_status.status_code_cs                  ? 
_pdbx_database_status.methods_development_category    FoldIt 
_pdbx_database_status.pdb_format_compatible           Y 
_pdbx_database_status.status_code_nmr_data            ? 
# 
loop_
_audit_author.name 
_audit_author.pdbx_ordinal 
'Spiegel, P.C.' 1 
'Brison, C.'    2 
# 
_citation.id                        primary 
_citation.title                     'Crystal Structure of Porcine C2 Domain of Blood Coagulation Factor VIII (FoldIt Target)' 
_citation.journal_abbrev            'To be Published' 
_citation.journal_volume            ? 
_citation.page_first                ? 
_citation.page_last                 ? 
_citation.year                      ? 
_citation.journal_id_ASTM           ? 
_citation.country                   ? 
_citation.journal_id_ISSN           ? 
_citation.journal_id_CSD            0353 
_citation.book_publisher            ? 
_citation.pdbx_database_id_PubMed   ? 
_citation.pdbx_database_id_DOI      ? 
# 
loop_
_citation_author.citation_id 
_citation_author.name 
_citation_author.ordinal 
_citation_author.identifier_ORCID 
primary 'Spiegel, P.C.' 1 ? 
primary 'Brison, C.'    2 ? 
# 
loop_
_entity.id 
_entity.type 
_entity.src_method 
_entity.pdbx_description 
_entity.formula_weight 
_entity.pdbx_number_of_molecules 
_entity.pdbx_ec 
_entity.pdbx_mutation 
_entity.pdbx_fragment 
_entity.details 
1 polymer     man 'Coagulation factor VIII' 19903.359 1   ? ? 'C2 domain (UNP residues 1971-2129)' ? 
2 non-polymer syn GLYCEROL                  92.094    1   ? ? ?                                    ? 
3 water       nat water                     18.015    179 ? ? ?                                    ? 
# 
_entity_name_com.entity_id   1 
_entity_name_com.name        'Procoagulant component' 
# 
_entity_poly.entity_id                      1 
_entity_poly.type                           'polypeptide(L)' 
_entity_poly.nstd_linkage                   no 
_entity_poly.nstd_monomer                   no 
_entity_poly.pdbx_seq_one_letter_code       
;MGSSHHHHHHENLYFQGSDLNSCSMPLGMQNKAISDSQITASSHLSNIFATWSPSQARLHLQGRTNAWRPRVSSAEEWLQ
VDLQKTVKVTGITTQGVKSLLSSMYVKEFLVSSSQDGRRWTLFLQDGHTKVFQGNQDSSTPVVNALDPPLFTRYLRIHPT
SWAQHIALRLEVLGCEA
;
_entity_poly.pdbx_seq_one_letter_code_can   
;MGSSHHHHHHENLYFQGSDLNSCSMPLGMQNKAISDSQITASSHLSNIFATWSPSQARLHLQGRTNAWRPRVSSAEEWLQ
VDLQKTVKVTGITTQGVKSLLSSMYVKEFLVSSSQDGRRWTLFLQDGHTKVFQGNQDSSTPVVNALDPPLFTRYLRIHPT
SWAQHIALRLEVLGCEA
;
_entity_poly.pdbx_strand_id                 M 
_entity_poly.pdbx_target_identifier         ? 
# 
loop_
_pdbx_entity_nonpoly.entity_id 
_pdbx_entity_nonpoly.name 
_pdbx_entity_nonpoly.comp_id 
2 GLYCEROL GOL 
3 water    HOH 
# 
loop_
_entity_poly_seq.entity_id 
_entity_poly_seq.num 
_entity_poly_seq.mon_id 
_entity_poly_seq.hetero 
1 1   MET n 
1 2   GLY n 
1 3   SER n 
1 4   SER n 
1 5   HIS n 
1 6   HIS n 
1 7   HIS n 
1 8   HIS n 
1 9   HIS n 
1 10  HIS n 
1 11  GLU n 
1 12  ASN n 
1 13  LEU n 
1 14  TYR n 
1 15  PHE n 
1 16  GLN n 
1 17  GLY n 
1 18  SER n 
1 19  ASP n 
1 20  LEU n 
1 21  ASN n 
1 22  SER n 
1 23  CYS n 
1 24  SER n 
1 25  MET n 
1 26  PRO n 
1 27  LEU n 
1 28  GLY n 
1 29  MET n 
1 30  GLN n 
1 31  ASN n 
1 32  LYS n 
1 33  ALA n 
1 34  ILE n 
1 35  SER n 
1 36  ASP n 
1 37  SER n 
1 38  GLN n 
1 39  ILE n 
1 40  THR n 
1 41  ALA n 
1 42  SER n 
1 43  SER n 
1 44  HIS n 
1 45  LEU n 
1 46  SER n 
1 47  ASN n 
1 48  ILE n 
1 49  PHE n 
1 50  ALA n 
1 51  THR n 
1 52  TRP n 
1 53  SER n 
1 54  PRO n 
1 55  SER n 
1 56  GLN n 
1 57  ALA n 
1 58  ARG n 
1 59  LEU n 
1 60  HIS n 
1 61  LEU n 
1 62  GLN n 
1 63  GLY n 
1 64  ARG n 
1 65  THR n 
1 66  ASN n 
1 67  ALA n 
1 68  TRP n 
1 69  ARG n 
1 70  PRO n 
1 71  ARG n 
1 72  VAL n 
1 73  SER n 
1 74  SER n 
1 75  ALA n 
1 76  GLU n 
1 77  GLU n 
1 78  TRP n 
1 79  LEU n 
1 80  GLN n 
1 81  VAL n 
1 82  ASP n 
1 83  LEU n 
1 84  GLN n 
1 85  LYS n 
1 86  THR n 
1 87  VAL n 
1 88  LYS n 
1 89  VAL n 
1 90  THR n 
1 91  GLY n 
1 92  ILE n 
1 93  THR n 
1 94  THR n 
1 95  GLN n 
1 96  GLY n 
1 97  VAL n 
1 98  LYS n 
1 99  SER n 
1 100 LEU n 
1 101 LEU n 
1 102 SER n 
1 103 SER n 
1 104 MET n 
1 105 TYR n 
1 106 VAL n 
1 107 LYS n 
1 108 GLU n 
1 109 PHE n 
1 110 LEU n 
1 111 VAL n 
1 112 SER n 
1 113 SER n 
1 114 SER n 
1 115 GLN n 
1 116 ASP n 
1 117 GLY n 
1 118 ARG n 
1 119 ARG n 
1 120 TRP n 
1 121 THR n 
1 122 LEU n 
1 123 PHE n 
1 124 LEU n 
1 125 GLN n 
1 126 ASP n 
1 127 GLY n 
1 128 HIS n 
1 129 THR n 
1 130 LYS n 
1 131 VAL n 
1 132 PHE n 
1 133 GLN n 
1 134 GLY n 
1 135 ASN n 
1 136 GLN n 
1 137 ASP n 
1 138 SER n 
1 139 SER n 
1 140 THR n 
1 141 PRO n 
1 142 VAL n 
1 143 VAL n 
1 144 ASN n 
1 145 ALA n 
1 146 LEU n 
1 147 ASP n 
1 148 PRO n 
1 149 PRO n 
1 150 LEU n 
1 151 PHE n 
1 152 THR n 
1 153 ARG n 
1 154 TYR n 
1 155 LEU n 
1 156 ARG n 
1 157 ILE n 
1 158 HIS n 
1 159 PRO n 
1 160 THR n 
1 161 SER n 
1 162 TRP n 
1 163 ALA n 
1 164 GLN n 
1 165 HIS n 
1 166 ILE n 
1 167 ALA n 
1 168 LEU n 
1 169 ARG n 
1 170 LEU n 
1 171 GLU n 
1 172 VAL n 
1 173 LEU n 
1 174 GLY n 
1 175 CYS n 
1 176 GLU n 
1 177 ALA n 
# 
_entity_src_gen.entity_id                          1 
_entity_src_gen.pdbx_src_id                        1 
_entity_src_gen.pdbx_alt_source_flag               sample 
_entity_src_gen.pdbx_seq_type                      ? 
_entity_src_gen.pdbx_beg_seq_num                   ? 
_entity_src_gen.pdbx_end_seq_num                   ? 
_entity_src_gen.gene_src_common_name               pig 
_entity_src_gen.gene_src_genus                     ? 
_entity_src_gen.pdbx_gene_src_gene                 'F8, CF8' 
_entity_src_gen.gene_src_species                   ? 
_entity_src_gen.gene_src_strain                    ? 
_entity_src_gen.gene_src_tissue                    ? 
_entity_src_gen.gene_src_tissue_fraction           ? 
_entity_src_gen.gene_src_details                   ? 
_entity_src_gen.pdbx_gene_src_fragment             ? 
_entity_src_gen.pdbx_gene_src_scientific_name      'Sus scrofa' 
_entity_src_gen.pdbx_gene_src_ncbi_taxonomy_id     9823 
_entity_src_gen.pdbx_gene_src_variant              ? 
_entity_src_gen.pdbx_gene_src_cell_line            ? 
_entity_src_gen.pdbx_gene_src_atcc                 ? 
_entity_src_gen.pdbx_gene_src_organ                ? 
_entity_src_gen.pdbx_gene_src_organelle            ? 
_entity_src_gen.pdbx_gene_src_cell                 ? 
_entity_src_gen.pdbx_gene_src_cellular_location    ? 
_entity_src_gen.host_org_common_name               ? 
_entity_src_gen.pdbx_host_org_scientific_name      'Escherichia coli' 
_entity_src_gen.pdbx_host_org_ncbi_taxonomy_id     562 
_entity_src_gen.host_org_genus                     ? 
_entity_src_gen.pdbx_host_org_gene                 ? 
_entity_src_gen.pdbx_host_org_organ                ? 
_entity_src_gen.host_org_species                   ? 
_entity_src_gen.pdbx_host_org_tissue               ? 
_entity_src_gen.pdbx_host_org_tissue_fraction      ? 
_entity_src_gen.pdbx_host_org_strain               ? 
_entity_src_gen.pdbx_host_org_variant              ? 
_entity_src_gen.pdbx_host_org_cell_line            ? 
_entity_src_gen.pdbx_host_org_atcc                 ? 
_entity_src_gen.pdbx_host_org_culture_collection   ? 
_entity_src_gen.pdbx_host_org_cell                 ? 
_entity_src_gen.pdbx_host_org_organelle            ? 
_entity_src_gen.pdbx_host_org_cellular_location    ? 
_entity_src_gen.pdbx_host_org_vector_type          ? 
_entity_src_gen.pdbx_host_org_vector               ? 
_entity_src_gen.host_org_details                   ? 
_entity_src_gen.expression_system_id               ? 
_entity_src_gen.plasmid_name                       ? 
_entity_src_gen.plasmid_details                    ? 
_entity_src_gen.pdbx_description                   ? 
# 
loop_
_chem_comp.id 
_chem_comp.type 
_chem_comp.mon_nstd_flag 
_chem_comp.name 
_chem_comp.pdbx_synonyms 
_chem_comp.formula 
_chem_comp.formula_weight 
ALA 'L-peptide linking' y ALANINE         ?                               'C3 H7 N O2'     89.093  
ARG 'L-peptide linking' y ARGININE        ?                               'C6 H15 N4 O2 1' 175.209 
ASN 'L-peptide linking' y ASPARAGINE      ?                               'C4 H8 N2 O3'    132.118 
ASP 'L-peptide linking' y 'ASPARTIC ACID' ?                               'C4 H7 N O4'     133.103 
CYS 'L-peptide linking' y CYSTEINE        ?                               'C3 H7 N O2 S'   121.158 
GLN 'L-peptide linking' y GLUTAMINE       ?                               'C5 H10 N2 O3'   146.144 
GLU 'L-peptide linking' y 'GLUTAMIC ACID' ?                               'C5 H9 N O4'     147.129 
GLY 'peptide linking'   y GLYCINE         ?                               'C2 H5 N O2'     75.067  
GOL non-polymer         . GLYCEROL        'GLYCERIN; PROPANE-1,2,3-TRIOL' 'C3 H8 O3'       92.094  
HIS 'L-peptide linking' y HISTIDINE       ?                               'C6 H10 N3 O2 1' 156.162 
HOH non-polymer         . WATER           ?                               'H2 O'           18.015  
ILE 'L-peptide linking' y ISOLEUCINE      ?                               'C6 H13 N O2'    131.173 
LEU 'L-peptide linking' y LEUCINE         ?                               'C6 H13 N O2'    131.173 
LYS 'L-peptide linking' y LYSINE          ?                               'C6 H15 N2 O2 1' 147.195 
MET 'L-peptide linking' y METHIONINE      ?                               'C5 H11 N O2 S'  149.211 
PHE 'L-peptide linking' y PHENYLALANINE   ?                               'C9 H11 N O2'    165.189 
PRO 'L-peptide linking' y PROLINE         ?                               'C5 H9 N O2'     115.130 
SER 'L-peptide linking' y SERINE          ?                               'C3 H7 N O3'     105.093 
THR 'L-peptide linking' y THREONINE       ?                               'C4 H9 N O3'     119.119 
TRP 'L-peptide linking' y TRYPTOPHAN      ?                               'C11 H12 N2 O2'  204.225 
TYR 'L-peptide linking' y TYROSINE        ?                               'C9 H11 N O3'    181.189 
VAL 'L-peptide linking' y VALINE          ?                               'C5 H11 N O2'    117.146 
# 
loop_
_pdbx_poly_seq_scheme.asym_id 
_pdbx_poly_seq_scheme.entity_id 
_pdbx_poly_seq_scheme.seq_id 
_pdbx_poly_seq_scheme.mon_id 
_pdbx_poly_seq_scheme.ndb_seq_num 
_pdbx_poly_seq_scheme.pdb_seq_num 
_pdbx_poly_seq_scheme.auth_seq_num 
_pdbx_poly_seq_scheme.pdb_mon_id 
_pdbx_poly_seq_scheme.auth_mon_id 
_pdbx_poly_seq_scheme.pdb_strand_id 
_pdbx_poly_seq_scheme.pdb_ins_code 
_pdbx_poly_seq_scheme.hetero 
A 1 1   MET 1   2152 ?    ?   ?   M . n 
A 1 2   GLY 2   2153 ?    ?   ?   M . n 
A 1 3   SER 3   2154 ?    ?   ?   M . n 
A 1 4   SER 4   2155 ?    ?   ?   M . n 
A 1 5   HIS 5   2156 ?    ?   ?   M . n 
A 1 6   HIS 6   2157 ?    ?   ?   M . n 
A 1 7   HIS 7   2158 ?    ?   ?   M . n 
A 1 8   HIS 8   2159 ?    ?   ?   M . n 
A 1 9   HIS 9   2160 ?    ?   ?   M . n 
A 1 10  HIS 10  2161 ?    ?   ?   M . n 
A 1 11  GLU 11  2162 ?    ?   ?   M . n 
A 1 12  ASN 12  2163 ?    ?   ?   M . n 
A 1 13  LEU 13  2164 ?    ?   ?   M . n 
A 1 14  TYR 14  2165 ?    ?   ?   M . n 
A 1 15  PHE 15  2166 ?    ?   ?   M . n 
A 1 16  GLN 16  2167 ?    ?   ?   M . n 
A 1 17  GLY 17  2168 ?    ?   ?   M . n 
A 1 18  SER 18  2169 ?    ?   ?   M . n 
A 1 19  ASP 19  2170 ?    ?   ?   M . n 
A 1 20  LEU 20  2171 ?    ?   ?   M . n 
A 1 21  ASN 21  2172 ?    ?   ?   M . n 
A 1 22  SER 22  2173 2173 SER SER M . n 
A 1 23  CYS 23  2174 2174 CYS CYS M . n 
A 1 24  SER 24  2175 2175 SER SER M . n 
A 1 25  MET 25  2176 2176 MET MET M . n 
A 1 26  PRO 26  2177 2177 PRO PRO M . n 
A 1 27  LEU 27  2178 2178 LEU LEU M . n 
A 1 28  GLY 28  2179 2179 GLY GLY M . n 
A 1 29  MET 29  2180 2180 MET MET M . n 
A 1 30  GLN 30  2181 2181 GLN GLN M . n 
A 1 31  ASN 31  2182 2182 ASN ASN M . n 
A 1 32  LYS 32  2183 2183 LYS LYS M . n 
A 1 33  ALA 33  2184 2184 ALA ALA M . n 
A 1 34  ILE 34  2185 2185 ILE ILE M . n 
A 1 35  SER 35  2186 2186 SER SER M . n 
A 1 36  ASP 36  2187 2187 ASP ASP M . n 
A 1 37  SER 37  2188 2188 SER SER M . n 
A 1 38  GLN 38  2189 2189 GLN GLN M . n 
A 1 39  ILE 39  2190 2190 ILE ILE M . n 
A 1 40  THR 40  2191 2191 THR THR M . n 
A 1 41  ALA 41  2192 2192 ALA ALA M . n 
A 1 42  SER 42  2193 2193 SER SER M . n 
A 1 43  SER 43  2194 2194 SER SER M . n 
A 1 44  HIS 44  2195 2195 HIS HIS M . n 
A 1 45  LEU 45  2196 2196 LEU LEU M . n 
A 1 46  SER 46  2197 2197 SER SER M . n 
A 1 47  ASN 47  2198 2198 ASN ASN M . n 
A 1 48  ILE 48  2199 2199 ILE ILE M . n 
A 1 49  PHE 49  2200 2200 PHE PHE M . n 
A 1 50  ALA 50  2201 2201 ALA ALA M . n 
A 1 51  THR 51  2202 2202 THR THR M . n 
A 1 52  TRP 52  2203 2203 TRP TRP M . n 
A 1 53  SER 53  2204 2204 SER SER M . n 
A 1 54  PRO 54  2205 2205 PRO PRO M . n 
A 1 55  SER 55  2206 2206 SER SER M . n 
A 1 56  GLN 56  2207 2207 GLN GLN M . n 
A 1 57  ALA 57  2208 2208 ALA ALA M . n 
A 1 58  ARG 58  2209 2209 ARG ARG M . n 
A 1 59  LEU 59  2210 2210 LEU LEU M . n 
A 1 60  HIS 60  2211 2211 HIS HIS M . n 
A 1 61  LEU 61  2212 2212 LEU LEU M . n 
A 1 62  GLN 62  2213 2213 GLN GLN M . n 
A 1 63  GLY 63  2214 2214 GLY GLY M . n 
A 1 64  ARG 64  2215 2215 ARG ARG M . n 
A 1 65  THR 65  2216 2216 THR THR M . n 
A 1 66  ASN 66  2217 2217 ASN ASN M . n 
A 1 67  ALA 67  2218 2218 ALA ALA M . n 
A 1 68  TRP 68  2219 2219 TRP TRP M . n 
A 1 69  ARG 69  2220 2220 ARG ARG M . n 
A 1 70  PRO 70  2221 2221 PRO PRO M . n 
A 1 71  ARG 71  2222 2222 ARG ARG M . n 
A 1 72  VAL 72  2223 2223 VAL VAL M . n 
A 1 73  SER 73  2224 2224 SER SER M . n 
A 1 74  SER 74  2225 2225 SER SER M . n 
A 1 75  ALA 75  2226 2226 ALA ALA M . n 
A 1 76  GLU 76  2227 2227 GLU GLU M . n 
A 1 77  GLU 77  2228 2228 GLU GLU M . n 
A 1 78  TRP 78  2229 2229 TRP TRP M . n 
A 1 79  LEU 79  2230 2230 LEU LEU M . n 
A 1 80  GLN 80  2231 2231 GLN GLN M . n 
A 1 81  VAL 81  2232 2232 VAL VAL M . n 
A 1 82  ASP 82  2233 2233 ASP ASP M . n 
A 1 83  LEU 83  2234 2234 LEU LEU M . n 
A 1 84  GLN 84  2235 2235 GLN GLN M . n 
A 1 85  LYS 85  2236 2236 LYS LYS M . n 
A 1 86  THR 86  2237 2237 THR THR M . n 
A 1 87  VAL 87  2238 2238 VAL VAL M . n 
A 1 88  LYS 88  2239 2239 LYS LYS M . n 
A 1 89  VAL 89  2240 2240 VAL VAL M . n 
A 1 90  THR 90  2241 2241 THR THR M . n 
A 1 91  GLY 91  2242 2242 GLY GLY M . n 
A 1 92  ILE 92  2243 2243 ILE ILE M . n 
A 1 93  THR 93  2244 2244 THR THR M . n 
A 1 94  THR 94  2245 2245 THR THR M . n 
A 1 95  GLN 95  2246 2246 GLN GLN M . n 
A 1 96  GLY 96  2247 2247 GLY GLY M . n 
A 1 97  VAL 97  2248 2248 VAL VAL M . n 
A 1 98  LYS 98  2249 2249 LYS LYS M . n 
A 1 99  SER 99  2250 2250 SER SER M . n 
A 1 100 LEU 100 2251 2251 LEU LEU M . n 
A 1 101 LEU 101 2252 2252 LEU LEU M . n 
A 1 102 SER 102 2253 2253 SER SER M . n 
A 1 103 SER 103 2254 2254 SER SER M . n 
A 1 104 MET 104 2255 2255 MET MET M . n 
A 1 105 TYR 105 2256 2256 TYR TYR M . n 
A 1 106 VAL 106 2257 2257 VAL VAL M . n 
A 1 107 LYS 107 2258 2258 LYS LYS M . n 
A 1 108 GLU 108 2259 2259 GLU GLU M . n 
A 1 109 PHE 109 2260 2260 PHE PHE M . n 
A 1 110 LEU 110 2261 2261 LEU LEU M . n 
A 1 111 VAL 111 2262 2262 VAL VAL M . n 
A 1 112 SER 112 2263 2263 SER SER M . n 
A 1 113 SER 113 2264 2264 SER SER M . n 
A 1 114 SER 114 2265 2265 SER SER M . n 
A 1 115 GLN 115 2266 2266 GLN GLN M . n 
A 1 116 ASP 116 2267 2267 ASP ASP M . n 
A 1 117 GLY 117 2268 2268 GLY GLY M . n 
A 1 118 ARG 118 2269 2269 ARG ARG M . n 
A 1 119 ARG 119 2270 2270 ARG ARG M . n 
A 1 120 TRP 120 2271 2271 TRP TRP M . n 
A 1 121 THR 121 2272 2272 THR THR M . n 
A 1 122 LEU 122 2273 2273 LEU LEU M . n 
A 1 123 PHE 123 2274 2274 PHE PHE M . n 
A 1 124 LEU 124 2275 2275 LEU LEU M . n 
A 1 125 GLN 125 2276 2276 GLN GLN M . n 
A 1 126 ASP 126 2277 2277 ASP ASP M . n 
A 1 127 GLY 127 2278 2278 GLY GLY M . n 
A 1 128 HIS 128 2279 2279 HIS HIS M . n 
A 1 129 THR 129 2280 2280 THR THR M . n 
A 1 130 LYS 130 2281 2281 LYS LYS M . n 
A 1 131 VAL 131 2282 2282 VAL VAL M . n 
A 1 132 PHE 132 2283 2283 PHE PHE M . n 
A 1 133 GLN 133 2284 2284 GLN GLN M . n 
A 1 134 GLY 134 2285 2285 GLY GLY M . n 
A 1 135 ASN 135 2286 2286 ASN ASN M . n 
A 1 136 GLN 136 2287 2287 GLN GLN M . n 
A 1 137 ASP 137 2288 2288 ASP ASP M . n 
A 1 138 SER 138 2289 2289 SER SER M . n 
A 1 139 SER 139 2290 2290 SER SER M . n 
A 1 140 THR 140 2291 2291 THR THR M . n 
A 1 141 PRO 141 2292 2292 PRO PRO M . n 
A 1 142 VAL 142 2293 2293 VAL VAL M . n 
A 1 143 VAL 143 2294 2294 VAL VAL M . n 
A 1 144 ASN 144 2295 2295 ASN ASN M . n 
A 1 145 ALA 145 2296 2296 ALA ALA M . n 
A 1 146 LEU 146 2297 2297 LEU LEU M . n 
A 1 147 ASP 147 2298 2298 ASP ASP M . n 
A 1 148 PRO 148 2299 2299 PRO PRO M . n 
A 1 149 PRO 149 2300 2300 PRO PRO M . n 
A 1 150 LEU 150 2301 2301 LEU LEU M . n 
A 1 151 PHE 151 2302 2302 PHE PHE M . n 
A 1 152 THR 152 2303 2303 THR THR M . n 
A 1 153 ARG 153 2304 2304 ARG ARG M . n 
A 1 154 TYR 154 2305 2305 TYR TYR M . n 
A 1 155 LEU 155 2306 2306 LEU LEU M . n 
A 1 156 ARG 156 2307 2307 ARG ARG M . n 
A 1 157 ILE 157 2308 2308 ILE ILE M . n 
A 1 158 HIS 158 2309 2309 HIS HIS M . n 
A 1 159 PRO 159 2310 2310 PRO PRO M . n 
A 1 160 THR 160 2311 2311 THR THR M . n 
A 1 161 SER 161 2312 2312 SER SER M . n 
A 1 162 TRP 162 2313 2313 TRP TRP M . n 
A 1 163 ALA 163 2314 2314 ALA ALA M . n 
A 1 164 GLN 164 2315 2315 GLN GLN M . n 
A 1 165 HIS 165 2316 2316 HIS HIS M . n 
A 1 166 ILE 166 2317 2317 ILE ILE M . n 
A 1 167 ALA 167 2318 2318 ALA ALA M . n 
A 1 168 LEU 168 2319 2319 LEU LEU M . n 
A 1 169 ARG 169 2320 2320 ARG ARG M . n 
A 1 170 LEU 170 2321 2321 LEU LEU M . n 
A 1 171 GLU 171 2322 2322 GLU GLU M . n 
A 1 172 VAL 172 2323 2323 VAL VAL M . n 
A 1 173 LEU 173 2324 2324 LEU LEU M . n 
A 1 174 GLY 174 2325 2325 GLY GLY M . n 
A 1 175 CYS 175 2326 2326 CYS CYS M . n 
A 1 176 GLU 176 2327 2327 GLU GLU M . n 
A 1 177 ALA 177 2329 2329 ALA ALA M . n 
# 
loop_
_pdbx_nonpoly_scheme.asym_id 
_pdbx_nonpoly_scheme.entity_id 
_pdbx_nonpoly_scheme.mon_id 
_pdbx_nonpoly_scheme.ndb_seq_num 
_pdbx_nonpoly_scheme.pdb_seq_num 
_pdbx_nonpoly_scheme.auth_seq_num 
_pdbx_nonpoly_scheme.pdb_mon_id 
_pdbx_nonpoly_scheme.auth_mon_id 
_pdbx_nonpoly_scheme.pdb_strand_id 
_pdbx_nonpoly_scheme.pdb_ins_code 
B 2 GOL 1   2401 2333 GOL GOL M . 
C 3 HOH 1   2501 1    HOH HOH M . 
C 3 HOH 2   2502 2    HOH HOH M . 
C 3 HOH 3   2503 3    HOH HOH M . 
C 3 HOH 4   2504 4    HOH HOH M . 
C 3 HOH 5   2505 5    HOH HOH M . 
C 3 HOH 6   2506 6    HOH HOH M . 
C 3 HOH 7   2507 7    HOH HOH M . 
C 3 HOH 8   2508 8    HOH HOH M . 
C 3 HOH 9   2509 9    HOH HOH M . 
C 3 HOH 10  2510 10   HOH HOH M . 
C 3 HOH 11  2511 11   HOH HOH M . 
C 3 HOH 12  2512 12   HOH HOH M . 
C 3 HOH 13  2513 13   HOH HOH M . 
C 3 HOH 14  2514 14   HOH HOH M . 
C 3 HOH 15  2515 15   HOH HOH M . 
C 3 HOH 16  2516 16   HOH HOH M . 
C 3 HOH 17  2517 17   HOH HOH M . 
C 3 HOH 18  2518 18   HOH HOH M . 
C 3 HOH 19  2519 19   HOH HOH M . 
C 3 HOH 20  2520 20   HOH HOH M . 
C 3 HOH 21  2521 21   HOH HOH M . 
C 3 HOH 22  2522 22   HOH HOH M . 
C 3 HOH 23  2523 23   HOH HOH M . 
C 3 HOH 24  2524 24   HOH HOH M . 
C 3 HOH 25  2525 25   HOH HOH M . 
C 3 HOH 26  2526 26   HOH HOH M . 
C 3 HOH 27  2527 27   HOH HOH M . 
C 3 HOH 28  2528 28   HOH HOH M . 
C 3 HOH 29  2529 29   HOH HOH M . 
C 3 HOH 30  2530 30   HOH HOH M . 
C 3 HOH 31  2531 31   HOH HOH M . 
C 3 HOH 32  2532 32   HOH HOH M . 
C 3 HOH 33  2533 33   HOH HOH M . 
C 3 HOH 34  2534 34   HOH HOH M . 
C 3 HOH 35  2535 35   HOH HOH M . 
C 3 HOH 36  2536 36   HOH HOH M . 
C 3 HOH 37  2537 37   HOH HOH M . 
C 3 HOH 38  2538 38   HOH HOH M . 
C 3 HOH 39  2539 39   HOH HOH M . 
C 3 HOH 40  2540 40   HOH HOH M . 
C 3 HOH 41  2541 41   HOH HOH M . 
C 3 HOH 42  2542 42   HOH HOH M . 
C 3 HOH 43  2543 43   HOH HOH M . 
C 3 HOH 44  2544 44   HOH HOH M . 
C 3 HOH 45  2545 45   HOH HOH M . 
C 3 HOH 46  2546 46   HOH HOH M . 
C 3 HOH 47  2547 47   HOH HOH M . 
C 3 HOH 48  2548 48   HOH HOH M . 
C 3 HOH 49  2549 49   HOH HOH M . 
C 3 HOH 50  2550 50   HOH HOH M . 
C 3 HOH 51  2551 51   HOH HOH M . 
C 3 HOH 52  2552 52   HOH HOH M . 
C 3 HOH 53  2553 53   HOH HOH M . 
C 3 HOH 54  2554 54   HOH HOH M . 
C 3 HOH 55  2555 55   HOH HOH M . 
C 3 HOH 56  2556 56   HOH HOH M . 
C 3 HOH 57  2557 57   HOH HOH M . 
C 3 HOH 58  2558 58   HOH HOH M . 
C 3 HOH 59  2559 59   HOH HOH M . 
C 3 HOH 60  2560 60   HOH HOH M . 
C 3 HOH 61  2561 61   HOH HOH M . 
C 3 HOH 62  2562 62   HOH HOH M . 
C 3 HOH 63  2563 63   HOH HOH M . 
C 3 HOH 64  2564 64   HOH HOH M . 
C 3 HOH 65  2565 65   HOH HOH M . 
C 3 HOH 66  2566 66   HOH HOH M . 
C 3 HOH 67  2567 67   HOH HOH M . 
C 3 HOH 68  2568 68   HOH HOH M . 
C 3 HOH 69  2569 69   HOH HOH M . 
C 3 HOH 70  2570 70   HOH HOH M . 
C 3 HOH 71  2571 71   HOH HOH M . 
C 3 HOH 72  2572 72   HOH HOH M . 
C 3 HOH 73  2573 73   HOH HOH M . 
C 3 HOH 74  2574 74   HOH HOH M . 
C 3 HOH 75  2575 75   HOH HOH M . 
C 3 HOH 76  2576 76   HOH HOH M . 
C 3 HOH 77  2577 77   HOH HOH M . 
C 3 HOH 78  2578 78   HOH HOH M . 
C 3 HOH 79  2579 79   HOH HOH M . 
C 3 HOH 80  2580 80   HOH HOH M . 
C 3 HOH 81  2581 81   HOH HOH M . 
C 3 HOH 82  2582 82   HOH HOH M . 
C 3 HOH 83  2583 83   HOH HOH M . 
C 3 HOH 84  2584 84   HOH HOH M . 
C 3 HOH 85  2585 85   HOH HOH M . 
C 3 HOH 86  2586 86   HOH HOH M . 
C 3 HOH 87  2587 87   HOH HOH M . 
C 3 HOH 88  2588 88   HOH HOH M . 
C 3 HOH 89  2589 89   HOH HOH M . 
C 3 HOH 90  2590 90   HOH HOH M . 
C 3 HOH 91  2591 91   HOH HOH M . 
C 3 HOH 92  2592 92   HOH HOH M . 
C 3 HOH 93  2593 93   HOH HOH M . 
C 3 HOH 94  2594 94   HOH HOH M . 
C 3 HOH 95  2595 95   HOH HOH M . 
C 3 HOH 96  2596 96   HOH HOH M . 
C 3 HOH 97  2597 97   HOH HOH M . 
C 3 HOH 98  2598 98   HOH HOH M . 
C 3 HOH 99  2599 99   HOH HOH M . 
C 3 HOH 100 2600 100  HOH HOH M . 
C 3 HOH 101 2601 102  HOH HOH M . 
C 3 HOH 102 2602 103  HOH HOH M . 
C 3 HOH 103 2603 104  HOH HOH M . 
C 3 HOH 104 2604 105  HOH HOH M . 
C 3 HOH 105 2605 106  HOH HOH M . 
C 3 HOH 106 2606 107  HOH HOH M . 
C 3 HOH 107 2607 108  HOH HOH M . 
C 3 HOH 108 2608 109  HOH HOH M . 
C 3 HOH 109 2609 110  HOH HOH M . 
C 3 HOH 110 2610 111  HOH HOH M . 
C 3 HOH 111 2611 112  HOH HOH M . 
C 3 HOH 112 2612 113  HOH HOH M . 
C 3 HOH 113 2613 114  HOH HOH M . 
C 3 HOH 114 2614 115  HOH HOH M . 
C 3 HOH 115 2615 116  HOH HOH M . 
C 3 HOH 116 2616 117  HOH HOH M . 
C 3 HOH 117 2617 118  HOH HOH M . 
C 3 HOH 118 2618 119  HOH HOH M . 
C 3 HOH 119 2619 120  HOH HOH M . 
C 3 HOH 120 2620 121  HOH HOH M . 
C 3 HOH 121 2621 122  HOH HOH M . 
C 3 HOH 122 2622 123  HOH HOH M . 
C 3 HOH 123 2623 124  HOH HOH M . 
C 3 HOH 124 2624 125  HOH HOH M . 
C 3 HOH 125 2625 126  HOH HOH M . 
C 3 HOH 126 2626 127  HOH HOH M . 
C 3 HOH 127 2627 128  HOH HOH M . 
C 3 HOH 128 2628 129  HOH HOH M . 
C 3 HOH 129 2629 130  HOH HOH M . 
C 3 HOH 130 2630 131  HOH HOH M . 
C 3 HOH 131 2631 132  HOH HOH M . 
C 3 HOH 132 2632 133  HOH HOH M . 
C 3 HOH 133 2633 134  HOH HOH M . 
C 3 HOH 134 2634 135  HOH HOH M . 
C 3 HOH 135 2635 136  HOH HOH M . 
C 3 HOH 136 2636 137  HOH HOH M . 
C 3 HOH 137 2637 138  HOH HOH M . 
C 3 HOH 138 2638 139  HOH HOH M . 
C 3 HOH 139 2639 140  HOH HOH M . 
C 3 HOH 140 2640 141  HOH HOH M . 
C 3 HOH 141 2641 142  HOH HOH M . 
C 3 HOH 142 2642 143  HOH HOH M . 
C 3 HOH 143 2643 144  HOH HOH M . 
C 3 HOH 144 2644 145  HOH HOH M . 
C 3 HOH 145 2645 146  HOH HOH M . 
C 3 HOH 146 2646 147  HOH HOH M . 
C 3 HOH 147 2647 148  HOH HOH M . 
C 3 HOH 148 2648 149  HOH HOH M . 
C 3 HOH 149 2649 150  HOH HOH M . 
C 3 HOH 150 2650 151  HOH HOH M . 
C 3 HOH 151 2651 153  HOH HOH M . 
C 3 HOH 152 2652 154  HOH HOH M . 
C 3 HOH 153 2653 155  HOH HOH M . 
C 3 HOH 154 2654 156  HOH HOH M . 
C 3 HOH 155 2655 157  HOH HOH M . 
C 3 HOH 156 2656 158  HOH HOH M . 
C 3 HOH 157 2657 159  HOH HOH M . 
C 3 HOH 158 2658 160  HOH HOH M . 
C 3 HOH 159 2659 161  HOH HOH M . 
C 3 HOH 160 2660 164  HOH HOH M . 
C 3 HOH 161 2661 165  HOH HOH M . 
C 3 HOH 162 2662 166  HOH HOH M . 
C 3 HOH 163 2663 167  HOH HOH M . 
C 3 HOH 164 2664 168  HOH HOH M . 
C 3 HOH 165 2665 169  HOH HOH M . 
C 3 HOH 166 2666 171  HOH HOH M . 
C 3 HOH 167 2667 172  HOH HOH M . 
C 3 HOH 168 2668 173  HOH HOH M . 
C 3 HOH 169 2669 174  HOH HOH M . 
C 3 HOH 170 2670 177  HOH HOH M . 
C 3 HOH 171 2671 178  HOH HOH M . 
C 3 HOH 172 2672 179  HOH HOH M . 
C 3 HOH 173 2673 180  HOH HOH M . 
C 3 HOH 174 2674 181  HOH HOH M . 
C 3 HOH 175 2675 182  HOH HOH M . 
C 3 HOH 176 2676 183  HOH HOH M . 
C 3 HOH 177 2677 184  HOH HOH M . 
C 3 HOH 178 2678 186  HOH HOH M . 
C 3 HOH 179 2679 187  HOH HOH M . 
# 
loop_
_software.name 
_software.classification 
_software.version 
_software.citation_id 
_software.pdbx_ordinal 
CrystalClear 'data collection' .                             ? 1 
Coot         'model building'  .                             ? 2 
PHENIX       refinement        '(phenix.refine: 1.8.2_1309)' ? 3 
MOSFLM       'data reduction'  .                             ? 4 
SCALA        'data scaling'    .                             ? 5 
# 
_cell.entry_id           4MO3 
_cell.length_a           49.070 
_cell.length_b           68.940 
_cell.length_c           105.960 
_cell.angle_alpha        90.00 
_cell.angle_beta         90.00 
_cell.angle_gamma        90.00 
_cell.Z_PDB              8 
_cell.pdbx_unique_axis   ? 
_cell.length_a_esd       ? 
_cell.length_b_esd       ? 
_cell.length_c_esd       ? 
_cell.angle_alpha_esd    ? 
_cell.angle_beta_esd     ? 
_cell.angle_gamma_esd    ? 
# 
_symmetry.entry_id                         4MO3 
_symmetry.space_group_name_H-M             'I 2 2 2' 
_symmetry.pdbx_full_space_group_name_H-M   ? 
_symmetry.cell_setting                     ? 
_symmetry.Int_Tables_number                23 
_symmetry.space_group_name_Hall            ? 
# 
_exptl.entry_id          4MO3 
_exptl.method            'X-RAY DIFFRACTION' 
_exptl.crystals_number   1 
# 
_exptl_crystal.id                    1 
_exptl_crystal.density_meas          ? 
_exptl_crystal.density_Matthews      2.25 
_exptl_crystal.density_percent_sol   45.36 
_exptl_crystal.description           ? 
_exptl_crystal.F_000                 ? 
_exptl_crystal.preparation           ? 
# 
_exptl_crystal_grow.crystal_id      1 
_exptl_crystal_grow.method          'VAPOR DIFFUSION, HANGING DROP' 
_exptl_crystal_grow.temp            277 
_exptl_crystal_grow.temp_details    ? 
_exptl_crystal_grow.pH              10.4 
_exptl_crystal_grow.pdbx_details    
;2:1 crystallization buffer (0.1 M magnesium acetate, 10% ethanol) to protein, crystals formed overnight with 0.1 M CHES buffer and 220 uL Hampton Research Al's oil over 400 uL reservoir, pH 10.4, VAPOR DIFFUSION, HANGING DROP, temperature 277K
;
_exptl_crystal_grow.pdbx_pH_range   ? 
# 
_diffrn.id                     1 
_diffrn.ambient_temp           98 
_diffrn.ambient_temp_details   ? 
_diffrn.crystal_id             1 
# 
_diffrn_detector.diffrn_id              1 
_diffrn_detector.detector               'IMAGE PLATE' 
_diffrn_detector.type                   'RIGAKU RAXIS IV++' 
_diffrn_detector.pdbx_collection_date   2013-05-02 
_diffrn_detector.details                'Confocal VarimaxHR' 
# 
_diffrn_radiation.diffrn_id                        1 
_diffrn_radiation.wavelength_id                    1 
_diffrn_radiation.pdbx_monochromatic_or_laue_m_l   M 
_diffrn_radiation.monochromator                    VarimaxHR 
_diffrn_radiation.pdbx_diffrn_protocol             'SINGLE WAVELENGTH' 
_diffrn_radiation.pdbx_scattering_type             x-ray 
# 
_diffrn_radiation_wavelength.id           1 
_diffrn_radiation_wavelength.wavelength   1.5418 
_diffrn_radiation_wavelength.wt           1.0 
# 
_diffrn_source.diffrn_id                   1 
_diffrn_source.source                      'ROTATING ANODE' 
_diffrn_source.type                        'RIGAKU MICROMAX-007 HF' 
_diffrn_source.pdbx_synchrotron_site       ? 
_diffrn_source.pdbx_synchrotron_beamline   ? 
_diffrn_source.pdbx_wavelength             ? 
_diffrn_source.pdbx_wavelength_list        1.5418 
# 
_reflns.entry_id                     4MO3 
_reflns.observed_criterion_sigma_I   0 
_reflns.observed_criterion_sigma_F   0 
_reflns.d_resolution_low             31.912 
_reflns.d_resolution_high            1.7 
_reflns.number_obs                   19595 
_reflns.number_all                   19595 
_reflns.percent_possible_obs         97.42 
_reflns.pdbx_Rmerge_I_obs            0.06 
_reflns.pdbx_Rsym_value              ? 
_reflns.pdbx_netI_over_sigmaI        19.8 
_reflns.B_iso_Wilson_estimate        ? 
_reflns.pdbx_redundancy              7.1 
_reflns.R_free_details               ? 
_reflns.limit_h_max                  ? 
_reflns.limit_h_min                  ? 
_reflns.limit_k_max                  ? 
_reflns.limit_k_min                  ? 
_reflns.limit_l_max                  ? 
_reflns.limit_l_min                  ? 
_reflns.observed_criterion_F_max     ? 
_reflns.observed_criterion_F_min     ? 
_reflns.pdbx_chi_squared             ? 
_reflns.pdbx_scaling_rejects         ? 
_reflns.pdbx_ordinal                 1 
_reflns.pdbx_diffrn_id               1 
# 
_reflns_shell.d_res_high             1.70 
_reflns_shell.d_res_low              ? 
_reflns_shell.percent_possible_all   ? 
_reflns_shell.Rmerge_I_obs           ? 
_reflns_shell.pdbx_Rsym_value        ? 
_reflns_shell.meanI_over_sigI_obs    ? 
_reflns_shell.pdbx_redundancy        ? 
_reflns_shell.percent_possible_obs   ? 
_reflns_shell.number_unique_all      ? 
_reflns_shell.number_measured_all    ? 
_reflns_shell.number_measured_obs    ? 
_reflns_shell.number_unique_obs      ? 
_reflns_shell.pdbx_chi_squared       ? 
_reflns_shell.pdbx_ordinal           1 
_reflns_shell.pdbx_diffrn_id         1 
# 
_refine.entry_id                                 4MO3 
_refine.ls_number_reflns_obs                     19595 
_refine.ls_number_reflns_all                     19595 
_refine.pdbx_ls_sigma_I                          ? 
_refine.pdbx_ls_sigma_F                          1.39 
_refine.pdbx_data_cutoff_high_absF               ? 
_refine.pdbx_data_cutoff_low_absF                ? 
_refine.pdbx_data_cutoff_high_rms_absF           ? 
_refine.ls_d_res_low                             31.912 
_refine.ls_d_res_high                            1.702 
_refine.ls_percent_reflns_obs                    97.42 
_refine.ls_R_factor_obs                          0.1786 
_refine.ls_R_factor_all                          ? 
_refine.ls_R_factor_R_work                       0.1752 
_refine.ls_R_factor_R_free                       0.2093 
_refine.ls_R_factor_R_free_error                 ? 
_refine.ls_R_factor_R_free_error_details         ? 
_refine.ls_percent_reflns_R_free                 10.00 
_refine.ls_number_reflns_R_free                  1960 
_refine.ls_number_parameters                     ? 
_refine.ls_number_restraints                     ? 
_refine.occupancy_min                            ? 
_refine.occupancy_max                            ? 
_refine.correlation_coeff_Fo_to_Fc               ? 
_refine.correlation_coeff_Fo_to_Fc_free          ? 
_refine.B_iso_mean                               ? 
_refine.aniso_B[1][1]                            ? 
_refine.aniso_B[2][2]                            ? 
_refine.aniso_B[3][3]                            ? 
_refine.aniso_B[1][2]                            ? 
_refine.aniso_B[1][3]                            ? 
_refine.aniso_B[2][3]                            ? 
_refine.solvent_model_details                    'FLAT BULK SOLVENT MODEL' 
_refine.solvent_model_param_ksol                 ? 
_refine.solvent_model_param_bsol                 ? 
_refine.pdbx_solvent_vdw_probe_radii             1.11 
_refine.pdbx_solvent_ion_probe_radii             ? 
_refine.pdbx_solvent_shrinkage_radii             0.90 
_refine.pdbx_ls_cross_valid_method               ? 
_refine.details                                  ? 
_refine.pdbx_starting_model                      'PDB ENTRY 1D7P' 
_refine.pdbx_method_to_determine_struct          'MOLECULAR REPLACEMENT' 
_refine.pdbx_isotropic_thermal_model             ? 
_refine.pdbx_stereochemistry_target_values       ML 
_refine.pdbx_stereochem_target_val_spec_case     ? 
_refine.pdbx_R_Free_selection_details            RANDOM 
_refine.pdbx_overall_ESU_R                       ? 
_refine.pdbx_overall_ESU_R_Free                  ? 
_refine.overall_SU_ML                            0.15 
_refine.pdbx_overall_phase_error                 19.77 
_refine.overall_SU_B                             ? 
_refine.overall_SU_R_Cruickshank_DPI             ? 
_refine.ls_redundancy_reflns_obs                 ? 
_refine.B_iso_min                                ? 
_refine.B_iso_max                                ? 
_refine.overall_SU_R_free                        ? 
_refine.ls_wR_factor_R_free                      ? 
_refine.ls_wR_factor_R_work                      ? 
_refine.overall_FOM_free_R_set                   ? 
_refine.overall_FOM_work_R_set                   ? 
_refine.pdbx_diffrn_id                           1 
_refine.pdbx_refine_id                           'X-RAY DIFFRACTION' 
_refine.pdbx_TLS_residual_ADP_flag               ? 
_refine.pdbx_overall_SU_R_free_Cruickshank_DPI   ? 
_refine.pdbx_overall_SU_R_Blow_DPI               ? 
_refine.pdbx_overall_SU_R_free_Blow_DPI          ? 
# 
_refine_hist.pdbx_refine_id                   'X-RAY DIFFRACTION' 
_refine_hist.cycle_id                         LAST 
_refine_hist.pdbx_number_atoms_protein        1225 
_refine_hist.pdbx_number_atoms_nucleic_acid   0 
_refine_hist.pdbx_number_atoms_ligand         6 
_refine_hist.number_atoms_solvent             179 
_refine_hist.number_atoms_total               1410 
_refine_hist.d_res_high                       1.702 
_refine_hist.d_res_low                        31.912 
# 
loop_
_refine_ls_restr.type 
_refine_ls_restr.dev_ideal 
_refine_ls_restr.dev_ideal_target 
_refine_ls_restr.weight 
_refine_ls_restr.number 
_refine_ls_restr.pdbx_restraint_function 
_refine_ls_restr.pdbx_refine_id 
f_bond_d           0.006  ? ? 1297 ? 'X-RAY DIFFRACTION' 
f_angle_d          1.218  ? ? 1769 ? 'X-RAY DIFFRACTION' 
f_dihedral_angle_d 13.786 ? ? 481  ? 'X-RAY DIFFRACTION' 
f_chiral_restr     0.088  ? ? 203  ? 'X-RAY DIFFRACTION' 
f_plane_restr      0.004  ? ? 224  ? 'X-RAY DIFFRACTION' 
# 
loop_
_refine_ls_shell.pdbx_total_number_of_bins_used 
_refine_ls_shell.d_res_high 
_refine_ls_shell.d_res_low 
_refine_ls_shell.number_reflns_R_work 
_refine_ls_shell.R_factor_R_work 
_refine_ls_shell.percent_reflns_obs 
_refine_ls_shell.R_factor_R_free 
_refine_ls_shell.R_factor_R_free_error 
_refine_ls_shell.percent_reflns_R_free 
_refine_ls_shell.number_reflns_R_free 
_refine_ls_shell.number_reflns_all 
_refine_ls_shell.R_factor_all 
_refine_ls_shell.number_reflns_obs 
_refine_ls_shell.redundancy_reflns_obs 
_refine_ls_shell.pdbx_refine_id 
. 1.7020 1.7446  1188 0.1926 95.0  0.2697 . . 133 . . . . 'X-RAY DIFFRACTION' 
. 1.7446 1.7917  1221 0.1663 95.0  0.2164 . . 135 . . . . 'X-RAY DIFFRACTION' 
. 1.7917 1.8444  1208 0.1584 96.0  0.2253 . . 134 . . . . 'X-RAY DIFFRACTION' 
. 1.8444 1.9040  1231 0.1619 96.0  0.2350 . . 137 . . . . 'X-RAY DIFFRACTION' 
. 1.9040 1.9720  1238 0.1726 96.0  0.2111 . . 137 . . . . 'X-RAY DIFFRACTION' 
. 1.9720 2.0510  1249 0.1613 97.0  0.1876 . . 139 . . . . 'X-RAY DIFFRACTION' 
. 2.0510 2.1443  1225 0.1514 97.0  0.1940 . . 136 . . . . 'X-RAY DIFFRACTION' 
. 2.1443 2.2573  1277 0.1559 98.0  0.1788 . . 142 . . . . 'X-RAY DIFFRACTION' 
. 2.2573 2.3987  1233 0.1630 98.0  0.2057 . . 137 . . . . 'X-RAY DIFFRACTION' 
. 2.3987 2.5838  1280 0.1790 98.0  0.2103 . . 142 . . . . 'X-RAY DIFFRACTION' 
. 2.5838 2.8437  1286 0.1858 99.0  0.1895 . . 143 . . . . 'X-RAY DIFFRACTION' 
. 2.8437 3.2548  1297 0.1767 99.0  0.2282 . . 145 . . . . 'X-RAY DIFFRACTION' 
. 3.2548 4.0994  1309 0.1741 99.0  0.2087 . . 145 . . . . 'X-RAY DIFFRACTION' 
. 4.0994 31.9172 1393 0.1942 100.0 0.2134 . . 155 . . . . 'X-RAY DIFFRACTION' 
# 
_struct.entry_id                  4MO3 
_struct.title                     'Crystal Structure of Porcine C2 Domain of Blood Coagulation Factor VIII' 
_struct.pdbx_model_details        ? 
_struct.pdbx_CASP_flag            ? 
_struct.pdbx_model_type_details   ? 
# 
_struct_keywords.entry_id        4MO3 
_struct_keywords.pdbx_keywords   'BLOOD CLOTTING' 
_struct_keywords.text            'Blood coagulation domain, BLOOD CLOTTING' 
# 
loop_
_struct_asym.id 
_struct_asym.pdbx_blank_PDB_chainid_flag 
_struct_asym.pdbx_modified 
_struct_asym.entity_id 
_struct_asym.details 
A N N 1 ? 
B N N 2 ? 
C N N 3 ? 
# 
_struct_ref.id                         1 
_struct_ref.db_name                    UNP 
_struct_ref.db_code                    FA8_PIG 
_struct_ref.pdbx_db_accession          P12263 
_struct_ref.entity_id                  1 
_struct_ref.pdbx_seq_one_letter_code   
;DLNSCSMPLGMQNKAISDSQITASSHLSNIFATWSPSQARLHLQGRTNAWRPRVSSAEEWLQVDLQKTVKVTGITTQGVK
SLLSSMYVKEFLVSSSQDGRRWTLFLQDGHTKVFQGNQDSSTPVVNALDPPLFTRYLRIHPTSWAQHIALRLEVLGCEA
;
_struct_ref.pdbx_align_begin           1971 
_struct_ref.pdbx_db_isoform            ? 
# 
_struct_ref_seq.align_id                      1 
_struct_ref_seq.ref_id                        1 
_struct_ref_seq.pdbx_PDB_id_code              4MO3 
_struct_ref_seq.pdbx_strand_id                M 
_struct_ref_seq.seq_align_beg                 19 
_struct_ref_seq.pdbx_seq_align_beg_ins_code   ? 
_struct_ref_seq.seq_align_end                 177 
_struct_ref_seq.pdbx_seq_align_end_ins_code   ? 
_struct_ref_seq.pdbx_db_accession             P12263 
_struct_ref_seq.db_align_beg                  1971 
_struct_ref_seq.pdbx_db_align_beg_ins_code    ? 
_struct_ref_seq.db_align_end                  2129 
_struct_ref_seq.pdbx_db_align_end_ins_code    ? 
_struct_ref_seq.pdbx_auth_seq_align_beg       2170 
_struct_ref_seq.pdbx_auth_seq_align_end       2329 
# 
loop_
_struct_ref_seq_dif.align_id 
_struct_ref_seq_dif.pdbx_pdb_id_code 
_struct_ref_seq_dif.mon_id 
_struct_ref_seq_dif.pdbx_pdb_strand_id 
_struct_ref_seq_dif.seq_num 
_struct_ref_seq_dif.pdbx_pdb_ins_code 
_struct_ref_seq_dif.pdbx_seq_db_name 
_struct_ref_seq_dif.pdbx_seq_db_accession_code 
_struct_ref_seq_dif.db_mon_id 
_struct_ref_seq_dif.pdbx_seq_db_seq_num 
_struct_ref_seq_dif.details 
_struct_ref_seq_dif.pdbx_auth_seq_num 
_struct_ref_seq_dif.pdbx_ordinal 
1 4MO3 MET M 1  ? UNP P12263 ? ? 'expression tag' 2152 1  
1 4MO3 GLY M 2  ? UNP P12263 ? ? 'expression tag' 2153 2  
1 4MO3 SER M 3  ? UNP P12263 ? ? 'expression tag' 2154 3  
1 4MO3 SER M 4  ? UNP P12263 ? ? 'expression tag' 2155 4  
1 4MO3 HIS M 5  ? UNP P12263 ? ? 'expression tag' 2156 5  
1 4MO3 HIS M 6  ? UNP P12263 ? ? 'expression tag' 2157 6  
1 4MO3 HIS M 7  ? UNP P12263 ? ? 'expression tag' 2158 7  
1 4MO3 HIS M 8  ? UNP P12263 ? ? 'expression tag' 2159 8  
1 4MO3 HIS M 9  ? UNP P12263 ? ? 'expression tag' 2160 9  
1 4MO3 HIS M 10 ? UNP P12263 ? ? 'expression tag' 2161 10 
1 4MO3 GLU M 11 ? UNP P12263 ? ? 'expression tag' 2162 11 
1 4MO3 ASN M 12 ? UNP P12263 ? ? 'expression tag' 2163 12 
1 4MO3 LEU M 13 ? UNP P12263 ? ? 'expression tag' 2164 13 
1 4MO3 TYR M 14 ? UNP P12263 ? ? 'expression tag' 2165 14 
1 4MO3 PHE M 15 ? UNP P12263 ? ? 'expression tag' 2166 15 
1 4MO3 GLN M 16 ? UNP P12263 ? ? 'expression tag' 2167 16 
1 4MO3 GLY M 17 ? UNP P12263 ? ? 'expression tag' 2168 17 
1 4MO3 SER M 18 ? UNP P12263 ? ? 'expression tag' 2169 18 
# 
_pdbx_struct_assembly.id                   1 
_pdbx_struct_assembly.details              author_and_software_defined_assembly 
_pdbx_struct_assembly.method_details       PISA 
_pdbx_struct_assembly.oligomeric_details   monomeric 
_pdbx_struct_assembly.oligomeric_count     1 
# 
_pdbx_struct_assembly_gen.assembly_id       1 
_pdbx_struct_assembly_gen.oper_expression   1 
_pdbx_struct_assembly_gen.asym_id_list      A,B,C 
# 
_pdbx_struct_oper_list.id                   1 
_pdbx_struct_oper_list.type                 'identity operation' 
_pdbx_struct_oper_list.name                 1_555 
_pdbx_struct_oper_list.symmetry_operation   x,y,z 
_pdbx_struct_oper_list.matrix[1][1]         1.0000000000 
_pdbx_struct_oper_list.matrix[1][2]         0.0000000000 
_pdbx_struct_oper_list.matrix[1][3]         0.0000000000 
_pdbx_struct_oper_list.vector[1]            0.0000000000 
_pdbx_struct_oper_list.matrix[2][1]         0.0000000000 
_pdbx_struct_oper_list.matrix[2][2]         1.0000000000 
_pdbx_struct_oper_list.matrix[2][3]         0.0000000000 
_pdbx_struct_oper_list.vector[2]            0.0000000000 
_pdbx_struct_oper_list.matrix[3][1]         0.0000000000 
_pdbx_struct_oper_list.matrix[3][2]         0.0000000000 
_pdbx_struct_oper_list.matrix[3][3]         1.0000000000 
_pdbx_struct_oper_list.vector[3]            0.0000000000 
# 
_struct_biol.id        1 
_struct_biol.details   ? 
# 
loop_
_struct_conf.conf_type_id 
_struct_conf.id 
_struct_conf.pdbx_PDB_helix_id 
_struct_conf.beg_label_comp_id 
_struct_conf.beg_label_asym_id 
_struct_conf.beg_label_seq_id 
_struct_conf.pdbx_beg_PDB_ins_code 
_struct_conf.end_label_comp_id 
_struct_conf.end_label_asym_id 
_struct_conf.end_label_seq_id 
_struct_conf.pdbx_end_PDB_ins_code 
_struct_conf.beg_auth_comp_id 
_struct_conf.beg_auth_asym_id 
_struct_conf.beg_auth_seq_id 
_struct_conf.end_auth_comp_id 
_struct_conf.end_auth_asym_id 
_struct_conf.end_auth_seq_id 
_struct_conf.pdbx_PDB_helix_class 
_struct_conf.details 
_struct_conf.pdbx_PDB_helix_length 
HELX_P HELX_P1 1 SER A 35 ? SER A 37 ? SER M 2186 SER M 2188 5 ? 3 
HELX_P HELX_P2 2 SER A 53 ? ALA A 57 ? SER M 2204 ALA M 2208 5 ? 5 
# 
_struct_conf_type.id          HELX_P 
_struct_conf_type.criteria    ? 
_struct_conf_type.reference   ? 
# 
_struct_conn.id                            disulf1 
_struct_conn.conn_type_id                  disulf 
_struct_conn.pdbx_leaving_atom_flag        ? 
_struct_conn.pdbx_PDB_id                   ? 
_struct_conn.ptnr1_label_asym_id           A 
_struct_conn.ptnr1_label_comp_id           CYS 
_struct_conn.ptnr1_label_seq_id            23 
_struct_conn.ptnr1_label_atom_id           SG 
_struct_conn.pdbx_ptnr1_label_alt_id       ? 
_struct_conn.pdbx_ptnr1_PDB_ins_code       ? 
_struct_conn.pdbx_ptnr1_standard_comp_id   ? 
_struct_conn.ptnr1_symmetry                1_555 
_struct_conn.ptnr2_label_asym_id           A 
_struct_conn.ptnr2_label_comp_id           CYS 
_struct_conn.ptnr2_label_seq_id            175 
_struct_conn.ptnr2_label_atom_id           SG 
_struct_conn.pdbx_ptnr2_label_alt_id       ? 
_struct_conn.pdbx_ptnr2_PDB_ins_code       ? 
_struct_conn.ptnr1_auth_asym_id            M 
_struct_conn.ptnr1_auth_comp_id            CYS 
_struct_conn.ptnr1_auth_seq_id             2174 
_struct_conn.ptnr2_auth_asym_id            M 
_struct_conn.ptnr2_auth_comp_id            CYS 
_struct_conn.ptnr2_auth_seq_id             2326 
_struct_conn.ptnr2_symmetry                1_555 
_struct_conn.pdbx_ptnr3_label_atom_id      ? 
_struct_conn.pdbx_ptnr3_label_seq_id       ? 
_struct_conn.pdbx_ptnr3_label_comp_id      ? 
_struct_conn.pdbx_ptnr3_label_asym_id      ? 
_struct_conn.pdbx_ptnr3_label_alt_id       ? 
_struct_conn.pdbx_ptnr3_PDB_ins_code       ? 
_struct_conn.details                       ? 
_struct_conn.pdbx_dist_value               2.025 
_struct_conn.pdbx_value_order              ? 
_struct_conn.pdbx_role                     ? 
# 
_struct_conn_type.id          disulf 
_struct_conn_type.criteria    ? 
_struct_conn_type.reference   ? 
# 
_pdbx_modification_feature.ordinal                            1 
_pdbx_modification_feature.label_comp_id                      CYS 
_pdbx_modification_feature.label_asym_id                      A 
_pdbx_modification_feature.label_seq_id                       23 
_pdbx_modification_feature.label_alt_id                       ? 
_pdbx_modification_feature.modified_residue_label_comp_id     CYS 
_pdbx_modification_feature.modified_residue_label_asym_id     A 
_pdbx_modification_feature.modified_residue_label_seq_id      175 
_pdbx_modification_feature.modified_residue_label_alt_id      ? 
_pdbx_modification_feature.auth_comp_id                       CYS 
_pdbx_modification_feature.auth_asym_id                       M 
_pdbx_modification_feature.auth_seq_id                        2174 
_pdbx_modification_feature.PDB_ins_code                       ? 
_pdbx_modification_feature.symmetry                           1_555 
_pdbx_modification_feature.modified_residue_auth_comp_id      CYS 
_pdbx_modification_feature.modified_residue_auth_asym_id      M 
_pdbx_modification_feature.modified_residue_auth_seq_id       2326 
_pdbx_modification_feature.modified_residue_PDB_ins_code      ? 
_pdbx_modification_feature.modified_residue_symmetry          1_555 
_pdbx_modification_feature.comp_id_linking_atom               SG 
_pdbx_modification_feature.modified_residue_id_linking_atom   SG 
_pdbx_modification_feature.modified_residue_id                . 
_pdbx_modification_feature.ref_pcm_id                         . 
_pdbx_modification_feature.ref_comp_id                        . 
_pdbx_modification_feature.type                               None 
_pdbx_modification_feature.category                           'Disulfide bridge' 
# 
_struct_mon_prot_cis.pdbx_id                1 
_struct_mon_prot_cis.label_comp_id          ASP 
_struct_mon_prot_cis.label_seq_id           147 
_struct_mon_prot_cis.label_asym_id          A 
_struct_mon_prot_cis.label_alt_id           . 
_struct_mon_prot_cis.pdbx_PDB_ins_code      ? 
_struct_mon_prot_cis.auth_comp_id           ASP 
_struct_mon_prot_cis.auth_seq_id            2298 
_struct_mon_prot_cis.auth_asym_id           M 
_struct_mon_prot_cis.pdbx_label_comp_id_2   PRO 
_struct_mon_prot_cis.pdbx_label_seq_id_2    148 
_struct_mon_prot_cis.pdbx_label_asym_id_2   A 
_struct_mon_prot_cis.pdbx_PDB_ins_code_2    ? 
_struct_mon_prot_cis.pdbx_auth_comp_id_2    PRO 
_struct_mon_prot_cis.pdbx_auth_seq_id_2     2299 
_struct_mon_prot_cis.pdbx_auth_asym_id_2    M 
_struct_mon_prot_cis.pdbx_PDB_model_num     1 
_struct_mon_prot_cis.pdbx_omega_angle       2.37 
# 
loop_
_struct_sheet.id 
_struct_sheet.type 
_struct_sheet.number_strands 
_struct_sheet.details 
A ? 4 ? 
B ? 3 ? 
C ? 3 ? 
D ? 3 ? 
E ? 5 ? 
F ? 4 ? 
G ? 2 ? 
# 
loop_
_struct_sheet_order.sheet_id 
_struct_sheet_order.range_id_1 
_struct_sheet_order.range_id_2 
_struct_sheet_order.offset 
_struct_sheet_order.sense 
A 1 2 ? anti-parallel 
A 2 3 ? anti-parallel 
A 3 4 ? anti-parallel 
B 1 2 ? anti-parallel 
B 2 3 ? anti-parallel 
C 1 2 ? anti-parallel 
C 2 3 ? anti-parallel 
D 1 2 ? anti-parallel 
D 2 3 ? anti-parallel 
E 1 2 ? anti-parallel 
E 2 3 ? anti-parallel 
E 3 4 ? anti-parallel 
E 4 5 ? anti-parallel 
F 1 2 ? anti-parallel 
F 2 3 ? anti-parallel 
F 3 4 ? anti-parallel 
G 1 2 ? anti-parallel 
# 
loop_
_struct_sheet_range.sheet_id 
_struct_sheet_range.id 
_struct_sheet_range.beg_label_comp_id 
_struct_sheet_range.beg_label_asym_id 
_struct_sheet_range.beg_label_seq_id 
_struct_sheet_range.pdbx_beg_PDB_ins_code 
_struct_sheet_range.end_label_comp_id 
_struct_sheet_range.end_label_asym_id 
_struct_sheet_range.end_label_seq_id 
_struct_sheet_range.pdbx_end_PDB_ins_code 
_struct_sheet_range.beg_auth_comp_id 
_struct_sheet_range.beg_auth_asym_id 
_struct_sheet_range.beg_auth_seq_id 
_struct_sheet_range.end_auth_comp_id 
_struct_sheet_range.end_auth_asym_id 
_struct_sheet_range.end_auth_seq_id 
A 1 MET A 25  ? PRO A 26  ? MET M 2176 PRO M 2177 
A 2 ARG A 169 ? CYS A 175 ? ARG M 2320 CYS M 2326 
A 3 LEU A 79  ? GLN A 95  ? LEU M 2230 GLN M 2246 
A 4 VAL A 142 ? ALA A 163 ? VAL M 2293 ALA M 2314 
B 1 VAL A 142 ? ALA A 163 ? VAL M 2293 ALA M 2314 
B 2 SER A 102 ? SER A 114 ? SER M 2253 SER M 2265 
B 3 VAL A 97  ? SER A 99  ? VAL M 2248 SER M 2250 
C 1 VAL A 97  ? SER A 99  ? VAL M 2248 SER M 2250 
C 2 SER A 102 ? SER A 114 ? SER M 2253 SER M 2265 
C 3 THR A 121 ? LEU A 122 ? THR M 2272 LEU M 2273 
D 1 THR A 121 ? LEU A 122 ? THR M 2272 LEU M 2273 
D 2 SER A 102 ? SER A 114 ? SER M 2253 SER M 2265 
D 3 PHE A 132 ? GLN A 133 ? PHE M 2283 GLN M 2284 
E 1 PHE A 132 ? GLN A 133 ? PHE M 2283 GLN M 2284 
E 2 SER A 102 ? SER A 114 ? SER M 2253 SER M 2265 
E 3 VAL A 142 ? ALA A 163 ? VAL M 2293 ALA M 2314 
E 4 LEU A 79  ? GLN A 95  ? LEU M 2230 GLN M 2246 
E 5 ILE A 39  ? ALA A 41  ? ILE M 2190 ALA M 2192 
F 1 ILE A 39  ? ALA A 41  ? ILE M 2190 ALA M 2192 
F 2 LEU A 79  ? GLN A 95  ? LEU M 2230 GLN M 2246 
F 3 ARG A 169 ? CYS A 175 ? ARG M 2320 CYS M 2326 
F 4 MET A 25  ? PRO A 26  ? MET M 2176 PRO M 2177 
G 1 LEU A 124 ? GLN A 125 ? LEU M 2275 GLN M 2276 
G 2 HIS A 128 ? THR A 129 ? HIS M 2279 THR M 2280 
# 
loop_
_pdbx_struct_sheet_hbond.sheet_id 
_pdbx_struct_sheet_hbond.range_id_1 
_pdbx_struct_sheet_hbond.range_id_2 
_pdbx_struct_sheet_hbond.range_1_label_atom_id 
_pdbx_struct_sheet_hbond.range_1_label_comp_id 
_pdbx_struct_sheet_hbond.range_1_label_asym_id 
_pdbx_struct_sheet_hbond.range_1_label_seq_id 
_pdbx_struct_sheet_hbond.range_1_PDB_ins_code 
_pdbx_struct_sheet_hbond.range_1_auth_atom_id 
_pdbx_struct_sheet_hbond.range_1_auth_comp_id 
_pdbx_struct_sheet_hbond.range_1_auth_asym_id 
_pdbx_struct_sheet_hbond.range_1_auth_seq_id 
_pdbx_struct_sheet_hbond.range_2_label_atom_id 
_pdbx_struct_sheet_hbond.range_2_label_comp_id 
_pdbx_struct_sheet_hbond.range_2_label_asym_id 
_pdbx_struct_sheet_hbond.range_2_label_seq_id 
_pdbx_struct_sheet_hbond.range_2_PDB_ins_code 
_pdbx_struct_sheet_hbond.range_2_auth_atom_id 
_pdbx_struct_sheet_hbond.range_2_auth_comp_id 
_pdbx_struct_sheet_hbond.range_2_auth_asym_id 
_pdbx_struct_sheet_hbond.range_2_auth_seq_id 
A 1 2 N MET A 25  ? N MET M 2176 O GLY A 174 ? O GLY M 2325 
A 2 3 O LEU A 173 ? O LEU M 2324 N GLY A 91  ? N GLY M 2242 
A 3 4 N VAL A 89  ? N VAL M 2240 O LEU A 150 ? O LEU M 2301 
B 1 2 O HIS A 158 ? O HIS M 2309 N LEU A 110 ? N LEU M 2261 
B 2 3 O SER A 102 ? O SER M 2253 N SER A 99  ? N SER M 2250 
C 1 2 N SER A 99  ? N SER M 2250 O SER A 102 ? O SER M 2253 
C 2 3 N SER A 113 ? N SER M 2264 O THR A 121 ? O THR M 2272 
D 1 2 O THR A 121 ? O THR M 2272 N SER A 113 ? N SER M 2264 
D 2 3 N PHE A 109 ? N PHE M 2260 O PHE A 132 ? O PHE M 2283 
E 1 2 O PHE A 132 ? O PHE M 2283 N PHE A 109 ? N PHE M 2260 
E 2 3 N LEU A 110 ? N LEU M 2261 O HIS A 158 ? O HIS M 2309 
E 3 4 O LEU A 150 ? O LEU M 2301 N VAL A 89  ? N VAL M 2240 
E 4 5 O GLN A 80  ? O GLN M 2231 N THR A 40  ? N THR M 2191 
F 1 2 N THR A 40  ? N THR M 2191 O GLN A 80  ? O GLN M 2231 
F 2 3 N GLY A 91  ? N GLY M 2242 O LEU A 173 ? O LEU M 2324 
F 3 4 O GLY A 174 ? O GLY M 2325 N MET A 25  ? N MET M 2176 
G 1 2 N GLN A 125 ? N GLN M 2276 O HIS A 128 ? O HIS M 2279 
# 
_struct_site.id                   AC1 
_struct_site.pdbx_evidence_code   Software 
_struct_site.pdbx_auth_asym_id    M 
_struct_site.pdbx_auth_comp_id    GOL 
_struct_site.pdbx_auth_seq_id     2401 
_struct_site.pdbx_auth_ins_code   ? 
_struct_site.pdbx_num_residues    2 
_struct_site.details              'BINDING SITE FOR RESIDUE GOL M 2401' 
# 
loop_
_struct_site_gen.id 
_struct_site_gen.site_id 
_struct_site_gen.pdbx_num_res 
_struct_site_gen.label_comp_id 
_struct_site_gen.label_asym_id 
_struct_site_gen.label_seq_id 
_struct_site_gen.pdbx_auth_ins_code 
_struct_site_gen.auth_comp_id 
_struct_site_gen.auth_asym_id 
_struct_site_gen.auth_seq_id 
_struct_site_gen.label_atom_id 
_struct_site_gen.label_alt_id 
_struct_site_gen.symmetry 
_struct_site_gen.details 
1 AC1 2 PHE A 49 ? PHE M 2200 . ? 4_565 ? 
2 AC1 2 SER A 99 ? SER M 2250 . ? 1_555 ? 
# 
_pdbx_entry_details.entry_id                   4MO3 
_pdbx_entry_details.compound_details           ? 
_pdbx_entry_details.source_details             ? 
_pdbx_entry_details.nonpolymer_details         ? 
_pdbx_entry_details.sequence_details           ? 
_pdbx_entry_details.has_ligand_of_interest     ? 
_pdbx_entry_details.has_protein_modification   Y 
# 
loop_
_pdbx_validate_torsion.id 
_pdbx_validate_torsion.PDB_model_num 
_pdbx_validate_torsion.auth_comp_id 
_pdbx_validate_torsion.auth_asym_id 
_pdbx_validate_torsion.auth_seq_id 
_pdbx_validate_torsion.PDB_ins_code 
_pdbx_validate_torsion.label_alt_id 
_pdbx_validate_torsion.phi 
_pdbx_validate_torsion.psi 
1 1 SER M 2175 ? ? -147.96 31.40   
2 1 ILE M 2199 ? ? -57.56  -7.50   
3 1 GLN M 2213 ? ? -117.11 -160.88 
4 1 THR M 2216 ? ? 37.61   57.50   
5 1 ASN M 2217 ? ? -89.40  49.37   
6 1 LEU M 2251 ? ? 47.20   -119.05 
7 1 GLN M 2315 ? ? 66.84   -62.99  
# 
loop_
_pdbx_unobs_or_zero_occ_residues.id 
_pdbx_unobs_or_zero_occ_residues.PDB_model_num 
_pdbx_unobs_or_zero_occ_residues.polymer_flag 
_pdbx_unobs_or_zero_occ_residues.occupancy_flag 
_pdbx_unobs_or_zero_occ_residues.auth_asym_id 
_pdbx_unobs_or_zero_occ_residues.auth_comp_id 
_pdbx_unobs_or_zero_occ_residues.auth_seq_id 
_pdbx_unobs_or_zero_occ_residues.PDB_ins_code 
_pdbx_unobs_or_zero_occ_residues.label_asym_id 
_pdbx_unobs_or_zero_occ_residues.label_comp_id 
_pdbx_unobs_or_zero_occ_residues.label_seq_id 
1  1 Y 1 M MET 2152 ? A MET 1  
2  1 Y 1 M GLY 2153 ? A GLY 2  
3  1 Y 1 M SER 2154 ? A SER 3  
4  1 Y 1 M SER 2155 ? A SER 4  
5  1 Y 1 M HIS 2156 ? A HIS 5  
6  1 Y 1 M HIS 2157 ? A HIS 6  
7  1 Y 1 M HIS 2158 ? A HIS 7  
8  1 Y 1 M HIS 2159 ? A HIS 8  
9  1 Y 1 M HIS 2160 ? A HIS 9  
10 1 Y 1 M HIS 2161 ? A HIS 10 
11 1 Y 1 M GLU 2162 ? A GLU 11 
12 1 Y 1 M ASN 2163 ? A ASN 12 
13 1 Y 1 M LEU 2164 ? A LEU 13 
14 1 Y 1 M TYR 2165 ? A TYR 14 
15 1 Y 1 M PHE 2166 ? A PHE 15 
16 1 Y 1 M GLN 2167 ? A GLN 16 
17 1 Y 1 M GLY 2168 ? A GLY 17 
18 1 Y 1 M SER 2169 ? A SER 18 
19 1 Y 1 M ASP 2170 ? A ASP 19 
20 1 Y 1 M LEU 2171 ? A LEU 20 
21 1 Y 1 M ASN 2172 ? A ASN 21 
# 
loop_
_chem_comp_atom.comp_id 
_chem_comp_atom.atom_id 
_chem_comp_atom.type_symbol 
_chem_comp_atom.pdbx_aromatic_flag 
_chem_comp_atom.pdbx_stereo_config 
_chem_comp_atom.pdbx_ordinal 
ALA N    N N N 1   
ALA CA   C N S 2   
ALA C    C N N 3   
ALA O    O N N 4   
ALA CB   C N N 5   
ALA OXT  O N N 6   
ALA H    H N N 7   
ALA H2   H N N 8   
ALA HA   H N N 9   
ALA HB1  H N N 10  
ALA HB2  H N N 11  
ALA HB3  H N N 12  
ALA HXT  H N N 13  
ARG N    N N N 14  
ARG CA   C N S 15  
ARG C    C N N 16  
ARG O    O N N 17  
ARG CB   C N N 18  
ARG CG   C N N 19  
ARG CD   C N N 20  
ARG NE   N N N 21  
ARG CZ   C N N 22  
ARG NH1  N N N 23  
ARG NH2  N N N 24  
ARG OXT  O N N 25  
ARG H    H N N 26  
ARG H2   H N N 27  
ARG HA   H N N 28  
ARG HB2  H N N 29  
ARG HB3  H N N 30  
ARG HG2  H N N 31  
ARG HG3  H N N 32  
ARG HD2  H N N 33  
ARG HD3  H N N 34  
ARG HE   H N N 35  
ARG HH11 H N N 36  
ARG HH12 H N N 37  
ARG HH21 H N N 38  
ARG HH22 H N N 39  
ARG HXT  H N N 40  
ASN N    N N N 41  
ASN CA   C N S 42  
ASN C    C N N 43  
ASN O    O N N 44  
ASN CB   C N N 45  
ASN CG   C N N 46  
ASN OD1  O N N 47  
ASN ND2  N N N 48  
ASN OXT  O N N 49  
ASN H    H N N 50  
ASN H2   H N N 51  
ASN HA   H N N 52  
ASN HB2  H N N 53  
ASN HB3  H N N 54  
ASN HD21 H N N 55  
ASN HD22 H N N 56  
ASN HXT  H N N 57  
ASP N    N N N 58  
ASP CA   C N S 59  
ASP C    C N N 60  
ASP O    O N N 61  
ASP CB   C N N 62  
ASP CG   C N N 63  
ASP OD1  O N N 64  
ASP OD2  O N N 65  
ASP OXT  O N N 66  
ASP H    H N N 67  
ASP H2   H N N 68  
ASP HA   H N N 69  
ASP HB2  H N N 70  
ASP HB3  H N N 71  
ASP HD2  H N N 72  
ASP HXT  H N N 73  
CYS N    N N N 74  
CYS CA   C N R 75  
CYS C    C N N 76  
CYS O    O N N 77  
CYS CB   C N N 78  
CYS SG   S N N 79  
CYS OXT  O N N 80  
CYS H    H N N 81  
CYS H2   H N N 82  
CYS HA   H N N 83  
CYS HB2  H N N 84  
CYS HB3  H N N 85  
CYS HG   H N N 86  
CYS HXT  H N N 87  
GLN N    N N N 88  
GLN CA   C N S 89  
GLN C    C N N 90  
GLN O    O N N 91  
GLN CB   C N N 92  
GLN CG   C N N 93  
GLN CD   C N N 94  
GLN OE1  O N N 95  
GLN NE2  N N N 96  
GLN OXT  O N N 97  
GLN H    H N N 98  
GLN H2   H N N 99  
GLN HA   H N N 100 
GLN HB2  H N N 101 
GLN HB3  H N N 102 
GLN HG2  H N N 103 
GLN HG3  H N N 104 
GLN HE21 H N N 105 
GLN HE22 H N N 106 
GLN HXT  H N N 107 
GLU N    N N N 108 
GLU CA   C N S 109 
GLU C    C N N 110 
GLU O    O N N 111 
GLU CB   C N N 112 
GLU CG   C N N 113 
GLU CD   C N N 114 
GLU OE1  O N N 115 
GLU OE2  O N N 116 
GLU OXT  O N N 117 
GLU H    H N N 118 
GLU H2   H N N 119 
GLU HA   H N N 120 
GLU HB2  H N N 121 
GLU HB3  H N N 122 
GLU HG2  H N N 123 
GLU HG3  H N N 124 
GLU HE2  H N N 125 
GLU HXT  H N N 126 
GLY N    N N N 127 
GLY CA   C N N 128 
GLY C    C N N 129 
GLY O    O N N 130 
GLY OXT  O N N 131 
GLY H    H N N 132 
GLY H2   H N N 133 
GLY HA2  H N N 134 
GLY HA3  H N N 135 
GLY HXT  H N N 136 
GOL C1   C N N 137 
GOL O1   O N N 138 
GOL C2   C N N 139 
GOL O2   O N N 140 
GOL C3   C N N 141 
GOL O3   O N N 142 
GOL H11  H N N 143 
GOL H12  H N N 144 
GOL HO1  H N N 145 
GOL H2   H N N 146 
GOL HO2  H N N 147 
GOL H31  H N N 148 
GOL H32  H N N 149 
GOL HO3  H N N 150 
HIS N    N N N 151 
HIS CA   C N S 152 
HIS C    C N N 153 
HIS O    O N N 154 
HIS CB   C N N 155 
HIS CG   C Y N 156 
HIS ND1  N Y N 157 
HIS CD2  C Y N 158 
HIS CE1  C Y N 159 
HIS NE2  N Y N 160 
HIS OXT  O N N 161 
HIS H    H N N 162 
HIS H2   H N N 163 
HIS HA   H N N 164 
HIS HB2  H N N 165 
HIS HB3  H N N 166 
HIS HD1  H N N 167 
HIS HD2  H N N 168 
HIS HE1  H N N 169 
HIS HE2  H N N 170 
HIS HXT  H N N 171 
HOH O    O N N 172 
HOH H1   H N N 173 
HOH H2   H N N 174 
ILE N    N N N 175 
ILE CA   C N S 176 
ILE C    C N N 177 
ILE O    O N N 178 
ILE CB   C N S 179 
ILE CG1  C N N 180 
ILE CG2  C N N 181 
ILE CD1  C N N 182 
ILE OXT  O N N 183 
ILE H    H N N 184 
ILE H2   H N N 185 
ILE HA   H N N 186 
ILE HB   H N N 187 
ILE HG12 H N N 188 
ILE HG13 H N N 189 
ILE HG21 H N N 190 
ILE HG22 H N N 191 
ILE HG23 H N N 192 
ILE HD11 H N N 193 
ILE HD12 H N N 194 
ILE HD13 H N N 195 
ILE HXT  H N N 196 
LEU N    N N N 197 
LEU CA   C N S 198 
LEU C    C N N 199 
LEU O    O N N 200 
LEU CB   C N N 201 
LEU CG   C N N 202 
LEU CD1  C N N 203 
LEU CD2  C N N 204 
LEU OXT  O N N 205 
LEU H    H N N 206 
LEU H2   H N N 207 
LEU HA   H N N 208 
LEU HB2  H N N 209 
LEU HB3  H N N 210 
LEU HG   H N N 211 
LEU HD11 H N N 212 
LEU HD12 H N N 213 
LEU HD13 H N N 214 
LEU HD21 H N N 215 
LEU HD22 H N N 216 
LEU HD23 H N N 217 
LEU HXT  H N N 218 
LYS N    N N N 219 
LYS CA   C N S 220 
LYS C    C N N 221 
LYS O    O N N 222 
LYS CB   C N N 223 
LYS CG   C N N 224 
LYS CD   C N N 225 
LYS CE   C N N 226 
LYS NZ   N N N 227 
LYS OXT  O N N 228 
LYS H    H N N 229 
LYS H2   H N N 230 
LYS HA   H N N 231 
LYS HB2  H N N 232 
LYS HB3  H N N 233 
LYS HG2  H N N 234 
LYS HG3  H N N 235 
LYS HD2  H N N 236 
LYS HD3  H N N 237 
LYS HE2  H N N 238 
LYS HE3  H N N 239 
LYS HZ1  H N N 240 
LYS HZ2  H N N 241 
LYS HZ3  H N N 242 
LYS HXT  H N N 243 
MET N    N N N 244 
MET CA   C N S 245 
MET C    C N N 246 
MET O    O N N 247 
MET CB   C N N 248 
MET CG   C N N 249 
MET SD   S N N 250 
MET CE   C N N 251 
MET OXT  O N N 252 
MET H    H N N 253 
MET H2   H N N 254 
MET HA   H N N 255 
MET HB2  H N N 256 
MET HB3  H N N 257 
MET HG2  H N N 258 
MET HG3  H N N 259 
MET HE1  H N N 260 
MET HE2  H N N 261 
MET HE3  H N N 262 
MET HXT  H N N 263 
PHE N    N N N 264 
PHE CA   C N S 265 
PHE C    C N N 266 
PHE O    O N N 267 
PHE CB   C N N 268 
PHE CG   C Y N 269 
PHE CD1  C Y N 270 
PHE CD2  C Y N 271 
PHE CE1  C Y N 272 
PHE CE2  C Y N 273 
PHE CZ   C Y N 274 
PHE OXT  O N N 275 
PHE H    H N N 276 
PHE H2   H N N 277 
PHE HA   H N N 278 
PHE HB2  H N N 279 
PHE HB3  H N N 280 
PHE HD1  H N N 281 
PHE HD2  H N N 282 
PHE HE1  H N N 283 
PHE HE2  H N N 284 
PHE HZ   H N N 285 
PHE HXT  H N N 286 
PRO N    N N N 287 
PRO CA   C N S 288 
PRO C    C N N 289 
PRO O    O N N 290 
PRO CB   C N N 291 
PRO CG   C N N 292 
PRO CD   C N N 293 
PRO OXT  O N N 294 
PRO H    H N N 295 
PRO HA   H N N 296 
PRO HB2  H N N 297 
PRO HB3  H N N 298 
PRO HG2  H N N 299 
PRO HG3  H N N 300 
PRO HD2  H N N 301 
PRO HD3  H N N 302 
PRO HXT  H N N 303 
SER N    N N N 304 
SER CA   C N S 305 
SER C    C N N 306 
SER O    O N N 307 
SER CB   C N N 308 
SER OG   O N N 309 
SER OXT  O N N 310 
SER H    H N N 311 
SER H2   H N N 312 
SER HA   H N N 313 
SER HB2  H N N 314 
SER HB3  H N N 315 
SER HG   H N N 316 
SER HXT  H N N 317 
THR N    N N N 318 
THR CA   C N S 319 
THR C    C N N 320 
THR O    O N N 321 
THR CB   C N R 322 
THR OG1  O N N 323 
THR CG2  C N N 324 
THR OXT  O N N 325 
THR H    H N N 326 
THR H2   H N N 327 
THR HA   H N N 328 
THR HB   H N N 329 
THR HG1  H N N 330 
THR HG21 H N N 331 
THR HG22 H N N 332 
THR HG23 H N N 333 
THR HXT  H N N 334 
TRP N    N N N 335 
TRP CA   C N S 336 
TRP C    C N N 337 
TRP O    O N N 338 
TRP CB   C N N 339 
TRP CG   C Y N 340 
TRP CD1  C Y N 341 
TRP CD2  C Y N 342 
TRP NE1  N Y N 343 
TRP CE2  C Y N 344 
TRP CE3  C Y N 345 
TRP CZ2  C Y N 346 
TRP CZ3  C Y N 347 
TRP CH2  C Y N 348 
TRP OXT  O N N 349 
TRP H    H N N 350 
TRP H2   H N N 351 
TRP HA   H N N 352 
TRP HB2  H N N 353 
TRP HB3  H N N 354 
TRP HD1  H N N 355 
TRP HE1  H N N 356 
TRP HE3  H N N 357 
TRP HZ2  H N N 358 
TRP HZ3  H N N 359 
TRP HH2  H N N 360 
TRP HXT  H N N 361 
TYR N    N N N 362 
TYR CA   C N S 363 
TYR C    C N N 364 
TYR O    O N N 365 
TYR CB   C N N 366 
TYR CG   C Y N 367 
TYR CD1  C Y N 368 
TYR CD2  C Y N 369 
TYR CE1  C Y N 370 
TYR CE2  C Y N 371 
TYR CZ   C Y N 372 
TYR OH   O N N 373 
TYR OXT  O N N 374 
TYR H    H N N 375 
TYR H2   H N N 376 
TYR HA   H N N 377 
TYR HB2  H N N 378 
TYR HB3  H N N 379 
TYR HD1  H N N 380 
TYR HD2  H N N 381 
TYR HE1  H N N 382 
TYR HE2  H N N 383 
TYR HH   H N N 384 
TYR HXT  H N N 385 
VAL N    N N N 386 
VAL CA   C N S 387 
VAL C    C N N 388 
VAL O    O N N 389 
VAL CB   C N N 390 
VAL CG1  C N N 391 
VAL CG2  C N N 392 
VAL OXT  O N N 393 
VAL H    H N N 394 
VAL H2   H N N 395 
VAL HA   H N N 396 
VAL HB   H N N 397 
VAL HG11 H N N 398 
VAL HG12 H N N 399 
VAL HG13 H N N 400 
VAL HG21 H N N 401 
VAL HG22 H N N 402 
VAL HG23 H N N 403 
VAL HXT  H N N 404 
# 
loop_
_chem_comp_bond.comp_id 
_chem_comp_bond.atom_id_1 
_chem_comp_bond.atom_id_2 
_chem_comp_bond.value_order 
_chem_comp_bond.pdbx_aromatic_flag 
_chem_comp_bond.pdbx_stereo_config 
_chem_comp_bond.pdbx_ordinal 
ALA N   CA   sing N N 1   
ALA N   H    sing N N 2   
ALA N   H2   sing N N 3   
ALA CA  C    sing N N 4   
ALA CA  CB   sing N N 5   
ALA CA  HA   sing N N 6   
ALA C   O    doub N N 7   
ALA C   OXT  sing N N 8   
ALA CB  HB1  sing N N 9   
ALA CB  HB2  sing N N 10  
ALA CB  HB3  sing N N 11  
ALA OXT HXT  sing N N 12  
ARG N   CA   sing N N 13  
ARG N   H    sing N N 14  
ARG N   H2   sing N N 15  
ARG CA  C    sing N N 16  
ARG CA  CB   sing N N 17  
ARG CA  HA   sing N N 18  
ARG C   O    doub N N 19  
ARG C   OXT  sing N N 20  
ARG CB  CG   sing N N 21  
ARG CB  HB2  sing N N 22  
ARG CB  HB3  sing N N 23  
ARG CG  CD   sing N N 24  
ARG CG  HG2  sing N N 25  
ARG CG  HG3  sing N N 26  
ARG CD  NE   sing N N 27  
ARG CD  HD2  sing N N 28  
ARG CD  HD3  sing N N 29  
ARG NE  CZ   sing N N 30  
ARG NE  HE   sing N N 31  
ARG CZ  NH1  sing N N 32  
ARG CZ  NH2  doub N N 33  
ARG NH1 HH11 sing N N 34  
ARG NH1 HH12 sing N N 35  
ARG NH2 HH21 sing N N 36  
ARG NH2 HH22 sing N N 37  
ARG OXT HXT  sing N N 38  
ASN N   CA   sing N N 39  
ASN N   H    sing N N 40  
ASN N   H2   sing N N 41  
ASN CA  C    sing N N 42  
ASN CA  CB   sing N N 43  
ASN CA  HA   sing N N 44  
ASN C   O    doub N N 45  
ASN C   OXT  sing N N 46  
ASN CB  CG   sing N N 47  
ASN CB  HB2  sing N N 48  
ASN CB  HB3  sing N N 49  
ASN CG  OD1  doub N N 50  
ASN CG  ND2  sing N N 51  
ASN ND2 HD21 sing N N 52  
ASN ND2 HD22 sing N N 53  
ASN OXT HXT  sing N N 54  
ASP N   CA   sing N N 55  
ASP N   H    sing N N 56  
ASP N   H2   sing N N 57  
ASP CA  C    sing N N 58  
ASP CA  CB   sing N N 59  
ASP CA  HA   sing N N 60  
ASP C   O    doub N N 61  
ASP C   OXT  sing N N 62  
ASP CB  CG   sing N N 63  
ASP CB  HB2  sing N N 64  
ASP CB  HB3  sing N N 65  
ASP CG  OD1  doub N N 66  
ASP CG  OD2  sing N N 67  
ASP OD2 HD2  sing N N 68  
ASP OXT HXT  sing N N 69  
CYS N   CA   sing N N 70  
CYS N   H    sing N N 71  
CYS N   H2   sing N N 72  
CYS CA  C    sing N N 73  
CYS CA  CB   sing N N 74  
CYS CA  HA   sing N N 75  
CYS C   O    doub N N 76  
CYS C   OXT  sing N N 77  
CYS CB  SG   sing N N 78  
CYS CB  HB2  sing N N 79  
CYS CB  HB3  sing N N 80  
CYS SG  HG   sing N N 81  
CYS OXT HXT  sing N N 82  
GLN N   CA   sing N N 83  
GLN N   H    sing N N 84  
GLN N   H2   sing N N 85  
GLN CA  C    sing N N 86  
GLN CA  CB   sing N N 87  
GLN CA  HA   sing N N 88  
GLN C   O    doub N N 89  
GLN C   OXT  sing N N 90  
GLN CB  CG   sing N N 91  
GLN CB  HB2  sing N N 92  
GLN CB  HB3  sing N N 93  
GLN CG  CD   sing N N 94  
GLN CG  HG2  sing N N 95  
GLN CG  HG3  sing N N 96  
GLN CD  OE1  doub N N 97  
GLN CD  NE2  sing N N 98  
GLN NE2 HE21 sing N N 99  
GLN NE2 HE22 sing N N 100 
GLN OXT HXT  sing N N 101 
GLU N   CA   sing N N 102 
GLU N   H    sing N N 103 
GLU N   H2   sing N N 104 
GLU CA  C    sing N N 105 
GLU CA  CB   sing N N 106 
GLU CA  HA   sing N N 107 
GLU C   O    doub N N 108 
GLU C   OXT  sing N N 109 
GLU CB  CG   sing N N 110 
GLU CB  HB2  sing N N 111 
GLU CB  HB3  sing N N 112 
GLU CG  CD   sing N N 113 
GLU CG  HG2  sing N N 114 
GLU CG  HG3  sing N N 115 
GLU CD  OE1  doub N N 116 
GLU CD  OE2  sing N N 117 
GLU OE2 HE2  sing N N 118 
GLU OXT HXT  sing N N 119 
GLY N   CA   sing N N 120 
GLY N   H    sing N N 121 
GLY N   H2   sing N N 122 
GLY CA  C    sing N N 123 
GLY CA  HA2  sing N N 124 
GLY CA  HA3  sing N N 125 
GLY C   O    doub N N 126 
GLY C   OXT  sing N N 127 
GLY OXT HXT  sing N N 128 
GOL C1  O1   sing N N 129 
GOL C1  C2   sing N N 130 
GOL C1  H11  sing N N 131 
GOL C1  H12  sing N N 132 
GOL O1  HO1  sing N N 133 
GOL C2  O2   sing N N 134 
GOL C2  C3   sing N N 135 
GOL C2  H2   sing N N 136 
GOL O2  HO2  sing N N 137 
GOL C3  O3   sing N N 138 
GOL C3  H31  sing N N 139 
GOL C3  H32  sing N N 140 
GOL O3  HO3  sing N N 141 
HIS N   CA   sing N N 142 
HIS N   H    sing N N 143 
HIS N   H2   sing N N 144 
HIS CA  C    sing N N 145 
HIS CA  CB   sing N N 146 
HIS CA  HA   sing N N 147 
HIS C   O    doub N N 148 
HIS C   OXT  sing N N 149 
HIS CB  CG   sing N N 150 
HIS CB  HB2  sing N N 151 
HIS CB  HB3  sing N N 152 
HIS CG  ND1  sing Y N 153 
HIS CG  CD2  doub Y N 154 
HIS ND1 CE1  doub Y N 155 
HIS ND1 HD1  sing N N 156 
HIS CD2 NE2  sing Y N 157 
HIS CD2 HD2  sing N N 158 
HIS CE1 NE2  sing Y N 159 
HIS CE1 HE1  sing N N 160 
HIS NE2 HE2  sing N N 161 
HIS OXT HXT  sing N N 162 
HOH O   H1   sing N N 163 
HOH O   H2   sing N N 164 
ILE N   CA   sing N N 165 
ILE N   H    sing N N 166 
ILE N   H2   sing N N 167 
ILE CA  C    sing N N 168 
ILE CA  CB   sing N N 169 
ILE CA  HA   sing N N 170 
ILE C   O    doub N N 171 
ILE C   OXT  sing N N 172 
ILE CB  CG1  sing N N 173 
ILE CB  CG2  sing N N 174 
ILE CB  HB   sing N N 175 
ILE CG1 CD1  sing N N 176 
ILE CG1 HG12 sing N N 177 
ILE CG1 HG13 sing N N 178 
ILE CG2 HG21 sing N N 179 
ILE CG2 HG22 sing N N 180 
ILE CG2 HG23 sing N N 181 
ILE CD1 HD11 sing N N 182 
ILE CD1 HD12 sing N N 183 
ILE CD1 HD13 sing N N 184 
ILE OXT HXT  sing N N 185 
LEU N   CA   sing N N 186 
LEU N   H    sing N N 187 
LEU N   H2   sing N N 188 
LEU CA  C    sing N N 189 
LEU CA  CB   sing N N 190 
LEU CA  HA   sing N N 191 
LEU C   O    doub N N 192 
LEU C   OXT  sing N N 193 
LEU CB  CG   sing N N 194 
LEU CB  HB2  sing N N 195 
LEU CB  HB3  sing N N 196 
LEU CG  CD1  sing N N 197 
LEU CG  CD2  sing N N 198 
LEU CG  HG   sing N N 199 
LEU CD1 HD11 sing N N 200 
LEU CD1 HD12 sing N N 201 
LEU CD1 HD13 sing N N 202 
LEU CD2 HD21 sing N N 203 
LEU CD2 HD22 sing N N 204 
LEU CD2 HD23 sing N N 205 
LEU OXT HXT  sing N N 206 
LYS N   CA   sing N N 207 
LYS N   H    sing N N 208 
LYS N   H2   sing N N 209 
LYS CA  C    sing N N 210 
LYS CA  CB   sing N N 211 
LYS CA  HA   sing N N 212 
LYS C   O    doub N N 213 
LYS C   OXT  sing N N 214 
LYS CB  CG   sing N N 215 
LYS CB  HB2  sing N N 216 
LYS CB  HB3  sing N N 217 
LYS CG  CD   sing N N 218 
LYS CG  HG2  sing N N 219 
LYS CG  HG3  sing N N 220 
LYS CD  CE   sing N N 221 
LYS CD  HD2  sing N N 222 
LYS CD  HD3  sing N N 223 
LYS CE  NZ   sing N N 224 
LYS CE  HE2  sing N N 225 
LYS CE  HE3  sing N N 226 
LYS NZ  HZ1  sing N N 227 
LYS NZ  HZ2  sing N N 228 
LYS NZ  HZ3  sing N N 229 
LYS OXT HXT  sing N N 230 
MET N   CA   sing N N 231 
MET N   H    sing N N 232 
MET N   H2   sing N N 233 
MET CA  C    sing N N 234 
MET CA  CB   sing N N 235 
MET CA  HA   sing N N 236 
MET C   O    doub N N 237 
MET C   OXT  sing N N 238 
MET CB  CG   sing N N 239 
MET CB  HB2  sing N N 240 
MET CB  HB3  sing N N 241 
MET CG  SD   sing N N 242 
MET CG  HG2  sing N N 243 
MET CG  HG3  sing N N 244 
MET SD  CE   sing N N 245 
MET CE  HE1  sing N N 246 
MET CE  HE2  sing N N 247 
MET CE  HE3  sing N N 248 
MET OXT HXT  sing N N 249 
PHE N   CA   sing N N 250 
PHE N   H    sing N N 251 
PHE N   H2   sing N N 252 
PHE CA  C    sing N N 253 
PHE CA  CB   sing N N 254 
PHE CA  HA   sing N N 255 
PHE C   O    doub N N 256 
PHE C   OXT  sing N N 257 
PHE CB  CG   sing N N 258 
PHE CB  HB2  sing N N 259 
PHE CB  HB3  sing N N 260 
PHE CG  CD1  doub Y N 261 
PHE CG  CD2  sing Y N 262 
PHE CD1 CE1  sing Y N 263 
PHE CD1 HD1  sing N N 264 
PHE CD2 CE2  doub Y N 265 
PHE CD2 HD2  sing N N 266 
PHE CE1 CZ   doub Y N 267 
PHE CE1 HE1  sing N N 268 
PHE CE2 CZ   sing Y N 269 
PHE CE2 HE2  sing N N 270 
PHE CZ  HZ   sing N N 271 
PHE OXT HXT  sing N N 272 
PRO N   CA   sing N N 273 
PRO N   CD   sing N N 274 
PRO N   H    sing N N 275 
PRO CA  C    sing N N 276 
PRO CA  CB   sing N N 277 
PRO CA  HA   sing N N 278 
PRO C   O    doub N N 279 
PRO C   OXT  sing N N 280 
PRO CB  CG   sing N N 281 
PRO CB  HB2  sing N N 282 
PRO CB  HB3  sing N N 283 
PRO CG  CD   sing N N 284 
PRO CG  HG2  sing N N 285 
PRO CG  HG3  sing N N 286 
PRO CD  HD2  sing N N 287 
PRO CD  HD3  sing N N 288 
PRO OXT HXT  sing N N 289 
SER N   CA   sing N N 290 
SER N   H    sing N N 291 
SER N   H2   sing N N 292 
SER CA  C    sing N N 293 
SER CA  CB   sing N N 294 
SER CA  HA   sing N N 295 
SER C   O    doub N N 296 
SER C   OXT  sing N N 297 
SER CB  OG   sing N N 298 
SER CB  HB2  sing N N 299 
SER CB  HB3  sing N N 300 
SER OG  HG   sing N N 301 
SER OXT HXT  sing N N 302 
THR N   CA   sing N N 303 
THR N   H    sing N N 304 
THR N   H2   sing N N 305 
THR CA  C    sing N N 306 
THR CA  CB   sing N N 307 
THR CA  HA   sing N N 308 
THR C   O    doub N N 309 
THR C   OXT  sing N N 310 
THR CB  OG1  sing N N 311 
THR CB  CG2  sing N N 312 
THR CB  HB   sing N N 313 
THR OG1 HG1  sing N N 314 
THR CG2 HG21 sing N N 315 
THR CG2 HG22 sing N N 316 
THR CG2 HG23 sing N N 317 
THR OXT HXT  sing N N 318 
TRP N   CA   sing N N 319 
TRP N   H    sing N N 320 
TRP N   H2   sing N N 321 
TRP CA  C    sing N N 322 
TRP CA  CB   sing N N 323 
TRP CA  HA   sing N N 324 
TRP C   O    doub N N 325 
TRP C   OXT  sing N N 326 
TRP CB  CG   sing N N 327 
TRP CB  HB2  sing N N 328 
TRP CB  HB3  sing N N 329 
TRP CG  CD1  doub Y N 330 
TRP CG  CD2  sing Y N 331 
TRP CD1 NE1  sing Y N 332 
TRP CD1 HD1  sing N N 333 
TRP CD2 CE2  doub Y N 334 
TRP CD2 CE3  sing Y N 335 
TRP NE1 CE2  sing Y N 336 
TRP NE1 HE1  sing N N 337 
TRP CE2 CZ2  sing Y N 338 
TRP CE3 CZ3  doub Y N 339 
TRP CE3 HE3  sing N N 340 
TRP CZ2 CH2  doub Y N 341 
TRP CZ2 HZ2  sing N N 342 
TRP CZ3 CH2  sing Y N 343 
TRP CZ3 HZ3  sing N N 344 
TRP CH2 HH2  sing N N 345 
TRP OXT HXT  sing N N 346 
TYR N   CA   sing N N 347 
TYR N   H    sing N N 348 
TYR N   H2   sing N N 349 
TYR CA  C    sing N N 350 
TYR CA  CB   sing N N 351 
TYR CA  HA   sing N N 352 
TYR C   O    doub N N 353 
TYR C   OXT  sing N N 354 
TYR CB  CG   sing N N 355 
TYR CB  HB2  sing N N 356 
TYR CB  HB3  sing N N 357 
TYR CG  CD1  doub Y N 358 
TYR CG  CD2  sing Y N 359 
TYR CD1 CE1  sing Y N 360 
TYR CD1 HD1  sing N N 361 
TYR CD2 CE2  doub Y N 362 
TYR CD2 HD2  sing N N 363 
TYR CE1 CZ   doub Y N 364 
TYR CE1 HE1  sing N N 365 
TYR CE2 CZ   sing Y N 366 
TYR CE2 HE2  sing N N 367 
TYR CZ  OH   sing N N 368 
TYR OH  HH   sing N N 369 
TYR OXT HXT  sing N N 370 
VAL N   CA   sing N N 371 
VAL N   H    sing N N 372 
VAL N   H2   sing N N 373 
VAL CA  C    sing N N 374 
VAL CA  CB   sing N N 375 
VAL CA  HA   sing N N 376 
VAL C   O    doub N N 377 
VAL C   OXT  sing N N 378 
VAL CB  CG1  sing N N 379 
VAL CB  CG2  sing N N 380 
VAL CB  HB   sing N N 381 
VAL CG1 HG11 sing N N 382 
VAL CG1 HG12 sing N N 383 
VAL CG1 HG13 sing N N 384 
VAL CG2 HG21 sing N N 385 
VAL CG2 HG22 sing N N 386 
VAL CG2 HG23 sing N N 387 
VAL OXT HXT  sing N N 388 
# 
_pdbx_initial_refinement_model.id               1 
_pdbx_initial_refinement_model.entity_id_list   ? 
_pdbx_initial_refinement_model.type             'experimental model' 
_pdbx_initial_refinement_model.source_name      PDB 
_pdbx_initial_refinement_model.accession_code   1D7P 
_pdbx_initial_refinement_model.details          'PDB ENTRY 1D7P' 
# 
_atom_sites.entry_id                    4MO3 
_atom_sites.fract_transf_matrix[1][1]   0.01773972 
_atom_sites.fract_transf_matrix[1][2]   -0.00038305 
_atom_sites.fract_transf_matrix[1][3]   0.01002293 
_atom_sites.fract_transf_matrix[2][1]   0.00707211 
_atom_sites.fract_transf_matrix[2][2]   0.00245938 
_atom_sites.fract_transf_matrix[2][3]   -0.01242303 
_atom_sites.fract_transf_matrix[3][1]   -0.00063511 
_atom_sites.fract_transf_matrix[3][2]   0.00929965 
_atom_sites.fract_transf_matrix[3][3]   0.00147949 
_atom_sites.fract_transf_vector[1]      1.092977 
_atom_sites.fract_transf_vector[2]      0.308508 
_atom_sites.fract_transf_vector[3]      0.141406 
# 
loop_
_atom_type.symbol 
C 
N 
O 
S 
# 
loop_
_atom_site.group_PDB 
_atom_site.id 
_atom_site.type_symbol 
_atom_site.label_atom_id 
_atom_site.label_alt_id 
_atom_site.label_comp_id 
_atom_site.label_asym_id 
_atom_site.label_entity_id 
_atom_site.label_seq_id 
_atom_site.pdbx_PDB_ins_code 
_atom_site.Cartn_x 
_atom_site.Cartn_y 
_atom_site.Cartn_z 
_atom_site.occupancy 
_atom_site.B_iso_or_equiv 
_atom_site.pdbx_formal_charge 
_atom_site.auth_seq_id 
_atom_site.auth_comp_id 
_atom_site.auth_asym_id 
_atom_site.auth_atom_id 
_atom_site.pdbx_PDB_model_num 
ATOM   1    N N   . SER A 1 22  ? -21.240 -4.665  5.698   1.00 54.93 ? 2173 SER M N   1 
ATOM   2    C CA  . SER A 1 22  ? -20.509 -3.772  6.598   1.00 53.23 ? 2173 SER M CA  1 
ATOM   3    C C   . SER A 1 22  ? -19.431 -2.982  5.856   1.00 47.85 ? 2173 SER M C   1 
ATOM   4    O O   . SER A 1 22  ? -18.587 -2.329  6.474   1.00 49.25 ? 2173 SER M O   1 
ATOM   5    C CB  . SER A 1 22  ? -19.890 -4.560  7.759   1.00 51.33 ? 2173 SER M CB  1 
ATOM   6    O OG  . SER A 1 22  ? -19.100 -5.640  7.291   1.00 57.41 ? 2173 SER M OG  1 
ATOM   7    N N   . CYS A 1 23  ? -19.485 -3.055  4.527   1.00 40.33 ? 2174 CYS M N   1 
ATOM   8    C CA  . CYS A 1 23  ? -18.549 -2.374  3.633   1.00 28.92 ? 2174 CYS M CA  1 
ATOM   9    C C   . CYS A 1 23  ? -17.087 -2.474  4.073   1.00 29.37 ? 2174 CYS M C   1 
ATOM   10   O O   . CYS A 1 23  ? -16.440 -1.464  4.350   1.00 31.99 ? 2174 CYS M O   1 
ATOM   11   C CB  . CYS A 1 23  ? -18.946 -0.909  3.439   1.00 30.36 ? 2174 CYS M CB  1 
ATOM   12   S SG  . CYS A 1 23  ? -18.170 -0.151  1.990   1.00 32.37 ? 2174 CYS M SG  1 
ATOM   13   N N   . SER A 1 24  ? -16.575 -3.697  4.141   1.00 24.81 ? 2175 SER M N   1 
ATOM   14   C CA  . SER A 1 24  ? -15.184 -3.901  4.528   1.00 26.77 ? 2175 SER M CA  1 
ATOM   15   C C   . SER A 1 24  ? -14.593 -5.121  3.834   1.00 22.73 ? 2175 SER M C   1 
ATOM   16   O O   . SER A 1 24  ? -13.721 -5.793  4.383   1.00 29.83 ? 2175 SER M O   1 
ATOM   17   C CB  . SER A 1 24  ? -15.057 -4.049  6.050   1.00 37.03 ? 2175 SER M CB  1 
ATOM   18   O OG  . SER A 1 24  ? -15.565 -5.299  6.492   1.00 45.80 ? 2175 SER M OG  1 
ATOM   19   N N   . MET A 1 25  ? -15.064 -5.403  2.623   1.00 22.56 ? 2176 MET M N   1 
ATOM   20   C CA  . MET A 1 25  ? -14.535 -6.540  1.873   1.00 26.20 ? 2176 MET M CA  1 
ATOM   21   C C   . MET A 1 25  ? -13.243 -6.181  1.134   1.00 18.88 ? 2176 MET M C   1 
ATOM   22   O O   . MET A 1 25  ? -13.068 -5.050  0.692   1.00 17.28 ? 2176 MET M O   1 
ATOM   23   C CB  . MET A 1 25  ? -15.584 -7.072  0.893   1.00 30.75 ? 2176 MET M CB  1 
ATOM   24   C CG  . MET A 1 25  ? -16.750 -7.785  1.574   1.00 42.07 ? 2176 MET M CG  1 
ATOM   25   S SD  . MET A 1 25  ? -16.221 -9.039  2.770   1.00 60.69 ? 2176 MET M SD  1 
ATOM   26   C CE  . MET A 1 25  ? -15.614 -10.341 1.696   1.00 40.98 ? 2176 MET M CE  1 
ATOM   27   N N   . PRO A 1 26  ? -12.326 -7.149  1.010   1.00 18.26 ? 2177 PRO M N   1 
ATOM   28   C CA  . PRO A 1 26  ? -11.133 -6.950  0.178   1.00 16.04 ? 2177 PRO M CA  1 
ATOM   29   C C   . PRO A 1 26  ? -11.512 -6.590  -1.253  1.00 15.94 ? 2177 PRO M C   1 
ATOM   30   O O   . PRO A 1 26  ? -12.440 -7.181  -1.837  1.00 18.09 ? 2177 PRO M O   1 
ATOM   31   C CB  . PRO A 1 26  ? -10.454 -8.319  0.227   1.00 17.48 ? 2177 PRO M CB  1 
ATOM   32   C CG  . PRO A 1 26  ? -10.854 -8.862  1.565   1.00 23.56 ? 2177 PRO M CG  1 
ATOM   33   C CD  . PRO A 1 26  ? -12.295 -8.443  1.714   1.00 24.45 ? 2177 PRO M CD  1 
ATOM   34   N N   . LEU A 1 27  ? -10.819 -5.612  -1.821  1.00 14.50 ? 2178 LEU M N   1 
ATOM   35   C CA  . LEU A 1 27  ? -11.169 -5.110  -3.143  1.00 13.06 ? 2178 LEU M CA  1 
ATOM   36   C C   . LEU A 1 27  ? -10.330 -5.735  -4.257  1.00 15.62 ? 2178 LEU M C   1 
ATOM   37   O O   . LEU A 1 27  ? -10.600 -5.498  -5.441  1.00 17.02 ? 2178 LEU M O   1 
ATOM   38   C CB  . LEU A 1 27  ? -11.069 -3.579  -3.183  1.00 16.44 ? 2178 LEU M CB  1 
ATOM   39   C CG  . LEU A 1 27  ? -12.072 -2.862  -2.275  1.00 18.20 ? 2178 LEU M CG  1 
ATOM   40   C CD1 . LEU A 1 27  ? -11.773 -1.393  -2.207  1.00 20.96 ? 2178 LEU M CD1 1 
ATOM   41   C CD2 . LEU A 1 27  ? -13.465 -3.066  -2.815  1.00 25.86 ? 2178 LEU M CD2 1 
ATOM   42   N N   . GLY A 1 28  ? -9.327  -6.535  -3.899  1.00 15.22 ? 2179 GLY M N   1 
ATOM   43   C CA  . GLY A 1 28  ? -8.658  -7.337  -4.914  1.00 13.99 ? 2179 GLY M CA  1 
ATOM   44   C C   . GLY A 1 28  ? -7.143  -7.386  -4.944  1.00 12.46 ? 2179 GLY M C   1 
ATOM   45   O O   . GLY A 1 28  ? -6.571  -7.881  -5.914  1.00 13.76 ? 2179 GLY M O   1 
ATOM   46   N N   . MET A 1 29  ? -6.473  -6.884  -3.913  1.00 13.60 ? 2180 MET M N   1 
ATOM   47   C CA  . MET A 1 29  ? -5.013  -6.983  -3.904  1.00 13.03 ? 2180 MET M CA  1 
ATOM   48   C C   . MET A 1 29  ? -4.570  -8.440  -3.721  1.00 14.61 ? 2180 MET M C   1 
ATOM   49   O O   . MET A 1 29  ? -3.753  -8.953  -4.497  1.00 14.00 ? 2180 MET M O   1 
ATOM   50   C CB  . MET A 1 29  ? -4.384  -6.081  -2.829  1.00 13.45 ? 2180 MET M CB  1 
ATOM   51   C CG  . MET A 1 29  ? -4.668  -4.588  -3.010  1.00 14.05 ? 2180 MET M CG  1 
ATOM   52   S SD  . MET A 1 29  ? -3.907  -3.870  -4.496  1.00 14.34 ? 2180 MET M SD  1 
ATOM   53   C CE  . MET A 1 29  ? -2.207  -3.693  -3.973  1.00 13.31 ? 2180 MET M CE  1 
ATOM   54   N N   . GLN A 1 30  ? -5.115  -9.123  -2.717  1.00 13.72 ? 2181 GLN M N   1 
ATOM   55   C CA  . GLN A 1 30  ? -4.702  -10.512 -2.482  1.00 14.12 ? 2181 GLN M CA  1 
ATOM   56   C C   . GLN A 1 30  ? -5.135  -11.448 -3.604  1.00 15.63 ? 2181 GLN M C   1 
ATOM   57   O O   . GLN A 1 30  ? -4.361  -12.320 -4.030  1.00 15.53 ? 2181 GLN M O   1 
ATOM   58   C CB  . GLN A 1 30  ? -5.225  -11.036 -1.139  1.00 13.82 ? 2181 GLN M CB  1 
ATOM   59   C CG  . GLN A 1 30  ? -4.732  -12.448 -0.814  1.00 14.44 ? 2181 GLN M CG  1 
ATOM   60   C CD  . GLN A 1 30  ? -5.199  -12.937 0.543   1.00 20.59 ? 2181 GLN M CD  1 
ATOM   61   O OE1 . GLN A 1 30  ? -5.855  -12.205 1.288   1.00 20.09 ? 2181 GLN M OE1 1 
ATOM   62   N NE2 . GLN A 1 30  ? -4.859  -14.186 0.876   1.00 22.16 ? 2181 GLN M NE2 1 
ATOM   63   N N   . ASN A 1 31  ? -6.359  -11.267 -4.092  1.00 14.23 ? 2182 ASN M N   1 
ATOM   64   C CA  . ASN A 1 31  ? -6.944  -12.238 -5.030  1.00 18.08 ? 2182 ASN M CA  1 
ATOM   65   C C   . ASN A 1 31  ? -6.850  -11.880 -6.513  1.00 16.82 ? 2182 ASN M C   1 
ATOM   66   O O   . ASN A 1 31  ? -7.384  -12.600 -7.360  1.00 17.14 ? 2182 ASN M O   1 
ATOM   67   C CB  . ASN A 1 31  ? -8.399  -12.572 -4.652  1.00 16.34 ? 2182 ASN M CB  1 
ATOM   68   C CG  . ASN A 1 31  ? -9.356  -11.400 -4.853  1.00 15.90 ? 2182 ASN M CG  1 
ATOM   69   O OD1 . ASN A 1 31  ? -9.089  -10.477 -5.627  1.00 16.08 ? 2182 ASN M OD1 1 
ATOM   70   N ND2 . ASN A 1 31  ? -10.492 -11.448 -4.164  1.00 21.42 ? 2182 ASN M ND2 1 
ATOM   71   N N   . LYS A 1 32  ? -6.177  -10.767 -6.812  1.00 13.00 ? 2183 LYS M N   1 
ATOM   72   C CA  . LYS A 1 32  ? -5.916  -10.315 -8.187  1.00 11.74 ? 2183 LYS M CA  1 
ATOM   73   C C   . LYS A 1 32  ? -7.114  -9.770  -8.949  1.00 14.48 ? 2183 LYS M C   1 
ATOM   74   O O   . LYS A 1 32  ? -7.032  -9.556  -10.161 1.00 15.93 ? 2183 LYS M O   1 
ATOM   75   C CB  . LYS A 1 32  ? -5.161  -11.371 -9.012  1.00 16.89 ? 2183 LYS M CB  1 
ATOM   76   C CG  . LYS A 1 32  ? -3.648  -11.255 -8.846  1.00 25.72 ? 2183 LYS M CG  1 
ATOM   77   C CD  . LYS A 1 32  ? -2.906  -12.186 -9.796  1.00 30.90 ? 2183 LYS M CD  1 
ATOM   78   C CE  . LYS A 1 32  ? -1.789  -11.463 -10.532 1.00 31.92 ? 2183 LYS M CE  1 
ATOM   79   N NZ  . LYS A 1 32  ? -1.109  -12.346 -11.531 1.00 40.31 ? 2183 LYS M NZ  1 
ATOM   80   N N   . ALA A 1 33  ? -8.200  -9.471  -8.242  1.00 15.35 ? 2184 ALA M N   1 
ATOM   81   C CA  . ALA A 1 33  ? -9.270  -8.690  -8.862  1.00 14.20 ? 2184 ALA M CA  1 
ATOM   82   C C   . ALA A 1 33  ? -8.743  -7.295  -9.236  1.00 16.62 ? 2184 ALA M C   1 
ATOM   83   O O   . ALA A 1 33  ? -9.238  -6.663  -10.179 1.00 19.18 ? 2184 ALA M O   1 
ATOM   84   C CB  . ALA A 1 33  ? -10.477 -8.586  -7.944  1.00 17.22 ? 2184 ALA M CB  1 
ATOM   85   N N   . ILE A 1 34  ? -7.752  -6.813  -8.487  1.00 12.57 ? 2185 ILE M N   1 
ATOM   86   C CA  . ILE A 1 34  ? -6.968  -5.649  -8.902  1.00 12.40 ? 2185 ILE M CA  1 
ATOM   87   C C   . ILE A 1 34  ? -5.763  -6.186  -9.676  1.00 15.89 ? 2185 ILE M C   1 
ATOM   88   O O   . ILE A 1 34  ? -4.924  -6.894  -9.116  1.00 14.60 ? 2185 ILE M O   1 
ATOM   89   C CB  . ILE A 1 34  ? -6.518  -4.800  -7.680  1.00 12.83 ? 2185 ILE M CB  1 
ATOM   90   C CG1 . ILE A 1 34  ? -7.746  -4.194  -6.990  1.00 15.29 ? 2185 ILE M CG1 1 
ATOM   91   C CG2 . ILE A 1 34  ? -5.543  -3.686  -8.099  1.00 14.07 ? 2185 ILE M CG2 1 
ATOM   92   C CD1 . ILE A 1 34  ? -7.467  -3.571  -5.633  1.00 15.25 ? 2185 ILE M CD1 1 
ATOM   93   N N   . SER A 1 35  ? -5.690  -5.882  -10.971 1.00 15.61 ? 2186 SER M N   1 
ATOM   94   C CA  . SER A 1 35  ? -4.644  -6.450  -11.831 1.00 16.02 ? 2186 SER M CA  1 
ATOM   95   C C   . SER A 1 35  ? -3.298  -5.784  -11.598 1.00 16.69 ? 2186 SER M C   1 
ATOM   96   O O   . SER A 1 35  ? -3.228  -4.701  -10.988 1.00 14.89 ? 2186 SER M O   1 
ATOM   97   C CB  . SER A 1 35  ? -5.022  -6.294  -13.301 1.00 21.62 ? 2186 SER M CB  1 
ATOM   98   O OG  . SER A 1 35  ? -4.805  -4.955  -13.708 1.00 23.45 ? 2186 SER M OG  1 
ATOM   99   N N   . ASP A 1 36  ? -2.233  -6.428  -12.084 1.00 16.67 ? 2187 ASP M N   1 
ATOM   100  C CA  . ASP A 1 36  ? -0.878  -5.899  -11.960 1.00 15.16 ? 2187 ASP M CA  1 
ATOM   101  C C   . ASP A 1 36  ? -0.762  -4.475  -12.489 1.00 15.47 ? 2187 ASP M C   1 
ATOM   102  O O   . ASP A 1 36  ? -0.133  -3.625  -11.863 1.00 14.60 ? 2187 ASP M O   1 
ATOM   103  C CB  . ASP A 1 36  ? 0.143   -6.799  -12.688 1.00 18.36 ? 2187 ASP M CB  1 
ATOM   104  C CG  . ASP A 1 36  ? 0.378   -8.124  -11.988 1.00 22.24 ? 2187 ASP M CG  1 
ATOM   105  O OD1 . ASP A 1 36  ? 1.002   -9.023  -12.613 1.00 22.56 ? 2187 ASP M OD1 1 
ATOM   106  O OD2 . ASP A 1 36  ? -0.047  -8.284  -10.821 1.00 18.22 ? 2187 ASP M OD2 1 
ATOM   107  N N   . SER A 1 37  ? -1.392  -4.203  -13.631 1.00 13.41 ? 2188 SER M N   1 
ATOM   108  C CA  A SER A 1 37  ? -1.269  -2.897  -14.269 0.62 14.08 ? 2188 SER M CA  1 
ATOM   109  C CA  B SER A 1 37  ? -1.272  -2.899  -14.278 0.38 14.16 ? 2188 SER M CA  1 
ATOM   110  C C   . SER A 1 37  ? -1.955  -1.774  -13.497 1.00 17.60 ? 2188 SER M C   1 
ATOM   111  O O   . SER A 1 37  ? -1.709  -0.597  -13.761 1.00 17.70 ? 2188 SER M O   1 
ATOM   112  C CB  A SER A 1 37  ? -1.825  -2.955  -15.692 0.62 20.22 ? 2188 SER M CB  1 
ATOM   113  C CB  B SER A 1 37  ? -1.839  -2.955  -15.700 0.38 20.15 ? 2188 SER M CB  1 
ATOM   114  O OG  A SER A 1 37  ? -1.133  -3.936  -16.433 0.62 17.10 ? 2188 SER M OG  1 
ATOM   115  O OG  B SER A 1 37  ? -3.204  -3.324  -15.674 0.38 20.61 ? 2188 SER M OG  1 
ATOM   116  N N   . GLN A 1 38  ? -2.812  -2.130  -12.545 1.00 14.28 ? 2189 GLN M N   1 
ATOM   117  C CA  . GLN A 1 38  ? -3.486  -1.111  -11.727 1.00 14.81 ? 2189 GLN M CA  1 
ATOM   118  C C   . GLN A 1 38  ? -2.636  -0.617  -10.568 1.00 16.45 ? 2189 GLN M C   1 
ATOM   119  O O   . GLN A 1 38  ? -3.004  0.341   -9.887  1.00 14.41 ? 2189 GLN M O   1 
ATOM   120  C CB  . GLN A 1 38  ? -4.799  -1.648  -11.163 1.00 13.16 ? 2189 GLN M CB  1 
ATOM   121  C CG  . GLN A 1 38  ? -5.879  -1.878  -12.217 1.00 16.41 ? 2189 GLN M CG  1 
ATOM   122  C CD  . GLN A 1 38  ? -7.066  -2.663  -11.684 1.00 15.45 ? 2189 GLN M CD  1 
ATOM   123  O OE1 . GLN A 1 38  ? -7.315  -3.799  -12.100 1.00 15.90 ? 2189 GLN M OE1 1 
ATOM   124  N NE2 . GLN A 1 38  ? -7.822  -2.052  -10.770 1.00 15.06 ? 2189 GLN M NE2 1 
ATOM   125  N N   . ILE A 1 39  ? -1.513  -1.282  -10.334 1.00 14.22 ? 2190 ILE M N   1 
ATOM   126  C CA  . ILE A 1 39  ? -0.642  -0.933  -9.215  1.00 14.61 ? 2190 ILE M CA  1 
ATOM   127  C C   . ILE A 1 39  ? 0.658   -0.316  -9.719  1.00 14.78 ? 2190 ILE M C   1 
ATOM   128  O O   . ILE A 1 39  ? 1.378   -0.927  -10.519 1.00 16.59 ? 2190 ILE M O   1 
ATOM   129  C CB  . ILE A 1 39  ? -0.311  -2.170  -8.357  1.00 15.15 ? 2190 ILE M CB  1 
ATOM   130  C CG1 . ILE A 1 39  ? -1.592  -2.914  -7.983  1.00 13.50 ? 2190 ILE M CG1 1 
ATOM   131  C CG2 . ILE A 1 39  ? 0.431   -1.769  -7.089  1.00 15.22 ? 2190 ILE M CG2 1 
ATOM   132  C CD1 . ILE A 1 39  ? -1.338  -4.314  -7.458  1.00 14.59 ? 2190 ILE M CD1 1 
ATOM   133  N N   . THR A 1 40  ? 0.955   0.896   -9.253  1.00 13.33 ? 2191 THR M N   1 
ATOM   134  C CA  . THR A 1 40  ? 2.175   1.601   -9.649  1.00 14.59 ? 2191 THR M CA  1 
ATOM   135  C C   . THR A 1 40  ? 2.853   2.226   -8.418  1.00 14.49 ? 2191 THR M C   1 
ATOM   136  O O   . THR A 1 40  ? 2.345   2.114   -7.304  1.00 16.30 ? 2191 THR M O   1 
ATOM   137  C CB  . THR A 1 40  ? 1.880   2.684   -10.705 1.00 16.93 ? 2191 THR M CB  1 
ATOM   138  O OG1 . THR A 1 40  ? 0.902   3.598   -10.194 1.00 17.18 ? 2191 THR M OG1 1 
ATOM   139  C CG2 . THR A 1 40  ? 1.345   2.054   -11.991 1.00 19.62 ? 2191 THR M CG2 1 
ATOM   140  N N   . ALA A 1 41  ? 4.000   2.876   -8.603  1.00 16.29 ? 2192 ALA M N   1 
ATOM   141  C CA  . ALA A 1 41  ? 4.729   3.431   -7.460  1.00 15.41 ? 2192 ALA M CA  1 
ATOM   142  C C   . ALA A 1 41  ? 5.622   4.567   -7.900  1.00 15.66 ? 2192 ALA M C   1 
ATOM   143  O O   . ALA A 1 41  ? 5.862   4.744   -9.094  1.00 17.35 ? 2192 ALA M O   1 
ATOM   144  C CB  . ALA A 1 41  ? 5.569   2.359   -6.768  1.00 16.37 ? 2192 ALA M CB  1 
ATOM   145  N N   . SER A 1 42  ? 6.116   5.319   -6.922  1.00 16.92 ? 2193 SER M N   1 
ATOM   146  C CA  . SER A 1 42  ? 7.065   6.400   -7.162  1.00 18.16 ? 2193 SER M CA  1 
ATOM   147  C C   . SER A 1 42  ? 8.351   5.863   -7.781  1.00 22.55 ? 2193 SER M C   1 
ATOM   148  O O   . SER A 1 42  ? 8.984   6.532   -8.611  1.00 23.25 ? 2193 SER M O   1 
ATOM   149  C CB  . SER A 1 42  ? 7.383   7.086   -5.844  1.00 17.51 ? 2193 SER M CB  1 
ATOM   150  O OG  . SER A 1 42  ? 7.768   6.133   -4.872  1.00 18.43 ? 2193 SER M OG  1 
ATOM   151  N N   . SER A 1 43  ? 8.730   4.660   -7.362  1.00 18.95 ? 2194 SER M N   1 
ATOM   152  C CA  . SER A 1 43  ? 9.920   3.976   -7.860  1.00 18.17 ? 2194 SER M CA  1 
ATOM   153  C C   . SER A 1 43  ? 9.876   2.552   -7.336  1.00 19.38 ? 2194 SER M C   1 
ATOM   154  O O   . SER A 1 43  ? 9.062   2.235   -6.470  1.00 17.26 ? 2194 SER M O   1 
ATOM   155  C CB  . SER A 1 43  ? 11.187  4.638   -7.321  1.00 19.61 ? 2194 SER M CB  1 
ATOM   156  O OG  . SER A 1 43  ? 11.346  4.355   -5.934  1.00 17.98 ? 2194 SER M OG  1 
ATOM   157  N N   . HIS A 1 44  ? 10.744  1.686   -7.851  1.00 17.46 ? 2195 HIS M N   1 
ATOM   158  C CA  . HIS A 1 44  ? 10.877  0.352   -7.276  1.00 13.94 ? 2195 HIS M CA  1 
ATOM   159  C C   . HIS A 1 44  ? 12.289  -0.205  -7.387  1.00 18.91 ? 2195 HIS M C   1 
ATOM   160  O O   . HIS A 1 44  ? 13.058  0.184   -8.270  1.00 21.14 ? 2195 HIS M O   1 
ATOM   161  C CB  . HIS A 1 44  ? 9.875   -0.641  -7.884  1.00 16.97 ? 2195 HIS M CB  1 
ATOM   162  C CG  . HIS A 1 44  ? 10.069  -0.879  -9.345  1.00 19.78 ? 2195 HIS M CG  1 
ATOM   163  N ND1 . HIS A 1 44  ? 9.518   -0.070  -10.310 1.00 17.57 ? 2195 HIS M ND1 1 
ATOM   164  C CD2 . HIS A 1 44  ? 10.757  -1.845  -10.011 1.00 22.52 ? 2195 HIS M CD2 1 
ATOM   165  C CE1 . HIS A 1 44  ? 9.851   -0.519  -11.510 1.00 25.16 ? 2195 HIS M CE1 1 
ATOM   166  N NE2 . HIS A 1 44  ? 10.605  -1.593  -11.350 1.00 23.88 ? 2195 HIS M NE2 1 
ATOM   167  N N   . LEU A 1 45  ? 12.610  -1.122  -6.487  1.00 15.94 ? 2196 LEU M N   1 
ATOM   168  C CA  . LEU A 1 45  ? 13.955  -1.683  -6.394  1.00 16.98 ? 2196 LEU M CA  1 
ATOM   169  C C   . LEU A 1 45  ? 14.129  -2.797  -7.414  1.00 28.75 ? 2196 LEU M C   1 
ATOM   170  O O   . LEU A 1 45  ? 13.421  -3.808  -7.366  1.00 21.11 ? 2196 LEU M O   1 
ATOM   171  C CB  . LEU A 1 45  ? 14.183  -2.235  -4.989  1.00 19.98 ? 2196 LEU M CB  1 
ATOM   172  C CG  . LEU A 1 45  ? 15.565  -2.793  -4.670  1.00 22.36 ? 2196 LEU M CG  1 
ATOM   173  C CD1 . LEU A 1 45  ? 16.581  -1.698  -4.879  1.00 26.37 ? 2196 LEU M CD1 1 
ATOM   174  C CD2 . LEU A 1 45  ? 15.603  -3.308  -3.241  1.00 24.77 ? 2196 LEU M CD2 1 
ATOM   175  N N   . SER A 1 46  ? 15.072  -2.606  -8.337  1.00 33.34 ? 2197 SER M N   1 
ATOM   176  C CA  . SER A 1 46  ? 15.357  -3.598  -9.373  1.00 37.51 ? 2197 SER M CA  1 
ATOM   177  C C   . SER A 1 46  ? 16.835  -3.618  -9.751  1.00 48.00 ? 2197 SER M C   1 
ATOM   178  O O   . SER A 1 46  ? 17.432  -2.582  -10.063 1.00 45.89 ? 2197 SER M O   1 
ATOM   179  C CB  . SER A 1 46  ? 14.497  -3.360  -10.616 1.00 33.30 ? 2197 SER M CB  1 
ATOM   180  O OG  . SER A 1 46  ? 14.936  -2.222  -11.337 1.00 43.26 ? 2197 SER M OG  1 
ATOM   181  N N   . ASN A 1 47  ? 17.405  -4.818  -9.711  1.00 45.34 ? 2198 ASN M N   1 
ATOM   182  C CA  . ASN A 1 47  ? 18.798  -5.077  -10.063 1.00 52.47 ? 2198 ASN M CA  1 
ATOM   183  C C   . ASN A 1 47  ? 18.845  -6.454  -10.727 1.00 53.04 ? 2198 ASN M C   1 
ATOM   184  O O   . ASN A 1 47  ? 17.837  -7.156  -10.729 1.00 50.79 ? 2198 ASN M O   1 
ATOM   185  C CB  . ASN A 1 47  ? 19.664  -5.047  -8.809  1.00 46.35 ? 2198 ASN M CB  1 
ATOM   186  C CG  . ASN A 1 47  ? 18.959  -5.647  -7.611  1.00 48.77 ? 2198 ASN M CG  1 
ATOM   187  O OD1 . ASN A 1 47  ? 18.878  -6.869  -7.473  1.00 45.69 ? 2198 ASN M OD1 1 
ATOM   188  N ND2 . ASN A 1 47  ? 18.428  -4.791  -6.747  1.00 49.14 ? 2198 ASN M ND2 1 
ATOM   189  N N   . ILE A 1 48  ? 19.995  -6.856  -11.262 1.00 53.08 ? 2199 ILE M N   1 
ATOM   190  C CA  . ILE A 1 48  ? 20.048  -7.978  -12.219 1.00 51.02 ? 2199 ILE M CA  1 
ATOM   191  C C   . ILE A 1 48  ? 19.501  -9.359  -11.781 1.00 45.01 ? 2199 ILE M C   1 
ATOM   192  O O   . ILE A 1 48  ? 19.385  -10.269 -12.602 1.00 40.69 ? 2199 ILE M O   1 
ATOM   193  C CB  . ILE A 1 48  ? 21.460  -8.134  -12.844 1.00 54.85 ? 2199 ILE M CB  1 
ATOM   194  C CG1 . ILE A 1 48  ? 21.376  -8.773  -14.238 1.00 49.83 ? 2199 ILE M CG1 1 
ATOM   195  C CG2 . ILE A 1 48  ? 22.360  -8.945  -11.926 1.00 48.99 ? 2199 ILE M CG2 1 
ATOM   196  C CD1 . ILE A 1 48  ? 20.161  -8.346  -15.063 1.00 50.64 ? 2199 ILE M CD1 1 
ATOM   197  N N   . PHE A 1 49  ? 19.143  -9.525  -10.515 1.00 46.16 ? 2200 PHE M N   1 
ATOM   198  C CA  . PHE A 1 49  ? 18.432  -10.744 -10.134 1.00 43.46 ? 2200 PHE M CA  1 
ATOM   199  C C   . PHE A 1 49  ? 17.004  -10.475 -9.683  1.00 47.99 ? 2200 PHE M C   1 
ATOM   200  O O   . PHE A 1 49  ? 16.102  -11.272 -9.947  1.00 53.31 ? 2200 PHE M O   1 
ATOM   201  C CB  . PHE A 1 49  ? 19.189  -11.527 -9.060  1.00 59.90 ? 2200 PHE M CB  1 
ATOM   202  C CG  . PHE A 1 49  ? 20.073  -12.600 -9.617  1.00 59.24 ? 2200 PHE M CG  1 
ATOM   203  C CD1 . PHE A 1 49  ? 19.799  -13.162 -10.857 1.00 47.86 ? 2200 PHE M CD1 1 
ATOM   204  C CD2 . PHE A 1 49  ? 21.182  -13.044 -8.914  1.00 55.77 ? 2200 PHE M CD2 1 
ATOM   205  C CE1 . PHE A 1 49  ? 20.613  -14.145 -11.381 1.00 47.48 ? 2200 PHE M CE1 1 
ATOM   206  C CE2 . PHE A 1 49  ? 21.999  -14.028 -9.432  1.00 49.93 ? 2200 PHE M CE2 1 
ATOM   207  C CZ  . PHE A 1 49  ? 21.715  -14.576 -10.666 1.00 56.50 ? 2200 PHE M CZ  1 
ATOM   208  N N   . ALA A 1 50  ? 16.801  -9.335  -9.030  1.00 54.22 ? 2201 ALA M N   1 
ATOM   209  C CA  . ALA A 1 50  ? 15.556  -9.088  -8.312  1.00 40.64 ? 2201 ALA M CA  1 
ATOM   210  C C   . ALA A 1 50  ? 14.798  -7.860  -8.800  1.00 32.80 ? 2201 ALA M C   1 
ATOM   211  O O   . ALA A 1 50  ? 15.402  -6.823  -9.088  1.00 44.43 ? 2201 ALA M O   1 
ATOM   212  C CB  . ALA A 1 50  ? 15.845  -8.961  -6.813  1.00 44.65 ? 2201 ALA M CB  1 
ATOM   213  N N   . THR A 1 51  ? 13.475  -7.975  -8.884  1.00 34.16 ? 2202 THR M N   1 
ATOM   214  C CA  . THR A 1 51  ? 12.626  -6.789  -8.989  1.00 24.94 ? 2202 THR M CA  1 
ATOM   215  C C   . THR A 1 51  ? 11.459  -6.846  -7.987  1.00 21.35 ? 2202 THR M C   1 
ATOM   216  O O   . THR A 1 51  ? 10.598  -7.731  -8.043  1.00 25.56 ? 2202 THR M O   1 
ATOM   217  C CB  . THR A 1 51  ? 12.147  -6.502  -10.445 1.00 32.85 ? 2202 THR M CB  1 
ATOM   218  O OG1 . THR A 1 51  ? 11.425  -5.264  -10.486 1.00 31.55 ? 2202 THR M OG1 1 
ATOM   219  C CG2 . THR A 1 51  ? 11.262  -7.611  -10.976 1.00 34.04 ? 2202 THR M CG2 1 
ATOM   220  N N   . TRP A 1 52  ? 11.468  -5.901  -7.049  1.00 18.63 ? 2203 TRP M N   1 
ATOM   221  C CA  . TRP A 1 52  ? 10.406  -5.776  -6.057  1.00 17.74 ? 2203 TRP M CA  1 
ATOM   222  C C   . TRP A 1 52  ? 9.357   -4.821  -6.619  1.00 17.05 ? 2203 TRP M C   1 
ATOM   223  O O   . TRP A 1 52  ? 9.192   -3.692  -6.146  1.00 16.82 ? 2203 TRP M O   1 
ATOM   224  C CB  . TRP A 1 52  ? 10.980  -5.234  -4.746  1.00 14.11 ? 2203 TRP M CB  1 
ATOM   225  C CG  . TRP A 1 52  ? 12.066  -6.102  -4.147  1.00 15.85 ? 2203 TRP M CG  1 
ATOM   226  C CD1 . TRP A 1 52  ? 13.399  -6.087  -4.459  1.00 19.17 ? 2203 TRP M CD1 1 
ATOM   227  C CD2 . TRP A 1 52  ? 11.908  -7.085  -3.113  1.00 18.20 ? 2203 TRP M CD2 1 
ATOM   228  N NE1 . TRP A 1 52  ? 14.077  -7.011  -3.686  1.00 17.99 ? 2203 TRP M NE1 1 
ATOM   229  C CE2 . TRP A 1 52  ? 13.185  -7.628  -2.849  1.00 19.08 ? 2203 TRP M CE2 1 
ATOM   230  C CE3 . TRP A 1 52  ? 10.810  -7.556  -2.381  1.00 17.93 ? 2203 TRP M CE3 1 
ATOM   231  C CZ2 . TRP A 1 52  ? 13.388  -8.625  -1.890  1.00 21.13 ? 2203 TRP M CZ2 1 
ATOM   232  C CZ3 . TRP A 1 52  ? 11.015  -8.539  -1.430  1.00 19.89 ? 2203 TRP M CZ3 1 
ATOM   233  C CH2 . TRP A 1 52  ? 12.295  -9.066  -1.194  1.00 17.83 ? 2203 TRP M CH2 1 
ATOM   234  N N   . SER A 1 53  ? 8.645   -5.300  -7.638  1.00 13.72 ? 2204 SER M N   1 
ATOM   235  C CA  A SER A 1 53  ? 7.748   -4.444  -8.413  0.34 15.66 ? 2204 SER M CA  1 
ATOM   236  C CA  B SER A 1 53  ? 7.727   -4.474  -8.423  0.66 15.64 ? 2204 SER M CA  1 
ATOM   237  C C   . SER A 1 53  ? 6.532   -3.987  -7.609  1.00 13.21 ? 2204 SER M C   1 
ATOM   238  O O   . SER A 1 53  ? 6.148   -4.622  -6.635  1.00 15.00 ? 2204 SER M O   1 
ATOM   239  C CB  A SER A 1 53  ? 7.299   -5.160  -9.691  0.34 18.07 ? 2204 SER M CB  1 
ATOM   240  C CB  B SER A 1 53  ? 7.206   -5.280  -9.615  0.66 17.98 ? 2204 SER M CB  1 
ATOM   241  O OG  A SER A 1 53  ? 6.483   -6.274  -9.397  0.34 20.40 ? 2204 SER M OG  1 
ATOM   242  O OG  B SER A 1 53  ? 8.246   -6.040  -10.205 0.66 20.22 ? 2204 SER M OG  1 
ATOM   243  N N   . PRO A 1 54  ? 5.923   -2.869  -8.023  1.00 14.56 ? 2205 PRO M N   1 
ATOM   244  C CA  . PRO A 1 54  ? 4.724   -2.404  -7.311  1.00 13.69 ? 2205 PRO M CA  1 
ATOM   245  C C   . PRO A 1 54  ? 3.641   -3.488  -7.244  1.00 14.76 ? 2205 PRO M C   1 
ATOM   246  O O   . PRO A 1 54  ? 2.973   -3.606  -6.210  1.00 15.00 ? 2205 PRO M O   1 
ATOM   247  C CB  . PRO A 1 54  ? 4.249   -1.231  -8.170  1.00 13.43 ? 2205 PRO M CB  1 
ATOM   248  C CG  . PRO A 1 54  ? 5.538   -0.680  -8.739  1.00 15.60 ? 2205 PRO M CG  1 
ATOM   249  C CD  . PRO A 1 54  ? 6.341   -1.912  -9.068  1.00 15.99 ? 2205 PRO M CD  1 
ATOM   250  N N   . SER A 1 55  ? 3.489   -4.286  -8.304  1.00 13.41 ? 2206 SER M N   1 
ATOM   251  C CA  . SER A 1 55  ? 2.442   -5.306  -8.321  1.00 15.12 ? 2206 SER M CA  1 
ATOM   252  C C   . SER A 1 55  ? 2.718   -6.512  -7.416  1.00 14.16 ? 2206 SER M C   1 
ATOM   253  O O   . SER A 1 55  ? 1.893   -7.420  -7.332  1.00 14.50 ? 2206 SER M O   1 
ATOM   254  C CB  . SER A 1 55  ? 2.128   -5.756  -9.752  1.00 17.07 ? 2206 SER M CB  1 
ATOM   255  O OG  . SER A 1 55  ? 3.283   -6.274  -10.392 1.00 19.74 ? 2206 SER M OG  1 
ATOM   256  N N   . GLN A 1 56  ? 3.863   -6.512  -6.731  1.00 13.72 ? 2207 GLN M N   1 
ATOM   257  C CA  . GLN A 1 56  ? 4.145   -7.529  -5.717  1.00 12.77 ? 2207 GLN M CA  1 
ATOM   258  C C   . GLN A 1 56  ? 3.584   -7.135  -4.345  1.00 12.83 ? 2207 GLN M C   1 
ATOM   259  O O   . GLN A 1 56  ? 3.723   -7.894  -3.383  1.00 13.20 ? 2207 GLN M O   1 
ATOM   260  C CB  . GLN A 1 56  ? 5.658   -7.779  -5.595  1.00 14.23 ? 2207 GLN M CB  1 
ATOM   261  C CG  . GLN A 1 56  ? 6.299   -8.445  -6.814  1.00 17.03 ? 2207 GLN M CG  1 
ATOM   262  C CD  . GLN A 1 56  ? 5.803   -9.855  -7.026  1.00 19.98 ? 2207 GLN M CD  1 
ATOM   263  O OE1 . GLN A 1 56  ? 4.794   -10.079 -7.698  1.00 19.84 ? 2207 GLN M OE1 1 
ATOM   264  N NE2 . GLN A 1 56  ? 6.506   -10.821 -6.440  1.00 19.23 ? 2207 GLN M NE2 1 
ATOM   265  N N   . ALA A 1 57  ? 2.943   -5.970  -4.261  1.00 12.70 ? 2208 ALA M N   1 
ATOM   266  C CA  . ALA A 1 57  ? 2.466   -5.452  -2.972  1.00 11.34 ? 2208 ALA M CA  1 
ATOM   267  C C   . ALA A 1 57  ? 1.118   -6.032  -2.580  1.00 12.33 ? 2208 ALA M C   1 
ATOM   268  O O   . ALA A 1 57  ? 0.188   -5.292  -2.252  1.00 15.03 ? 2208 ALA M O   1 
ATOM   269  C CB  . ALA A 1 57  ? 2.379   -3.945  -3.017  1.00 15.66 ? 2208 ALA M CB  1 
ATOM   270  N N   . ARG A 1 58  ? 1.026   -7.359  -2.591  1.00 12.54 ? 2209 ARG M N   1 
ATOM   271  C CA  . ARG A 1 58  ? -0.239  -8.041  -2.365  1.00 14.46 ? 2209 ARG M CA  1 
ATOM   272  C C   . ARG A 1 58  ? -0.239  -8.786  -1.039  1.00 13.52 ? 2209 ARG M C   1 
ATOM   273  O O   . ARG A 1 58  ? 0.684   -9.551  -0.749  1.00 12.55 ? 2209 ARG M O   1 
ATOM   274  C CB  . ARG A 1 58  ? -0.519  -8.998  -3.522  1.00 13.07 ? 2209 ARG M CB  1 
ATOM   275  C CG  . ARG A 1 58  ? -0.605  -8.295  -4.876  1.00 13.78 ? 2209 ARG M CG  1 
ATOM   276  C CD  . ARG A 1 58  ? -0.970  -9.288  -5.953  1.00 15.24 ? 2209 ARG M CD  1 
ATOM   277  N NE  . ARG A 1 58  ? -1.019  -8.662  -7.273  1.00 13.56 ? 2209 ARG M NE  1 
ATOM   278  C CZ  . ARG A 1 58  ? -2.092  -8.068  -7.786  1.00 16.88 ? 2209 ARG M CZ  1 
ATOM   279  N NH1 . ARG A 1 58  ? -3.216  -7.981  -7.082  1.00 14.38 ? 2209 ARG M NH1 1 
ATOM   280  N NH2 . ARG A 1 58  ? -2.026  -7.543  -9.000  1.00 15.15 ? 2209 ARG M NH2 1 
ATOM   281  N N   . LEU A 1 59  ? -1.278  -8.557  -0.235  1.00 13.60 ? 2210 LEU M N   1 
ATOM   282  C CA  . LEU A 1 59  ? -1.374  -9.171  1.093   1.00 14.57 ? 2210 LEU M CA  1 
ATOM   283  C C   . LEU A 1 59  ? -1.187  -10.679 1.020   1.00 15.75 ? 2210 LEU M C   1 
ATOM   284  O O   . LEU A 1 59  ? -1.786  -11.353 0.171   1.00 15.50 ? 2210 LEU M O   1 
ATOM   285  C CB  . LEU A 1 59  ? -2.725  -8.850  1.758   1.00 16.93 ? 2210 LEU M CB  1 
ATOM   286  C CG  . LEU A 1 59  ? -2.706  -8.845  3.294   1.00 13.80 ? 2210 LEU M CG  1 
ATOM   287  C CD1 . LEU A 1 59  ? -1.972  -7.611  3.839   1.00 15.75 ? 2210 LEU M CD1 1 
ATOM   288  C CD2 . LEU A 1 59  ? -4.118  -8.896  3.849   1.00 15.73 ? 2210 LEU M CD2 1 
ATOM   289  N N   . HIS A 1 60  ? -0.309  -11.182 1.890   1.00 14.68 ? 2211 HIS M N   1 
ATOM   290  C CA  . HIS A 1 60  ? -0.036  -12.616 2.063   1.00 15.90 ? 2211 HIS M CA  1 
ATOM   291  C C   . HIS A 1 60  ? 0.758   -13.259 0.923   1.00 16.55 ? 2211 HIS M C   1 
ATOM   292  O O   . HIS A 1 60  ? 0.989   -14.471 0.939   1.00 15.75 ? 2211 HIS M O   1 
ATOM   293  C CB  . HIS A 1 60  ? -1.323  -13.416 2.347   1.00 16.03 ? 2211 HIS M CB  1 
ATOM   294  C CG  . HIS A 1 60  ? -2.070  -12.954 3.565   1.00 16.44 ? 2211 HIS M CG  1 
ATOM   295  N ND1 . HIS A 1 60  ? -1.520  -12.983 4.832   1.00 22.70 ? 2211 HIS M ND1 1 
ATOM   296  C CD2 . HIS A 1 60  ? -3.321  -12.460 3.713   1.00 19.85 ? 2211 HIS M CD2 1 
ATOM   297  C CE1 . HIS A 1 60  ? -2.398  -12.513 5.702   1.00 20.71 ? 2211 HIS M CE1 1 
ATOM   298  N NE2 . HIS A 1 60  ? -3.500  -12.189 5.051   1.00 18.98 ? 2211 HIS M NE2 1 
ATOM   299  N N   . LEU A 1 61  ? 1.216   -12.461 -0.039  1.00 13.28 ? 2212 LEU M N   1 
ATOM   300  C CA  . LEU A 1 61  ? 1.963   -13.019 -1.174  1.00 14.36 ? 2212 LEU M CA  1 
ATOM   301  C C   . LEU A 1 61  ? 3.262   -13.668 -0.715  1.00 15.48 ? 2212 LEU M C   1 
ATOM   302  O O   . LEU A 1 61  ? 3.986   -13.106 0.113   1.00 14.57 ? 2212 LEU M O   1 
ATOM   303  C CB  . LEU A 1 61  ? 2.278   -11.933 -2.208  1.00 13.74 ? 2212 LEU M CB  1 
ATOM   304  C CG  . LEU A 1 61  ? 3.043   -12.354 -3.468  1.00 12.89 ? 2212 LEU M CG  1 
ATOM   305  C CD1 . LEU A 1 61  ? 2.187   -13.264 -4.337  1.00 14.04 ? 2212 LEU M CD1 1 
ATOM   306  C CD2 . LEU A 1 61  ? 3.460   -11.092 -4.232  1.00 16.67 ? 2212 LEU M CD2 1 
ATOM   307  N N   . GLN A 1 62  ? 3.540   -14.863 -1.240  1.00 13.68 ? 2213 GLN M N   1 
ATOM   308  C CA  . GLN A 1 62  ? 4.797   -15.559 -0.988  1.00 15.91 ? 2213 GLN M CA  1 
ATOM   309  C C   . GLN A 1 62  ? 5.564   -15.732 -2.296  1.00 16.14 ? 2213 GLN M C   1 
ATOM   310  O O   . GLN A 1 62  ? 5.315   -15.016 -3.263  1.00 17.45 ? 2213 GLN M O   1 
ATOM   311  C CB  . GLN A 1 62  ? 4.560   -16.915 -0.310  1.00 16.08 ? 2213 GLN M CB  1 
ATOM   312  C CG  . GLN A 1 62  ? 3.935   -16.795 1.078   1.00 19.22 ? 2213 GLN M CG  1 
ATOM   313  C CD  . GLN A 1 62  ? 4.845   -16.083 2.072   1.00 26.90 ? 2213 GLN M CD  1 
ATOM   314  O OE1 . GLN A 1 62  ? 6.069   -16.096 1.935   1.00 31.91 ? 2213 GLN M OE1 1 
ATOM   315  N NE2 . GLN A 1 62  ? 4.244   -15.449 3.071   1.00 30.55 ? 2213 GLN M NE2 1 
ATOM   316  N N   . GLY A 1 63  ? 6.513   -16.657 -2.334  1.00 18.23 ? 2214 GLY M N   1 
ATOM   317  C CA  . GLY A 1 63  ? 7.360   -16.759 -3.510  1.00 21.09 ? 2214 GLY M CA  1 
ATOM   318  C C   . GLY A 1 63  ? 8.458   -15.704 -3.508  1.00 21.93 ? 2214 GLY M C   1 
ATOM   319  O O   . GLY A 1 63  ? 8.672   -15.029 -2.501  1.00 20.43 ? 2214 GLY M O   1 
ATOM   320  N N   . ARG A 1 64  ? 9.145   -15.546 -4.637  1.00 20.40 ? 2215 ARG M N   1 
ATOM   321  C CA  A ARG A 1 64  ? 10.296  -14.648 -4.722  0.56 23.12 ? 2215 ARG M CA  1 
ATOM   322  C CA  B ARG A 1 64  ? 10.302  -14.649 -4.708  0.44 23.15 ? 2215 ARG M CA  1 
ATOM   323  C C   . ARG A 1 64  ? 9.930   -13.169 -4.763  1.00 19.30 ? 2215 ARG M C   1 
ATOM   324  O O   . ARG A 1 64  ? 8.895   -12.806 -5.319  1.00 22.06 ? 2215 ARG M O   1 
ATOM   325  C CB  A ARG A 1 64  ? 11.146  -15.014 -5.934  0.56 28.14 ? 2215 ARG M CB  1 
ATOM   326  C CB  B ARG A 1 64  ? 11.181  -15.001 -5.906  0.44 28.16 ? 2215 ARG M CB  1 
ATOM   327  C CG  A ARG A 1 64  ? 11.975  -16.241 -5.660  0.56 33.46 ? 2215 ARG M CG  1 
ATOM   328  C CG  B ARG A 1 64  ? 11.940  -16.303 -5.743  0.44 33.50 ? 2215 ARG M CG  1 
ATOM   329  C CD  A ARG A 1 64  ? 12.271  -17.075 -6.882  0.56 38.74 ? 2215 ARG M CD  1 
ATOM   330  C CD  B ARG A 1 64  ? 12.536  -16.748 -7.063  0.44 38.17 ? 2215 ARG M CD  1 
ATOM   331  N NE  A ARG A 1 64  ? 12.840  -18.347 -6.451  0.56 34.69 ? 2215 ARG M NE  1 
ATOM   332  N NE  B ARG A 1 64  ? 11.499  -17.179 -7.991  0.44 30.39 ? 2215 ARG M NE  1 
ATOM   333  C CZ  A ARG A 1 64  ? 12.164  -19.490 -6.378  0.56 39.98 ? 2215 ARG M CZ  1 
ATOM   334  C CZ  B ARG A 1 64  ? 10.933  -18.383 -7.972  0.44 36.11 ? 2215 ARG M CZ  1 
ATOM   335  N NH1 A ARG A 1 64  ? 10.891  -19.536 -6.745  0.56 38.01 ? 2215 ARG M NH1 1 
ATOM   336  N NH1 B ARG A 1 64  ? 11.298  -19.282 -7.067  0.44 37.68 ? 2215 ARG M NH1 1 
ATOM   337  N NH2 A ARG A 1 64  ? 12.766  -20.596 -5.957  0.56 40.06 ? 2215 ARG M NH2 1 
ATOM   338  N NH2 B ARG A 1 64  ? 9.993   -18.685 -8.855  0.44 31.70 ? 2215 ARG M NH2 1 
ATOM   339  N N   . THR A 1 65  ? 10.804  -12.339 -4.184  1.00 18.67 ? 2216 THR M N   1 
ATOM   340  C CA  . THR A 1 65  ? 10.654  -10.872 -4.125  1.00 18.70 ? 2216 THR M CA  1 
ATOM   341  C C   . THR A 1 65  ? 9.204   -10.446 -3.913  1.00 15.10 ? 2216 THR M C   1 
ATOM   342  O O   . THR A 1 65  ? 8.638   -9.688  -4.717  1.00 17.75 ? 2216 THR M O   1 
ATOM   343  C CB  . THR A 1 65  ? 11.239  -10.160 -5.376  1.00 23.26 ? 2216 THR M CB  1 
ATOM   344  O OG1 . THR A 1 65  ? 10.611  -10.657 -6.562  1.00 25.54 ? 2216 THR M OG1 1 
ATOM   345  C CG2 . THR A 1 65  ? 12.736  -10.397 -5.475  1.00 26.54 ? 2216 THR M CG2 1 
ATOM   346  N N   . ASN A 1 66  ? 8.620   -10.934 -2.820  1.00 16.63 ? 2217 ASN M N   1 
ATOM   347  C CA  . ASN A 1 66  ? 7.180   -10.850 -2.589  1.00 16.37 ? 2217 ASN M CA  1 
ATOM   348  C C   . ASN A 1 66  ? 6.700   -9.586  -1.861  1.00 15.97 ? 2217 ASN M C   1 
ATOM   349  O O   . ASN A 1 66  ? 5.944   -9.677  -0.890  1.00 15.91 ? 2217 ASN M O   1 
ATOM   350  C CB  . ASN A 1 66  ? 6.720   -12.091 -1.812  1.00 14.11 ? 2217 ASN M CB  1 
ATOM   351  C CG  . ASN A 1 66  ? 7.530   -12.320 -0.537  1.00 17.41 ? 2217 ASN M CG  1 
ATOM   352  O OD1 . ASN A 1 66  ? 8.752   -12.093 -0.500  1.00 17.07 ? 2217 ASN M OD1 1 
ATOM   353  N ND2 . ASN A 1 66  ? 6.854   -12.773 0.518   1.00 15.90 ? 2217 ASN M ND2 1 
ATOM   354  N N   . ALA A 1 67  ? 7.138   -8.415  -2.326  1.00 14.42 ? 2218 ALA M N   1 
ATOM   355  C CA  . ALA A 1 67  ? 6.640   -7.142  -1.803  1.00 13.51 ? 2218 ALA M CA  1 
ATOM   356  C C   . ALA A 1 67  ? 7.058   -6.033  -2.746  1.00 13.46 ? 2218 ALA M C   1 
ATOM   357  O O   . ALA A 1 67  ? 7.969   -6.213  -3.552  1.00 15.36 ? 2218 ALA M O   1 
ATOM   358  C CB  . ALA A 1 67  ? 7.211   -6.880  -0.412  1.00 14.12 ? 2218 ALA M CB  1 
ATOM   359  N N   . TRP A 1 68  ? 6.401   -4.882  -2.657  1.00 12.99 ? 2219 TRP M N   1 
ATOM   360  C CA  . TRP A 1 68  ? 6.972   -3.690  -3.270  1.00 11.80 ? 2219 TRP M CA  1 
ATOM   361  C C   . TRP A 1 68  ? 8.061   -3.092  -2.376  1.00 15.81 ? 2219 TRP M C   1 
ATOM   362  O O   . TRP A 1 68  ? 7.881   -2.968  -1.162  1.00 13.93 ? 2219 TRP M O   1 
ATOM   363  C CB  . TRP A 1 68  ? 5.900   -2.625  -3.501  1.00 12.68 ? 2219 TRP M CB  1 
ATOM   364  C CG  . TRP A 1 68  ? 6.491   -1.285  -3.857  1.00 12.24 ? 2219 TRP M CG  1 
ATOM   365  C CD1 . TRP A 1 68  ? 7.127   -0.955  -5.017  1.00 11.45 ? 2219 TRP M CD1 1 
ATOM   366  C CD2 . TRP A 1 68  ? 6.479   -0.093  -3.052  1.00 15.24 ? 2219 TRP M CD2 1 
ATOM   367  N NE1 . TRP A 1 68  ? 7.505   0.369   -4.991  1.00 14.10 ? 2219 TRP M NE1 1 
ATOM   368  C CE2 . TRP A 1 68  ? 7.123   0.919   -3.796  1.00 16.79 ? 2219 TRP M CE2 1 
ATOM   369  C CE3 . TRP A 1 68  ? 5.981   0.218   -1.780  1.00 13.91 ? 2219 TRP M CE3 1 
ATOM   370  C CZ2 . TRP A 1 68  ? 7.282   2.224   -3.314  1.00 14.86 ? 2219 TRP M CZ2 1 
ATOM   371  C CZ3 . TRP A 1 68  ? 6.144   1.515   -1.295  1.00 14.35 ? 2219 TRP M CZ3 1 
ATOM   372  C CH2 . TRP A 1 68  ? 6.790   2.502   -2.061  1.00 17.00 ? 2219 TRP M CH2 1 
ATOM   373  N N   . ARG A 1 69  ? 9.187   -2.719  -2.975  1.00 12.65 ? 2220 ARG M N   1 
ATOM   374  C CA  . ARG A 1 69  ? 10.196  -1.904  -2.296  1.00 15.63 ? 2220 ARG M CA  1 
ATOM   375  C C   . ARG A 1 69  ? 10.564  -0.769  -3.237  1.00 14.85 ? 2220 ARG M C   1 
ATOM   376  O O   . ARG A 1 69  ? 10.737  -1.002  -4.432  1.00 15.45 ? 2220 ARG M O   1 
ATOM   377  C CB  . ARG A 1 69  ? 11.443  -2.743  -1.969  1.00 16.01 ? 2220 ARG M CB  1 
ATOM   378  C CG  . ARG A 1 69  ? 11.189  -3.897  -0.996  1.00 15.22 ? 2220 ARG M CG  1 
ATOM   379  C CD  . ARG A 1 69  ? 12.436  -4.743  -0.780  1.00 16.49 ? 2220 ARG M CD  1 
ATOM   380  N NE  . ARG A 1 69  ? 13.545  -3.940  -0.281  1.00 18.18 ? 2220 ARG M NE  1 
ATOM   381  C CZ  . ARG A 1 69  ? 14.760  -4.429  -0.066  1.00 22.94 ? 2220 ARG M CZ  1 
ATOM   382  N NH1 . ARG A 1 69  ? 14.996  -5.706  -0.312  1.00 24.71 ? 2220 ARG M NH1 1 
ATOM   383  N NH2 . ARG A 1 69  ? 15.734  -3.646  0.386   1.00 24.26 ? 2220 ARG M NH2 1 
ATOM   384  N N   . PRO A 1 70  ? 10.660  0.471   -2.719  1.00 14.62 ? 2221 PRO M N   1 
ATOM   385  C CA  . PRO A 1 70  ? 11.077  1.589   -3.578  1.00 15.29 ? 2221 PRO M CA  1 
ATOM   386  C C   . PRO A 1 70  ? 12.569  1.480   -3.881  1.00 20.14 ? 2221 PRO M C   1 
ATOM   387  O O   . PRO A 1 70  ? 13.251  0.705   -3.209  1.00 18.44 ? 2221 PRO M O   1 
ATOM   388  C CB  . PRO A 1 70  ? 10.795  2.824   -2.711  1.00 14.13 ? 2221 PRO M CB  1 
ATOM   389  C CG  . PRO A 1 70  ? 10.919  2.313   -1.293  1.00 15.67 ? 2221 PRO M CG  1 
ATOM   390  C CD  . PRO A 1 70  ? 10.344  0.910   -1.349  1.00 16.25 ? 2221 PRO M CD  1 
ATOM   391  N N   . ARG A 1 71  ? 13.057  2.219   -4.877  1.00 18.11 ? 2222 ARG M N   1 
ATOM   392  C CA  . ARG A 1 71  ? 14.471  2.127   -5.255  1.00 19.83 ? 2222 ARG M CA  1 
ATOM   393  C C   . ARG A 1 71  ? 15.362  2.519   -4.078  1.00 27.68 ? 2222 ARG M C   1 
ATOM   394  O O   . ARG A 1 71  ? 16.393  1.890   -3.820  1.00 23.26 ? 2222 ARG M O   1 
ATOM   395  C CB  . ARG A 1 71  ? 14.759  3.022   -6.464  1.00 23.90 ? 2222 ARG M CB  1 
ATOM   396  C CG  . ARG A 1 71  ? 16.240  3.118   -6.851  1.00 37.54 ? 2222 ARG M CG  1 
ATOM   397  C CD  . ARG A 1 71  ? 16.491  4.260   -7.846  1.00 43.69 ? 2222 ARG M CD  1 
ATOM   398  N NE  . ARG A 1 71  ? 16.817  5.527   -7.191  1.00 50.71 ? 2222 ARG M NE  1 
ATOM   399  C CZ  . ARG A 1 71  ? 18.046  5.887   -6.826  1.00 44.42 ? 2222 ARG M CZ  1 
ATOM   400  N NH1 . ARG A 1 71  ? 18.250  7.057   -6.239  1.00 45.47 ? 2222 ARG M NH1 1 
ATOM   401  N NH2 . ARG A 1 71  ? 19.075  5.074   -7.041  1.00 50.54 ? 2222 ARG M NH2 1 
ATOM   402  N N   . VAL A 1 72  ? 14.963  3.570   -3.368  1.00 23.83 ? 2223 VAL M N   1 
ATOM   403  C CA  . VAL A 1 72  ? 15.615  3.935   -2.114  1.00 23.05 ? 2223 VAL M CA  1 
ATOM   404  C C   . VAL A 1 72  ? 14.543  4.254   -1.086  1.00 20.75 ? 2223 VAL M C   1 
ATOM   405  O O   . VAL A 1 72  ? 13.434  4.661   -1.445  1.00 22.38 ? 2223 VAL M O   1 
ATOM   406  C CB  . VAL A 1 72  ? 16.546  5.156   -2.264  1.00 30.56 ? 2223 VAL M CB  1 
ATOM   407  C CG1 . VAL A 1 72  ? 17.742  4.815   -3.129  1.00 37.39 ? 2223 VAL M CG1 1 
ATOM   408  C CG2 . VAL A 1 72  ? 15.791  6.331   -2.846  1.00 31.15 ? 2223 VAL M CG2 1 
ATOM   409  N N   . SER A 1 73  ? 14.864  4.054   0.185   1.00 19.85 ? 2224 SER M N   1 
ATOM   410  C CA  . SER A 1 73  ? 13.906  4.331   1.248   1.00 19.73 ? 2224 SER M CA  1 
ATOM   411  C C   . SER A 1 73  ? 14.000  5.792   1.706   1.00 23.08 ? 2224 SER M C   1 
ATOM   412  O O   . SER A 1 73  ? 14.953  6.183   2.382   1.00 31.25 ? 2224 SER M O   1 
ATOM   413  C CB  . SER A 1 73  ? 14.103  3.367   2.420   1.00 21.99 ? 2224 SER M CB  1 
ATOM   414  O OG  . SER A 1 73  ? 13.793  2.028   2.029   1.00 22.53 ? 2224 SER M OG  1 
ATOM   415  N N   . SER A 1 74  ? 13.017  6.590   1.304   1.00 22.77 ? 2225 SER M N   1 
ATOM   416  C CA  . SER A 1 74  ? 12.903  7.982   1.739   1.00 22.50 ? 2225 SER M CA  1 
ATOM   417  C C   . SER A 1 74  ? 11.458  8.241   2.130   1.00 28.16 ? 2225 SER M C   1 
ATOM   418  O O   . SER A 1 74  ? 10.613  7.351   2.013   1.00 26.78 ? 2225 SER M O   1 
ATOM   419  C CB  . SER A 1 74  ? 13.300  8.936   0.615   1.00 29.86 ? 2225 SER M CB  1 
ATOM   420  O OG  . SER A 1 74  ? 12.301  8.983   -0.395  1.00 26.57 ? 2225 SER M OG  1 
ATOM   421  N N   . ALA A 1 75  ? 11.164  9.457   2.584   1.00 23.33 ? 2226 ALA M N   1 
ATOM   422  C CA  . ALA A 1 75  ? 9.791   9.820   2.927   1.00 23.38 ? 2226 ALA M CA  1 
ATOM   423  C C   . ALA A 1 75  ? 9.045   10.427  1.740   1.00 23.68 ? 2226 ALA M C   1 
ATOM   424  O O   . ALA A 1 75  ? 7.978   11.006  1.915   1.00 25.45 ? 2226 ALA M O   1 
ATOM   425  C CB  . ALA A 1 75  ? 9.765   10.786  4.116   1.00 27.59 ? 2226 ALA M CB  1 
ATOM   426  N N   . GLU A 1 76  ? 9.602   10.290  0.538   1.00 21.47 ? 2227 GLU M N   1 
ATOM   427  C CA  . GLU A 1 76  ? 8.961   10.830  -0.656  1.00 21.12 ? 2227 GLU M CA  1 
ATOM   428  C C   . GLU A 1 76  ? 8.448   9.739   -1.584  1.00 20.23 ? 2227 GLU M C   1 
ATOM   429  O O   . GLU A 1 76  ? 8.101   10.021  -2.732  1.00 20.83 ? 2227 GLU M O   1 
ATOM   430  C CB  . GLU A 1 76  ? 9.940   11.702  -1.440  1.00 26.88 ? 2227 GLU M CB  1 
ATOM   431  C CG  . GLU A 1 76  ? 10.525  12.869  -0.660  1.00 29.07 ? 2227 GLU M CG  1 
ATOM   432  C CD  . GLU A 1 76  ? 11.749  13.454  -1.346  1.00 48.84 ? 2227 GLU M CD  1 
ATOM   433  O OE1 . GLU A 1 76  ? 12.178  12.893  -2.377  1.00 52.54 ? 2227 GLU M OE1 1 
ATOM   434  O OE2 . GLU A 1 76  ? 12.287  14.469  -0.854  1.00 50.65 ? 2227 GLU M OE2 1 
ATOM   435  N N   . GLU A 1 77  ? 8.406   8.502   -1.098  1.00 17.18 ? 2228 GLU M N   1 
ATOM   436  C CA  . GLU A 1 77  ? 7.958   7.383   -1.928  1.00 14.49 ? 2228 GLU M CA  1 
ATOM   437  C C   . GLU A 1 77  ? 6.479   7.073   -1.704  1.00 19.33 ? 2228 GLU M C   1 
ATOM   438  O O   . GLU A 1 77  ? 5.889   7.481   -0.693  1.00 18.91 ? 2228 GLU M O   1 
ATOM   439  C CB  . GLU A 1 77  ? 8.817   6.147   -1.640  1.00 15.99 ? 2228 GLU M CB  1 
ATOM   440  C CG  . GLU A 1 77  ? 10.331  6.407   -1.769  1.00 21.16 ? 2228 GLU M CG  1 
ATOM   441  C CD  . GLU A 1 77  ? 10.812  6.559   -3.207  1.00 27.79 ? 2228 GLU M CD  1 
ATOM   442  O OE1 . GLU A 1 77  ? 10.145  6.059   -4.133  1.00 24.43 ? 2228 GLU M OE1 1 
ATOM   443  O OE2 . GLU A 1 77  ? 11.881  7.171   -3.419  1.00 30.64 ? 2228 GLU M OE2 1 
ATOM   444  N N   . TRP A 1 78  ? 5.872   6.359   -2.651  1.00 15.47 ? 2229 TRP M N   1 
ATOM   445  C CA  . TRP A 1 78  ? 4.475   5.971   -2.515  1.00 14.83 ? 2229 TRP M CA  1 
ATOM   446  C C   . TRP A 1 78  ? 4.113   4.772   -3.380  1.00 15.92 ? 2229 TRP M C   1 
ATOM   447  O O   . TRP A 1 78  ? 4.753   4.508   -4.402  1.00 16.67 ? 2229 TRP M O   1 
ATOM   448  C CB  . TRP A 1 78  ? 3.521   7.140   -2.829  1.00 16.80 ? 2229 TRP M CB  1 
ATOM   449  C CG  . TRP A 1 78  ? 3.872   7.943   -4.064  1.00 18.89 ? 2229 TRP M CG  1 
ATOM   450  C CD1 . TRP A 1 78  ? 4.533   9.140   -4.100  1.00 22.07 ? 2229 TRP M CD1 1 
ATOM   451  C CD2 . TRP A 1 78  ? 3.587   7.603   -5.427  1.00 14.73 ? 2229 TRP M CD2 1 
ATOM   452  N NE1 . TRP A 1 78  ? 4.663   9.569   -5.401  1.00 20.03 ? 2229 TRP M NE1 1 
ATOM   453  C CE2 . TRP A 1 78  ? 4.096   8.639   -6.236  1.00 18.02 ? 2229 TRP M CE2 1 
ATOM   454  C CE3 . TRP A 1 78  ? 2.942   6.519   -6.046  1.00 13.81 ? 2229 TRP M CE3 1 
ATOM   455  C CZ2 . TRP A 1 78  ? 3.993   8.628   -7.631  1.00 20.51 ? 2229 TRP M CZ2 1 
ATOM   456  C CZ3 . TRP A 1 78  ? 2.835   6.508   -7.429  1.00 17.18 ? 2229 TRP M CZ3 1 
ATOM   457  C CH2 . TRP A 1 78  ? 3.359   7.557   -8.207  1.00 20.46 ? 2229 TRP M CH2 1 
ATOM   458  N N   . LEU A 1 79  ? 3.091   4.045   -2.936  1.00 14.63 ? 2230 LEU M N   1 
ATOM   459  C CA  A LEU A 1 79  ? 2.512   2.951   -3.704  0.75 14.74 ? 2230 LEU M CA  1 
ATOM   460  C CA  B LEU A 1 79  ? 2.506   2.951   -3.695  0.25 14.76 ? 2230 LEU M CA  1 
ATOM   461  C C   . LEU A 1 79  ? 1.104   3.387   -4.084  1.00 14.38 ? 2230 LEU M C   1 
ATOM   462  O O   . LEU A 1 79  ? 0.325   3.802   -3.223  1.00 15.93 ? 2230 LEU M O   1 
ATOM   463  C CB  A LEU A 1 79  ? 2.460   1.677   -2.854  0.75 15.74 ? 2230 LEU M CB  1 
ATOM   464  C CB  B LEU A 1 79  ? 2.422   1.703   -2.819  0.25 15.71 ? 2230 LEU M CB  1 
ATOM   465  C CG  A LEU A 1 79  ? 2.073   0.300   -3.427  0.75 14.38 ? 2230 LEU M CG  1 
ATOM   466  C CG  B LEU A 1 79  ? 2.094   0.313   -3.373  0.25 14.44 ? 2230 LEU M CG  1 
ATOM   467  C CD1 A LEU A 1 79  ? 0.616   0.183   -3.842  0.75 21.52 ? 2230 LEU M CD1 1 
ATOM   468  C CD1 B LEU A 1 79  ? 2.193   -0.637  -2.218  0.25 14.09 ? 2230 LEU M CD1 1 
ATOM   469  C CD2 A LEU A 1 79  ? 2.970   -0.082  -4.588  0.75 10.63 ? 2230 LEU M CD2 1 
ATOM   470  C CD2 B LEU A 1 79  ? 0.715   0.195   -3.989  0.25 21.01 ? 2230 LEU M CD2 1 
ATOM   471  N N   . GLN A 1 80  ? 0.777   3.282   -5.368  1.00 12.73 ? 2231 GLN M N   1 
ATOM   472  C CA  . GLN A 1 80  ? -0.507  3.744   -5.874  1.00 15.82 ? 2231 GLN M CA  1 
ATOM   473  C C   . GLN A 1 80  ? -1.380  2.596   -6.372  1.00 15.32 ? 2231 GLN M C   1 
ATOM   474  O O   . GLN A 1 80  ? -0.899  1.696   -7.064  1.00 14.76 ? 2231 GLN M O   1 
ATOM   475  C CB  . GLN A 1 80  ? -0.274  4.716   -7.027  1.00 13.66 ? 2231 GLN M CB  1 
ATOM   476  C CG  . GLN A 1 80  ? -1.547  5.170   -7.732  1.00 13.70 ? 2231 GLN M CG  1 
ATOM   477  C CD  . GLN A 1 80  ? -1.280  6.250   -8.753  1.00 17.48 ? 2231 GLN M CD  1 
ATOM   478  O OE1 . GLN A 1 80  ? -0.645  7.256   -8.448  1.00 19.53 ? 2231 GLN M OE1 1 
ATOM   479  N NE2 . GLN A 1 80  ? -1.744  6.039   -9.979  1.00 20.31 ? 2231 GLN M NE2 1 
ATOM   480  N N   . VAL A 1 81  ? -2.664  2.638   -6.032  1.00 13.52 ? 2232 VAL M N   1 
ATOM   481  C CA  . VAL A 1 81  ? -3.629  1.706   -6.604  1.00 12.09 ? 2232 VAL M CA  1 
ATOM   482  C C   . VAL A 1 81  ? -4.704  2.471   -7.355  1.00 16.62 ? 2232 VAL M C   1 
ATOM   483  O O   . VAL A 1 81  ? -5.318  3.389   -6.812  1.00 15.56 ? 2232 VAL M O   1 
ATOM   484  C CB  . VAL A 1 81  ? -4.290  0.825   -5.527  1.00 12.86 ? 2232 VAL M CB  1 
ATOM   485  C CG1 . VAL A 1 81  ? -5.290  -0.128  -6.159  1.00 15.60 ? 2232 VAL M CG1 1 
ATOM   486  C CG2 . VAL A 1 81  ? -3.233  0.024   -4.774  1.00 12.94 ? 2232 VAL M CG2 1 
ATOM   487  N N   . ASP A 1 82  ? -4.918  2.091   -8.613  1.00 14.51 ? 2233 ASP M N   1 
ATOM   488  C CA  . ASP A 1 82  ? -6.048  2.602   -9.395  1.00 14.76 ? 2233 ASP M CA  1 
ATOM   489  C C   . ASP A 1 82  ? -7.181  1.576   -9.381  1.00 17.44 ? 2233 ASP M C   1 
ATOM   490  O O   . ASP A 1 82  ? -7.059  0.491   -9.966  1.00 15.88 ? 2233 ASP M O   1 
ATOM   491  C CB  . ASP A 1 82  ? -5.601  2.897   -10.834 1.00 15.52 ? 2233 ASP M CB  1 
ATOM   492  C CG  . ASP A 1 82  ? -6.741  3.390   -11.715 1.00 20.05 ? 2233 ASP M CG  1 
ATOM   493  O OD1 . ASP A 1 82  ? -6.541  3.488   -12.949 1.00 20.28 ? 2233 ASP M OD1 1 
ATOM   494  O OD2 . ASP A 1 82  ? -7.836  3.674   -11.183 1.00 19.01 ? 2233 ASP M OD2 1 
ATOM   495  N N   . LEU A 1 83  ? -8.280  1.909   -8.701  1.00 16.56 ? 2234 LEU M N   1 
ATOM   496  C CA  . LEU A 1 83  ? -9.409  0.986   -8.568  1.00 15.54 ? 2234 LEU M CA  1 
ATOM   497  C C   . LEU A 1 83  ? -10.284 0.963   -9.812  1.00 20.38 ? 2234 LEU M C   1 
ATOM   498  O O   . LEU A 1 83  ? -11.174 0.111   -9.930  1.00 20.13 ? 2234 LEU M O   1 
ATOM   499  C CB  . LEU A 1 83  ? -10.244 1.339   -7.333  1.00 18.63 ? 2234 LEU M CB  1 
ATOM   500  C CG  . LEU A 1 83  ? -9.510  1.234   -5.995  1.00 17.74 ? 2234 LEU M CG  1 
ATOM   501  C CD1 . LEU A 1 83  ? -10.329 1.850   -4.863  1.00 20.66 ? 2234 LEU M CD1 1 
ATOM   502  C CD2 . LEU A 1 83  ? -9.181  -0.223  -5.685  1.00 20.28 ? 2234 LEU M CD2 1 
ATOM   503  N N   . GLN A 1 84  ? -10.026 1.905   -10.720 1.00 17.89 ? 2235 GLN M N   1 
ATOM   504  C CA  . GLN A 1 84  ? -10.665 1.989   -12.039 1.00 14.92 ? 2235 GLN M CA  1 
ATOM   505  C C   . GLN A 1 84  ? -12.120 2.470   -12.049 1.00 23.55 ? 2235 GLN M C   1 
ATOM   506  O O   . GLN A 1 84  ? -12.733 2.577   -13.113 1.00 27.73 ? 2235 GLN M O   1 
ATOM   507  C CB  . GLN A 1 84  ? -10.496 0.679   -12.828 1.00 18.68 ? 2235 GLN M CB  1 
ATOM   508  C CG  . GLN A 1 84  ? -9.058  0.470   -13.289 1.00 19.53 ? 2235 GLN M CG  1 
ATOM   509  C CD  . GLN A 1 84  ? -8.852  -0.824  -14.062 1.00 20.71 ? 2235 GLN M CD  1 
ATOM   510  O OE1 . GLN A 1 84  ? -9.661  -1.743  -13.981 1.00 28.45 ? 2235 GLN M OE1 1 
ATOM   511  N NE2 . GLN A 1 84  ? -7.763  -0.895  -14.810 1.00 27.58 ? 2235 GLN M NE2 1 
ATOM   512  N N   . LYS A 1 85  ? -12.655 2.775   -10.871 1.00 19.95 ? 2236 LYS M N   1 
ATOM   513  C CA  . LYS A 1 85  ? -14.012 3.295   -10.736 1.00 21.17 ? 2236 LYS M CA  1 
ATOM   514  C C   . LYS A 1 85  ? -14.148 3.850   -9.330  1.00 21.01 ? 2236 LYS M C   1 
ATOM   515  O O   . LYS A 1 85  ? -13.285 3.615   -8.481  1.00 19.27 ? 2236 LYS M O   1 
ATOM   516  C CB  . LYS A 1 85  ? -15.027 2.165   -10.937 1.00 21.76 ? 2236 LYS M CB  1 
ATOM   517  C CG  . LYS A 1 85  ? -14.959 1.118   -9.838  1.00 22.68 ? 2236 LYS M CG  1 
ATOM   518  C CD  . LYS A 1 85  ? -15.688 -0.163  -10.213 1.00 38.40 ? 2236 LYS M CD  1 
ATOM   519  C CE  . LYS A 1 85  ? -15.424 -1.253  -9.179  1.00 41.03 ? 2236 LYS M CE  1 
ATOM   520  N NZ  . LYS A 1 85  ? -16.182 -2.503  -9.474  1.00 57.16 ? 2236 LYS M NZ  1 
ATOM   521  N N   . THR A 1 86  ? -15.228 4.581   -9.076  1.00 19.78 ? 2237 THR M N   1 
ATOM   522  C CA  . THR A 1 86  ? -15.504 5.097   -7.738  1.00 20.77 ? 2237 THR M CA  1 
ATOM   523  C C   . THR A 1 86  ? -15.862 3.951   -6.804  1.00 21.70 ? 2237 THR M C   1 
ATOM   524  O O   . THR A 1 86  ? -16.771 3.158   -7.089  1.00 21.42 ? 2237 THR M O   1 
ATOM   525  C CB  . THR A 1 86  ? -16.673 6.111   -7.752  1.00 19.43 ? 2237 THR M CB  1 
ATOM   526  O OG1 . THR A 1 86  ? -16.343 7.212   -8.606  1.00 23.22 ? 2237 THR M OG1 1 
ATOM   527  C CG2 . THR A 1 86  ? -16.955 6.627   -6.342  1.00 20.18 ? 2237 THR M CG2 1 
ATOM   528  N N   . VAL A 1 87  ? -15.128 3.860   -5.698  1.00 15.14 ? 2238 VAL M N   1 
ATOM   529  C CA  . VAL A 1 87  ? -15.358 2.864   -4.663  1.00 17.63 ? 2238 VAL M CA  1 
ATOM   530  C C   . VAL A 1 87  ? -15.443 3.559   -3.302  1.00 17.86 ? 2238 VAL M C   1 
ATOM   531  O O   . VAL A 1 87  ? -14.801 4.601   -3.078  1.00 18.41 ? 2238 VAL M O   1 
ATOM   532  C CB  . VAL A 1 87  ? -14.208 1.812   -4.653  1.00 20.51 ? 2238 VAL M CB  1 
ATOM   533  C CG1 . VAL A 1 87  ? -14.419 0.773   -3.559  1.00 27.35 ? 2238 VAL M CG1 1 
ATOM   534  C CG2 . VAL A 1 87  ? -14.104 1.141   -6.016  1.00 21.77 ? 2238 VAL M CG2 1 
ATOM   535  N N   . LYS A 1 88  ? -16.250 3.013   -2.397  1.00 17.13 ? 2239 LYS M N   1 
ATOM   536  C CA  . LYS A 1 88  ? -16.249 3.495   -1.021  1.00 19.61 ? 2239 LYS M CA  1 
ATOM   537  C C   . LYS A 1 88  ? -15.154 2.727   -0.290  1.00 18.10 ? 2239 LYS M C   1 
ATOM   538  O O   . LYS A 1 88  ? -15.293 1.525   -0.039  1.00 19.75 ? 2239 LYS M O   1 
ATOM   539  C CB  . LYS A 1 88  ? -17.601 3.261   -0.343  1.00 19.53 ? 2239 LYS M CB  1 
ATOM   540  C CG  . LYS A 1 88  ? -17.642 3.774   1.097   1.00 23.07 ? 2239 LYS M CG  1 
ATOM   541  C CD  . LYS A 1 88  ? -18.997 3.533   1.763   1.00 26.95 ? 2239 LYS M CD  1 
ATOM   542  C CE  . LYS A 1 88  ? -18.934 3.878   3.251   1.00 31.16 ? 2239 LYS M CE  1 
ATOM   543  N NZ  . LYS A 1 88  ? -20.266 3.806   3.922   1.00 31.03 ? 2239 LYS M NZ  1 
ATOM   544  N N   . VAL A 1 89  ? -14.053 3.412   0.015   1.00 16.82 ? 2240 VAL M N   1 
ATOM   545  C CA  . VAL A 1 89  ? -12.907 2.780   0.658   1.00 16.63 ? 2240 VAL M CA  1 
ATOM   546  C C   . VAL A 1 89  ? -12.967 3.017   2.162   1.00 15.50 ? 2240 VAL M C   1 
ATOM   547  O O   . VAL A 1 89  ? -12.997 4.159   2.615   1.00 17.26 ? 2240 VAL M O   1 
ATOM   548  C CB  . VAL A 1 89  ? -11.591 3.325   0.089   1.00 15.07 ? 2240 VAL M CB  1 
ATOM   549  C CG1 . VAL A 1 89  ? -10.400 2.641   0.761   1.00 17.92 ? 2240 VAL M CG1 1 
ATOM   550  C CG2 . VAL A 1 89  ? -11.556 3.091   -1.417  1.00 17.73 ? 2240 VAL M CG2 1 
ATOM   551  N N   . THR A 1 90  ? -13.002 1.931   2.928   1.00 14.90 ? 2241 THR M N   1 
ATOM   552  C CA  . THR A 1 90  ? -13.234 2.027   4.364   1.00 16.36 ? 2241 THR M CA  1 
ATOM   553  C C   . THR A 1 90  ? -12.014 1.611   5.173   1.00 17.15 ? 2241 THR M C   1 
ATOM   554  O O   . THR A 1 90  ? -12.002 1.751   6.395   1.00 18.58 ? 2241 THR M O   1 
ATOM   555  C CB  . THR A 1 90  ? -14.434 1.165   4.801   1.00 18.16 ? 2241 THR M CB  1 
ATOM   556  O OG1 . THR A 1 90  ? -14.224 -0.200  4.403   1.00 20.26 ? 2241 THR M OG1 1 
ATOM   557  C CG2 . THR A 1 90  ? -15.714 1.678   4.157   1.00 17.91 ? 2241 THR M CG2 1 
ATOM   558  N N   . GLY A 1 91  ? -10.997 1.070   4.509   1.00 15.99 ? 2242 GLY M N   1 
ATOM   559  C CA  . GLY A 1 91  ? -9.824  0.641   5.249   1.00 16.67 ? 2242 GLY M CA  1 
ATOM   560  C C   . GLY A 1 91  ? -8.667  0.179   4.389   1.00 18.61 ? 2242 GLY M C   1 
ATOM   561  O O   . GLY A 1 91  ? -8.820  -0.061  3.190   1.00 15.87 ? 2242 GLY M O   1 
ATOM   562  N N   . ILE A 1 92  ? -7.504  0.057   5.024   1.00 15.96 ? 2243 ILE M N   1 
ATOM   563  C CA  . ILE A 1 92  ? -6.282  -0.363  4.361   1.00 15.85 ? 2243 ILE M CA  1 
ATOM   564  C C   . ILE A 1 92  ? -5.602  -1.359  5.280   1.00 16.43 ? 2243 ILE M C   1 
ATOM   565  O O   . ILE A 1 92  ? -5.524  -1.127  6.489   1.00 18.62 ? 2243 ILE M O   1 
ATOM   566  C CB  . ILE A 1 92  ? -5.356  0.850   4.150   1.00 22.96 ? 2243 ILE M CB  1 
ATOM   567  C CG1 . ILE A 1 92  ? -5.888  1.725   3.011   1.00 27.27 ? 2243 ILE M CG1 1 
ATOM   568  C CG2 . ILE A 1 92  ? -3.944  0.418   3.859   1.00 31.68 ? 2243 ILE M CG2 1 
ATOM   569  C CD1 . ILE A 1 92  ? -5.338  3.126   3.032   1.00 30.88 ? 2243 ILE M CD1 1 
ATOM   570  N N   . THR A 1 93  ? -5.127  -2.470  4.725   1.00 15.45 ? 2244 THR M N   1 
ATOM   571  C CA  . THR A 1 93  ? -4.369  -3.448  5.497   1.00 14.29 ? 2244 THR M CA  1 
ATOM   572  C C   . THR A 1 93  ? -2.941  -3.466  4.988   1.00 16.63 ? 2244 THR M C   1 
ATOM   573  O O   . THR A 1 93  ? -2.712  -3.504  3.776   1.00 14.37 ? 2244 THR M O   1 
ATOM   574  C CB  . THR A 1 93  ? -4.959  -4.856  5.338   1.00 17.00 ? 2244 THR M CB  1 
ATOM   575  O OG1 . THR A 1 93  ? -6.361  -4.802  5.624   1.00 18.56 ? 2244 THR M OG1 1 
ATOM   576  C CG2 . THR A 1 93  ? -4.283  -5.832  6.287   1.00 15.39 ? 2244 THR M CG2 1 
ATOM   577  N N   . THR A 1 94  ? -1.982  -3.425  5.907   1.00 16.19 ? 2245 THR M N   1 
ATOM   578  C CA  . THR A 1 94  ? -0.570  -3.406  5.526   1.00 15.87 ? 2245 THR M CA  1 
ATOM   579  C C   . THR A 1 94  ? 0.197   -4.561  6.153   1.00 15.61 ? 2245 THR M C   1 
ATOM   580  O O   . THR A 1 94  ? -0.161  -5.069  7.218   1.00 14.87 ? 2245 THR M O   1 
ATOM   581  C CB  . THR A 1 94  ? 0.137   -2.074  5.872   1.00 18.76 ? 2245 THR M CB  1 
ATOM   582  O OG1 . THR A 1 94  ? 0.084   -1.837  7.283   1.00 18.85 ? 2245 THR M OG1 1 
ATOM   583  C CG2 . THR A 1 94  ? -0.509  -0.903  5.155   1.00 20.94 ? 2245 THR M CG2 1 
ATOM   584  N N   . GLN A 1 95  ? 1.266   -4.949  5.470   1.00 14.26 ? 2246 GLN M N   1 
ATOM   585  C CA  . GLN A 1 95  ? 2.125   -6.033  5.884   1.00 15.21 ? 2246 GLN M CA  1 
ATOM   586  C C   . GLN A 1 95  ? 3.525   -5.678  5.408   1.00 16.03 ? 2246 GLN M C   1 
ATOM   587  O O   . GLN A 1 95  ? 3.668   -4.952  4.419   1.00 14.33 ? 2246 GLN M O   1 
ATOM   588  C CB  . GLN A 1 95  ? 1.655   -7.286  5.167   1.00 21.14 ? 2246 GLN M CB  1 
ATOM   589  C CG  . GLN A 1 95  ? 1.957   -8.575  5.836   1.00 21.42 ? 2246 GLN M CG  1 
ATOM   590  C CD  . GLN A 1 95  ? 1.266   -9.721  5.119   1.00 18.71 ? 2246 GLN M CD  1 
ATOM   591  O OE1 . GLN A 1 95  ? 0.896   -9.595  3.947   1.00 16.64 ? 2246 GLN M OE1 1 
ATOM   592  N NE2 . GLN A 1 95  ? 1.073   -10.832 5.818   1.00 17.35 ? 2246 GLN M NE2 1 
ATOM   593  N N   . GLY A 1 96  ? 4.547   -6.160  6.121   1.00 14.98 ? 2247 GLY M N   1 
ATOM   594  C CA  . GLY A 1 96  ? 5.925   -6.021  5.686   1.00 15.84 ? 2247 GLY M CA  1 
ATOM   595  C C   . GLY A 1 96  ? 6.394   -7.250  4.919   1.00 15.57 ? 2247 GLY M C   1 
ATOM   596  O O   . GLY A 1 96  ? 5.593   -7.963  4.321   1.00 17.42 ? 2247 GLY M O   1 
ATOM   597  N N   . VAL A 1 97  ? 7.699   -7.503  4.928   1.00 15.30 ? 2248 VAL M N   1 
ATOM   598  C CA  . VAL A 1 97  ? 8.203   -8.723  4.310   1.00 13.04 ? 2248 VAL M CA  1 
ATOM   599  C C   . VAL A 1 97  ? 9.542   -9.073  4.927   1.00 18.24 ? 2248 VAL M C   1 
ATOM   600  O O   . VAL A 1 97  ? 10.267  -8.192  5.374   1.00 17.54 ? 2248 VAL M O   1 
ATOM   601  C CB  . VAL A 1 97  ? 8.309   -8.579  2.767   1.00 17.29 ? 2248 VAL M CB  1 
ATOM   602  C CG1 . VAL A 1 97  ? 9.595   -7.868  2.355   1.00 18.74 ? 2248 VAL M CG1 1 
ATOM   603  C CG2 . VAL A 1 97  ? 8.200   -9.937  2.077   1.00 21.81 ? 2248 VAL M CG2 1 
ATOM   604  N N   . LYS A 1 98  ? 9.862   -10.363 4.973   1.00 18.62 ? 2249 LYS M N   1 
ATOM   605  C CA  . LYS A 1 98  ? 11.181  -10.776 5.424   1.00 19.37 ? 2249 LYS M CA  1 
ATOM   606  C C   . LYS A 1 98  ? 11.956  -11.278 4.220   1.00 21.22 ? 2249 LYS M C   1 
ATOM   607  O O   . LYS A 1 98  ? 11.444  -12.091 3.445   1.00 22.11 ? 2249 LYS M O   1 
ATOM   608  C CB  . LYS A 1 98  ? 11.084  -11.885 6.472   1.00 24.83 ? 2249 LYS M CB  1 
ATOM   609  C CG  . LYS A 1 98  ? 12.428  -12.244 7.094   1.00 35.99 ? 2249 LYS M CG  1 
ATOM   610  C CD  . LYS A 1 98  ? 12.264  -13.225 8.237   1.00 41.18 ? 2249 LYS M CD  1 
ATOM   611  C CE  . LYS A 1 98  ? 13.587  -13.437 8.960   1.00 53.97 ? 2249 LYS M CE  1 
ATOM   612  N NZ  . LYS A 1 98  ? 13.443  -14.384 10.101  1.00 69.00 ? 2249 LYS M NZ  1 
ATOM   613  N N   . SER A 1 99  ? 13.175  -10.776 4.047   1.00 21.40 ? 2250 SER M N   1 
ATOM   614  C CA  . SER A 1 99  ? 14.058  -11.261 2.989   1.00 23.29 ? 2250 SER M CA  1 
ATOM   615  C C   . SER A 1 99  ? 15.410  -11.585 3.596   1.00 34.05 ? 2250 SER M C   1 
ATOM   616  O O   . SER A 1 99  ? 16.076  -10.702 4.144   1.00 37.52 ? 2250 SER M O   1 
ATOM   617  C CB  . SER A 1 99  ? 14.227  -10.211 1.894   1.00 32.06 ? 2250 SER M CB  1 
ATOM   618  O OG  . SER A 1 99  ? 15.016  -10.723 0.831   1.00 37.42 ? 2250 SER M OG  1 
ATOM   619  N N   . LEU A 1 100 ? 15.813  -12.844 3.469   1.00 32.04 ? 2251 LEU M N   1 
ATOM   620  C CA  . LEU A 1 100 ? 16.991  -13.363 4.155   1.00 37.81 ? 2251 LEU M CA  1 
ATOM   621  C C   . LEU A 1 100 ? 16.999  -12.969 5.628   1.00 49.11 ? 2251 LEU M C   1 
ATOM   622  O O   . LEU A 1 100 ? 16.080  -13.326 6.371   1.00 49.33 ? 2251 LEU M O   1 
ATOM   623  C CB  . LEU A 1 100 ? 18.276  -12.943 3.440   1.00 43.12 ? 2251 LEU M CB  1 
ATOM   624  C CG  . LEU A 1 100 ? 18.394  -13.655 2.088   1.00 43.32 ? 2251 LEU M CG  1 
ATOM   625  C CD1 . LEU A 1 100 ? 19.703  -13.344 1.379   1.00 53.72 ? 2251 LEU M CD1 1 
ATOM   626  C CD2 . LEU A 1 100 ? 18.227  -15.159 2.269   1.00 39.73 ? 2251 LEU M CD2 1 
ATOM   627  N N   . LEU A 1 101 ? 18.019  -12.226 6.050   1.00 45.49 ? 2252 LEU M N   1 
ATOM   628  C CA  . LEU A 1 101 ? 18.103  -11.794 7.445   1.00 51.65 ? 2252 LEU M CA  1 
ATOM   629  C C   . LEU A 1 101 ? 17.341  -10.502 7.731   1.00 50.18 ? 2252 LEU M C   1 
ATOM   630  O O   . LEU A 1 101 ? 17.112  -10.154 8.891   1.00 53.35 ? 2252 LEU M O   1 
ATOM   631  C CB  . LEU A 1 101 ? 19.564  -11.643 7.888   1.00 54.87 ? 2252 LEU M CB  1 
ATOM   632  C CG  . LEU A 1 101 ? 20.286  -12.859 8.474   1.00 55.20 ? 2252 LEU M CG  1 
ATOM   633  C CD1 . LEU A 1 101 ? 21.772  -12.563 8.632   1.00 50.18 ? 2252 LEU M CD1 1 
ATOM   634  C CD2 . LEU A 1 101 ? 19.682  -13.238 9.810   1.00 58.53 ? 2252 LEU M CD2 1 
ATOM   635  N N   . SER A 1 102 ? 16.942  -9.789  6.684   1.00 41.24 ? 2253 SER M N   1 
ATOM   636  C CA  . SER A 1 102 ? 16.313  -8.488  6.876   1.00 30.47 ? 2253 SER M CA  1 
ATOM   637  C C   . SER A 1 102 ? 14.792  -8.576  7.009   1.00 29.42 ? 2253 SER M C   1 
ATOM   638  O O   . SER A 1 102 ? 14.101  -8.992  6.076   1.00 24.96 ? 2253 SER M O   1 
ATOM   639  C CB  . SER A 1 102 ? 16.692  -7.556  5.732   1.00 37.58 ? 2253 SER M CB  1 
ATOM   640  O OG  . SER A 1 102 ? 16.371  -6.216  6.038   1.00 36.57 ? 2253 SER M OG  1 
ATOM   641  N N   . SER A 1 103 ? 14.290  -8.186  8.180   1.00 25.70 ? 2254 SER M N   1 
ATOM   642  C CA  . SER A 1 103 ? 12.863  -8.066  8.441   1.00 26.24 ? 2254 SER M CA  1 
ATOM   643  C C   . SER A 1 103 ? 12.468  -6.614  8.189   1.00 19.79 ? 2254 SER M C   1 
ATOM   644  O O   . SER A 1 103 ? 12.879  -5.719  8.933   1.00 21.98 ? 2254 SER M O   1 
ATOM   645  C CB  . SER A 1 103 ? 12.584  -8.431  9.898   1.00 35.52 ? 2254 SER M CB  1 
ATOM   646  O OG  . SER A 1 103 ? 11.471  -9.294  10.016  1.00 43.20 ? 2254 SER M OG  1 
ATOM   647  N N   . MET A 1 104 ? 11.673  -6.379  7.145   1.00 17.72 ? 2255 MET M N   1 
ATOM   648  C CA  . MET A 1 104 ? 11.403  -5.029  6.674   1.00 16.71 ? 2255 MET M CA  1 
ATOM   649  C C   . MET A 1 104 ? 9.919   -4.733  6.829   1.00 17.40 ? 2255 MET M C   1 
ATOM   650  O O   . MET A 1 104 ? 9.090   -5.585  6.525   1.00 19.70 ? 2255 MET M O   1 
ATOM   651  C CB  . MET A 1 104 ? 11.775  -4.920  5.193   1.00 19.37 ? 2255 MET M CB  1 
ATOM   652  C CG  . MET A 1 104 ? 13.255  -5.125  4.915   1.00 23.94 ? 2255 MET M CG  1 
ATOM   653  S SD  . MET A 1 104 ? 13.606  -5.236  3.149   1.00 24.11 ? 2255 MET M SD  1 
ATOM   654  C CE  . MET A 1 104 ? 13.064  -6.914  2.836   1.00 24.55 ? 2255 MET M CE  1 
ATOM   655  N N   . TYR A 1 105 ? 9.581   -3.538  7.305   1.00 16.13 ? 2256 TYR M N   1 
ATOM   656  C CA  . TYR A 1 105 ? 8.169   -3.159  7.369   1.00 15.14 ? 2256 TYR M CA  1 
ATOM   657  C C   . TYR A 1 105 ? 7.985   -1.656  7.494   1.00 17.67 ? 2256 TYR M C   1 
ATOM   658  O O   . TYR A 1 105 ? 8.873   -0.954  7.953   1.00 15.33 ? 2256 TYR M O   1 
ATOM   659  C CB  . TYR A 1 105 ? 7.449   -3.883  8.516   1.00 17.13 ? 2256 TYR M CB  1 
ATOM   660  C CG  . TYR A 1 105 ? 8.165   -3.862  9.856   1.00 18.04 ? 2256 TYR M CG  1 
ATOM   661  C CD1 . TYR A 1 105 ? 7.848   -2.907  10.816  1.00 19.96 ? 2256 TYR M CD1 1 
ATOM   662  C CD2 . TYR A 1 105 ? 9.133   -4.812  10.166  1.00 19.20 ? 2256 TYR M CD2 1 
ATOM   663  C CE1 . TYR A 1 105 ? 8.478   -2.893  12.040  1.00 20.02 ? 2256 TYR M CE1 1 
ATOM   664  C CE2 . TYR A 1 105 ? 9.774   -4.799  11.398  1.00 21.78 ? 2256 TYR M CE2 1 
ATOM   665  C CZ  . TYR A 1 105 ? 9.438   -3.836  12.327  1.00 23.56 ? 2256 TYR M CZ  1 
ATOM   666  O OH  . TYR A 1 105 ? 10.070  -3.809  13.550  1.00 23.34 ? 2256 TYR M OH  1 
ATOM   667  N N   . VAL A 1 106 ? 6.822   -1.169  7.065   1.00 15.51 ? 2257 VAL M N   1 
ATOM   668  C CA  . VAL A 1 106 ? 6.460   0.231   7.249   1.00 17.64 ? 2257 VAL M CA  1 
ATOM   669  C C   . VAL A 1 106 ? 5.781   0.406   8.607   1.00 18.08 ? 2257 VAL M C   1 
ATOM   670  O O   . VAL A 1 106 ? 4.791   -0.268  8.904   1.00 17.82 ? 2257 VAL M O   1 
ATOM   671  C CB  . VAL A 1 106 ? 5.531   0.696   6.103   1.00 13.19 ? 2257 VAL M CB  1 
ATOM   672  C CG1 . VAL A 1 106 ? 4.980   2.108   6.374   1.00 14.55 ? 2257 VAL M CG1 1 
ATOM   673  C CG2 . VAL A 1 106 ? 6.301   0.671   4.781   1.00 16.05 ? 2257 VAL M CG2 1 
ATOM   674  N N   . LYS A 1 107 ? 6.333   1.296   9.437   1.00 15.27 ? 2258 LYS M N   1 
ATOM   675  C CA  . LYS A 1 107 ? 5.825   1.519   10.792  1.00 14.03 ? 2258 LYS M CA  1 
ATOM   676  C C   . LYS A 1 107 ? 4.749   2.600   10.845  1.00 15.05 ? 2258 LYS M C   1 
ATOM   677  O O   . LYS A 1 107 ? 3.837   2.547   11.675  1.00 15.47 ? 2258 LYS M O   1 
ATOM   678  C CB  . LYS A 1 107 ? 6.986   1.914   11.719  1.00 16.16 ? 2258 LYS M CB  1 
ATOM   679  C CG  . LYS A 1 107 ? 7.951   0.770   11.981  1.00 18.83 ? 2258 LYS M CG  1 
ATOM   680  C CD  . LYS A 1 107 ? 8.898   1.092   13.125  1.00 26.00 ? 2258 LYS M CD  1 
ATOM   681  C CE  . LYS A 1 107 ? 10.097  1.840   12.639  1.00 27.47 ? 2258 LYS M CE  1 
ATOM   682  N NZ  . LYS A 1 107 ? 11.091  2.013   13.750  1.00 31.66 ? 2258 LYS M NZ  1 
ATOM   683  N N   . GLU A 1 108 ? 4.874   3.590   9.970   1.00 14.48 ? 2259 GLU M N   1 
ATOM   684  C CA  . GLU A 1 108 ? 3.909   4.693   9.916   1.00 12.64 ? 2259 GLU M CA  1 
ATOM   685  C C   . GLU A 1 108 ? 3.761   5.129   8.469   1.00 14.79 ? 2259 GLU M C   1 
ATOM   686  O O   . GLU A 1 108 ? 4.723   5.053   7.695   1.00 16.48 ? 2259 GLU M O   1 
ATOM   687  C CB  . GLU A 1 108 ? 4.390   5.879   10.771  1.00 15.38 ? 2259 GLU M CB  1 
ATOM   688  C CG  . GLU A 1 108 ? 4.434   5.608   12.273  1.00 15.16 ? 2259 GLU M CG  1 
ATOM   689  C CD  . GLU A 1 108 ? 4.984   6.786   13.059  1.00 21.75 ? 2259 GLU M CD  1 
ATOM   690  O OE1 . GLU A 1 108 ? 5.645   7.647   12.446  1.00 22.79 ? 2259 GLU M OE1 1 
ATOM   691  O OE2 . GLU A 1 108 ? 4.764   6.841   14.288  1.00 25.56 ? 2259 GLU M OE2 1 
ATOM   692  N N   . PHE A 1 109 ? 2.568   5.598   8.100   1.00 12.45 ? 2260 PHE M N   1 
ATOM   693  C CA  . PHE A 1 109 ? 2.351   6.073   6.739   1.00 14.77 ? 2260 PHE M CA  1 
ATOM   694  C C   . PHE A 1 109 ? 1.248   7.114   6.668   1.00 14.80 ? 2260 PHE M C   1 
ATOM   695  O O   . PHE A 1 109 ? 0.449   7.250   7.614   1.00 15.74 ? 2260 PHE M O   1 
ATOM   696  C CB  . PHE A 1 109 ? 2.036   4.909   5.783   1.00 14.35 ? 2260 PHE M CB  1 
ATOM   697  C CG  . PHE A 1 109 ? 0.799   4.125   6.150   1.00 12.96 ? 2260 PHE M CG  1 
ATOM   698  C CD1 . PHE A 1 109 ? -0.448  4.477   5.642   1.00 14.62 ? 2260 PHE M CD1 1 
ATOM   699  C CD2 . PHE A 1 109 ? 0.890   3.022   6.983   1.00 14.71 ? 2260 PHE M CD2 1 
ATOM   700  C CE1 . PHE A 1 109 ? -1.580  3.743   5.964   1.00 17.52 ? 2260 PHE M CE1 1 
ATOM   701  C CE2 . PHE A 1 109 ? -0.235  2.277   7.309   1.00 17.34 ? 2260 PHE M CE2 1 
ATOM   702  C CZ  . PHE A 1 109 ? -1.477  2.642   6.803   1.00 15.08 ? 2260 PHE M CZ  1 
ATOM   703  N N   . LEU A 1 110 ? 1.225   7.856   5.557   1.00 12.50 ? 2261 LEU M N   1 
ATOM   704  C CA  . LEU A 1 110 ? 0.125   8.767   5.240   1.00 12.94 ? 2261 LEU M CA  1 
ATOM   705  C C   . LEU A 1 110 ? -0.675  8.157   4.098   1.00 15.87 ? 2261 LEU M C   1 
ATOM   706  O O   . LEU A 1 110 ? -0.204  7.255   3.408   1.00 14.71 ? 2261 LEU M O   1 
ATOM   707  C CB  . LEU A 1 110 ? 0.648   10.133  4.796   1.00 15.64 ? 2261 LEU M CB  1 
ATOM   708  C CG  . LEU A 1 110 ? 1.785   10.735  5.620   1.00 15.07 ? 2261 LEU M CG  1 
ATOM   709  C CD1 . LEU A 1 110 ? 2.226   12.091  5.075   1.00 16.79 ? 2261 LEU M CD1 1 
ATOM   710  C CD2 . LEU A 1 110 ? 1.381   10.846  7.083   1.00 16.15 ? 2261 LEU M CD2 1 
ATOM   711  N N   . VAL A 1 111 ? -1.893  8.651   3.910   1.00 15.52 ? 2262 VAL M N   1 
ATOM   712  C CA  . VAL A 1 111 ? -2.722  8.225   2.791   1.00 14.11 ? 2262 VAL M CA  1 
ATOM   713  C C   . VAL A 1 111 ? -3.127  9.452   1.985   1.00 13.84 ? 2262 VAL M C   1 
ATOM   714  O O   . VAL A 1 111 ? -3.469  10.493  2.556   1.00 15.33 ? 2262 VAL M O   1 
ATOM   715  C CB  . VAL A 1 111 ? -3.987  7.452   3.272   1.00 13.33 ? 2262 VAL M CB  1 
ATOM   716  C CG1 . VAL A 1 111 ? -4.982  7.248   2.126   1.00 15.16 ? 2262 VAL M CG1 1 
ATOM   717  C CG2 . VAL A 1 111 ? -3.589  6.103   3.870   1.00 15.34 ? 2262 VAL M CG2 1 
ATOM   718  N N   . SER A 1 112 ? -3.053  9.360   0.658   1.00 13.52 ? 2263 SER M N   1 
ATOM   719  C CA  . SER A 1 112 ? -3.695  10.376  -0.181  1.00 14.50 ? 2263 SER M CA  1 
ATOM   720  C C   . SER A 1 112 ? -4.589  9.692   -1.201  1.00 15.99 ? 2263 SER M C   1 
ATOM   721  O O   . SER A 1 112 ? -4.485  8.481   -1.415  1.00 16.96 ? 2263 SER M O   1 
ATOM   722  C CB  . SER A 1 112 ? -2.690  11.319  -0.857  1.00 15.86 ? 2263 SER M CB  1 
ATOM   723  O OG  . SER A 1 112 ? -1.866  10.659  -1.809  1.00 17.46 ? 2263 SER M OG  1 
ATOM   724  N N   . SER A 1 113 ? -5.495  10.449  -1.808  1.00 15.01 ? 2264 SER M N   1 
ATOM   725  C CA  . SER A 1 113 ? -6.455  9.832   -2.719  1.00 14.03 ? 2264 SER M CA  1 
ATOM   726  C C   . SER A 1 113 ? -6.835  10.817  -3.820  1.00 16.18 ? 2264 SER M C   1 
ATOM   727  O O   . SER A 1 113 ? -6.561  12.014  -3.706  1.00 16.66 ? 2264 SER M O   1 
ATOM   728  C CB  . SER A 1 113 ? -7.691  9.354   -1.953  1.00 15.93 ? 2264 SER M CB  1 
ATOM   729  O OG  . SER A 1 113 ? -8.332  10.441  -1.286  1.00 18.83 ? 2264 SER M OG  1 
ATOM   730  N N   . SER A 1 114 ? -7.450  10.321  -4.893  1.00 15.64 ? 2265 SER M N   1 
ATOM   731  C CA  . SER A 1 114 ? -7.712  11.172  -6.047  1.00 15.45 ? 2265 SER M CA  1 
ATOM   732  C C   . SER A 1 114 ? -8.804  10.578  -6.911  1.00 17.69 ? 2265 SER M C   1 
ATOM   733  O O   . SER A 1 114 ? -8.994  9.362   -6.932  1.00 16.54 ? 2265 SER M O   1 
ATOM   734  C CB  . SER A 1 114 ? -6.444  11.312  -6.885  1.00 16.16 ? 2265 SER M CB  1 
ATOM   735  O OG  . SER A 1 114 ? -6.642  12.163  -8.005  1.00 21.03 ? 2265 SER M OG  1 
ATOM   736  N N   . GLN A 1 115 ? -9.533  11.429  -7.627  1.00 17.27 ? 2266 GLN M N   1 
ATOM   737  C CA  . GLN A 1 115 ? -10.504 10.910  -8.594  1.00 14.94 ? 2266 GLN M CA  1 
ATOM   738  C C   . GLN A 1 115 ? -9.907  10.813  -9.988  1.00 17.65 ? 2266 GLN M C   1 
ATOM   739  O O   . GLN A 1 115 ? -10.384 10.016  -10.799 1.00 20.19 ? 2266 GLN M O   1 
ATOM   740  C CB  . GLN A 1 115 ? -11.755 11.785  -8.663  1.00 16.01 ? 2266 GLN M CB  1 
ATOM   741  C CG  . GLN A 1 115 ? -12.322 12.220  -7.319  1.00 18.37 ? 2266 GLN M CG  1 
ATOM   742  C CD  . GLN A 1 115 ? -12.787 11.068  -6.462  1.00 19.33 ? 2266 GLN M CD  1 
ATOM   743  O OE1 . GLN A 1 115 ? -13.023 9.959   -6.949  1.00 21.54 ? 2266 GLN M OE1 1 
ATOM   744  N NE2 . GLN A 1 115 ? -12.906 11.320  -5.169  1.00 19.02 ? 2266 GLN M NE2 1 
ATOM   745  N N   . ASP A 1 116 ? -8.878  11.614  -10.273 1.00 21.85 ? 2267 ASP M N   1 
ATOM   746  C CA  . ASP A 1 116 ? -8.314  11.663  -11.628 1.00 25.32 ? 2267 ASP M CA  1 
ATOM   747  C C   . ASP A 1 116 ? -6.858  11.216  -11.762 1.00 26.55 ? 2267 ASP M C   1 
ATOM   748  O O   . ASP A 1 116 ? -6.342  11.119  -12.877 1.00 27.88 ? 2267 ASP M O   1 
ATOM   749  C CB  . ASP A 1 116 ? -8.483  13.057  -12.255 1.00 28.85 ? 2267 ASP M CB  1 
ATOM   750  C CG  . ASP A 1 116 ? -7.787  14.156  -11.464 1.00 30.68 ? 2267 ASP M CG  1 
ATOM   751  O OD1 . ASP A 1 116 ? -7.118  13.868  -10.445 1.00 23.72 ? 2267 ASP M OD1 1 
ATOM   752  O OD2 . ASP A 1 116 ? -7.902  15.332  -11.872 1.00 36.71 ? 2267 ASP M OD2 1 
ATOM   753  N N   . GLY A 1 117 ? -6.195  10.960  -10.637 1.00 21.15 ? 2268 GLY M N   1 
ATOM   754  C CA  . GLY A 1 117 ? -4.797  10.564  -10.651 1.00 22.73 ? 2268 GLY M CA  1 
ATOM   755  C C   . GLY A 1 117 ? -3.831  11.731  -10.802 1.00 25.97 ? 2268 GLY M C   1 
ATOM   756  O O   . GLY A 1 117 ? -2.614  11.533  -10.867 1.00 25.95 ? 2268 GLY M O   1 
ATOM   757  N N   . ARG A 1 118 ? -4.366  12.951  -10.858 1.00 26.31 ? 2269 ARG M N   1 
ATOM   758  C CA  . ARG A 1 118 ? -3.536  14.144  -11.023 1.00 25.78 ? 2269 ARG M CA  1 
ATOM   759  C C   . ARG A 1 118 ? -3.505  14.997  -9.761  1.00 26.19 ? 2269 ARG M C   1 
ATOM   760  O O   . ARG A 1 118 ? -2.440  15.431  -9.313  1.00 29.14 ? 2269 ARG M O   1 
ATOM   761  C CB  . ARG A 1 118 ? -4.064  15.009  -12.169 1.00 26.26 ? 2269 ARG M CB  1 
ATOM   762  C CG  . ARG A 1 118 ? -4.201  14.328  -13.517 1.00 31.97 ? 2269 ARG M CG  1 
ATOM   763  C CD  . ARG A 1 118 ? -4.866  15.307  -14.472 1.00 43.86 ? 2269 ARG M CD  1 
ATOM   764  N NE  . ARG A 1 118 ? -5.368  14.675  -15.688 1.00 51.20 ? 2269 ARG M NE  1 
ATOM   765  C CZ  . ARG A 1 118 ? -6.105  15.306  -16.595 1.00 62.78 ? 2269 ARG M CZ  1 
ATOM   766  N NH1 . ARG A 1 118 ? -6.425  16.583  -16.420 1.00 68.33 ? 2269 ARG M NH1 1 
ATOM   767  N NH2 . ARG A 1 118 ? -6.524  14.664  -17.676 1.00 64.02 ? 2269 ARG M NH2 1 
ATOM   768  N N   . ARG A 1 119 ? -4.687  15.252  -9.209  1.00 22.52 ? 2270 ARG M N   1 
ATOM   769  C CA  . ARG A 1 119 ? -4.847  16.125  -8.050  1.00 25.77 ? 2270 ARG M CA  1 
ATOM   770  C C   . ARG A 1 119 ? -5.075  15.254  -6.816  1.00 23.00 ? 2270 ARG M C   1 
ATOM   771  O O   . ARG A 1 119 ? -6.039  14.490  -6.777  1.00 21.92 ? 2270 ARG M O   1 
ATOM   772  C CB  . ARG A 1 119 ? -6.058  17.029  -8.289  1.00 31.06 ? 2270 ARG M CB  1 
ATOM   773  C CG  . ARG A 1 119 ? -6.224  18.184  -7.323  1.00 44.08 ? 2270 ARG M CG  1 
ATOM   774  C CD  . ARG A 1 119 ? -7.647  18.744  -7.380  1.00 45.31 ? 2270 ARG M CD  1 
ATOM   775  N NE  . ARG A 1 119 ? -8.623  17.725  -7.003  1.00 55.67 ? 2270 ARG M NE  1 
ATOM   776  C CZ  . ARG A 1 119 ? -9.496  17.164  -7.838  1.00 52.39 ? 2270 ARG M CZ  1 
ATOM   777  N NH1 . ARG A 1 119 ? -9.546  17.532  -9.112  1.00 55.95 ? 2270 ARG M NH1 1 
ATOM   778  N NH2 . ARG A 1 119 ? -10.329 16.232  -7.388  1.00 51.29 ? 2270 ARG M NH2 1 
ATOM   779  N N   . TRP A 1 120 ? -4.200  15.357  -5.813  1.00 20.09 ? 2271 TRP M N   1 
ATOM   780  C CA  . TRP A 1 120 ? -4.269  14.457  -4.660  1.00 19.95 ? 2271 TRP M CA  1 
ATOM   781  C C   . TRP A 1 120 ? -4.694  15.149  -3.372  1.00 20.76 ? 2271 TRP M C   1 
ATOM   782  O O   . TRP A 1 120 ? -4.332  16.301  -3.120  1.00 25.69 ? 2271 TRP M O   1 
ATOM   783  C CB  . TRP A 1 120 ? -2.934  13.719  -4.481  1.00 21.49 ? 2271 TRP M CB  1 
ATOM   784  C CG  . TRP A 1 120 ? -2.632  12.872  -5.686  1.00 20.20 ? 2271 TRP M CG  1 
ATOM   785  C CD1 . TRP A 1 120 ? -2.067  13.287  -6.859  1.00 21.82 ? 2271 TRP M CD1 1 
ATOM   786  C CD2 . TRP A 1 120 ? -2.924  11.477  -5.849  1.00 18.44 ? 2271 TRP M CD2 1 
ATOM   787  N NE1 . TRP A 1 120 ? -1.977  12.232  -7.738  1.00 19.48 ? 2271 TRP M NE1 1 
ATOM   788  C CE2 . TRP A 1 120 ? -2.504  11.112  -7.145  1.00 18.18 ? 2271 TRP M CE2 1 
ATOM   789  C CE3 . TRP A 1 120 ? -3.495  10.502  -5.027  1.00 17.48 ? 2271 TRP M CE3 1 
ATOM   790  C CZ2 . TRP A 1 120 ? -2.628  9.813   -7.634  1.00 19.39 ? 2271 TRP M CZ2 1 
ATOM   791  C CZ3 . TRP A 1 120 ? -3.631  9.214   -5.517  1.00 16.44 ? 2271 TRP M CZ3 1 
ATOM   792  C CH2 . TRP A 1 120 ? -3.196  8.879   -6.807  1.00 16.56 ? 2271 TRP M CH2 1 
ATOM   793  N N   . THR A 1 121 ? -5.481  14.436  -2.573  0.88 18.43 ? 2272 THR M N   1 
ATOM   794  C CA  . THR A 1 121 ? -5.963  14.948  -1.296  0.88 17.93 ? 2272 THR M CA  1 
ATOM   795  C C   . THR A 1 121 ? -5.406  14.118  -0.146  0.88 16.61 ? 2272 THR M C   1 
ATOM   796  O O   . THR A 1 121 ? -5.613  12.910  -0.086  0.88 16.73 ? 2272 THR M O   1 
ATOM   797  C CB  . THR A 1 121 ? -7.491  14.904  -1.235  0.88 22.64 ? 2272 THR M CB  1 
ATOM   798  O OG1 . THR A 1 121 ? -8.025  15.731  -2.278  0.88 22.50 ? 2272 THR M OG1 1 
ATOM   799  C CG2 . THR A 1 121 ? -7.987  15.413  0.116   0.88 23.13 ? 2272 THR M CG2 1 
ATOM   800  N N   . LEU A 1 122 ? -4.700  14.772  0.772   1.00 20.32 ? 2273 LEU M N   1 
ATOM   801  C CA  . LEU A 1 122 ? -4.119  14.094  1.928   1.00 17.18 ? 2273 LEU M CA  1 
ATOM   802  C C   . LEU A 1 122 ? -5.189  13.775  2.985   1.00 20.39 ? 2273 LEU M C   1 
ATOM   803  O O   . LEU A 1 122 ? -6.037  14.613  3.284   1.00 19.35 ? 2273 LEU M O   1 
ATOM   804  C CB  . LEU A 1 122 ? -3.031  14.988  2.527   1.00 17.55 ? 2273 LEU M CB  1 
ATOM   805  C CG  . LEU A 1 122 ? -2.119  14.404  3.593   1.00 23.83 ? 2273 LEU M CG  1 
ATOM   806  C CD1 . LEU A 1 122 ? -1.279  13.300  2.991   1.00 21.06 ? 2273 LEU M CD1 1 
ATOM   807  C CD2 . LEU A 1 122 ? -1.228  15.507  4.143   1.00 28.47 ? 2273 LEU M CD2 1 
ATOM   808  N N   . PHE A 1 123 ? -5.145  12.570  3.546   1.00 17.82 ? 2274 PHE M N   1 
ATOM   809  C CA  . PHE A 1 123 ? -6.122  12.133  4.545   1.00 14.56 ? 2274 PHE M CA  1 
ATOM   810  C C   . PHE A 1 123 ? -5.854  12.792  5.903   1.00 19.64 ? 2274 PHE M C   1 
ATOM   811  O O   . PHE A 1 123 ? -4.729  12.756  6.407   1.00 16.14 ? 2274 PHE M O   1 
ATOM   812  C CB  . PHE A 1 123 ? -6.118  10.600  4.661   1.00 17.90 ? 2274 PHE M CB  1 
ATOM   813  C CG  . PHE A 1 123 ? -7.313  10.036  5.376   1.00 18.07 ? 2274 PHE M CG  1 
ATOM   814  C CD1 . PHE A 1 123 ? -8.389  9.526   4.656   1.00 19.28 ? 2274 PHE M CD1 1 
ATOM   815  C CD2 . PHE A 1 123 ? -7.360  9.994   6.761   1.00 17.25 ? 2274 PHE M CD2 1 
ATOM   816  C CE1 . PHE A 1 123 ? -9.493  8.995   5.309   1.00 18.89 ? 2274 PHE M CE1 1 
ATOM   817  C CE2 . PHE A 1 123 ? -8.465  9.469   7.420   1.00 18.97 ? 2274 PHE M CE2 1 
ATOM   818  C CZ  . PHE A 1 123 ? -9.540  8.974   6.686   1.00 17.89 ? 2274 PHE M CZ  1 
ATOM   819  N N   . LEU A 1 124 ? -6.889  13.411  6.476   1.00 19.50 ? 2275 LEU M N   1 
ATOM   820  C CA  . LEU A 1 124 ? -6.740  14.167  7.724   1.00 19.76 ? 2275 LEU M CA  1 
ATOM   821  C C   . LEU A 1 124 ? -7.447  13.523  8.918   1.00 23.61 ? 2275 LEU M C   1 
ATOM   822  O O   . LEU A 1 124 ? -8.340  12.684  8.761   1.00 22.86 ? 2275 LEU M O   1 
ATOM   823  C CB  . LEU A 1 124 ? -7.275  15.590  7.556   1.00 20.03 ? 2275 LEU M CB  1 
ATOM   824  C CG  . LEU A 1 124 ? -6.737  16.415  6.391   1.00 18.94 ? 2275 LEU M CG  1 
ATOM   825  C CD1 . LEU A 1 124 ? -7.334  17.818  6.396   1.00 24.48 ? 2275 LEU M CD1 1 
ATOM   826  C CD2 . LEU A 1 124 ? -5.221  16.494  6.422   1.00 17.49 ? 2275 LEU M CD2 1 
ATOM   827  N N   . GLN A 1 125 ? -7.037  13.935  10.118  1.00 19.58 ? 2276 GLN M N   1 
ATOM   828  C CA  . GLN A 1 125 ? -7.766  13.615  11.339  1.00 21.45 ? 2276 GLN M CA  1 
ATOM   829  C C   . GLN A 1 125 ? -7.773  14.878  12.195  1.00 31.37 ? 2276 GLN M C   1 
ATOM   830  O O   . GLN A 1 125 ? -6.714  15.452  12.467  1.00 28.05 ? 2276 GLN M O   1 
ATOM   831  C CB  . GLN A 1 125 ? -7.116  12.453  12.096  1.00 30.06 ? 2276 GLN M CB  1 
ATOM   832  C CG  . GLN A 1 125 ? -7.883  12.027  13.347  1.00 35.75 ? 2276 GLN M CG  1 
ATOM   833  C CD  . GLN A 1 125 ? -7.159  10.958  14.156  1.00 44.10 ? 2276 GLN M CD  1 
ATOM   834  O OE1 . GLN A 1 125 ? -6.015  10.602  13.866  1.00 46.54 ? 2276 GLN M OE1 1 
ATOM   835  N NE2 . GLN A 1 125 ? -7.829  10.443  15.183  1.00 45.73 ? 2276 GLN M NE2 1 
ATOM   836  N N   . ASP A 1 126 ? -8.965  15.318  12.590  1.00 37.04 ? 2277 ASP M N   1 
ATOM   837  C CA  . ASP A 1 126 ? -9.127  16.540  13.385  1.00 34.69 ? 2277 ASP M CA  1 
ATOM   838  C C   . ASP A 1 126 ? -8.488  17.762  12.721  1.00 31.41 ? 2277 ASP M C   1 
ATOM   839  O O   . ASP A 1 126 ? -7.997  18.667  13.404  1.00 39.09 ? 2277 ASP M O   1 
ATOM   840  C CB  . ASP A 1 126 ? -8.589  16.339  14.808  1.00 41.25 ? 2277 ASP M CB  1 
ATOM   841  C CG  . ASP A 1 126 ? -9.399  15.326  15.594  1.00 43.23 ? 2277 ASP M CG  1 
ATOM   842  O OD1 . ASP A 1 126 ? -10.628 15.262  15.370  1.00 53.97 ? 2277 ASP M OD1 1 
ATOM   843  O OD2 . ASP A 1 126 ? -8.819  14.600  16.428  1.00 48.16 ? 2277 ASP M OD2 1 
ATOM   844  N N   . GLY A 1 127 ? -8.486  17.776  11.392  1.00 28.33 ? 2278 GLY M N   1 
ATOM   845  C CA  . GLY A 1 127 ? -8.005  18.919  10.640  1.00 28.13 ? 2278 GLY M CA  1 
ATOM   846  C C   . GLY A 1 127 ? -6.528  18.891  10.309  1.00 28.51 ? 2278 GLY M C   1 
ATOM   847  O O   . GLY A 1 127 ? -6.029  19.774  9.605   1.00 26.03 ? 2278 GLY M O   1 
ATOM   848  N N   . HIS A 1 128 ? -5.835  17.867  10.800  1.00 24.37 ? 2279 HIS M N   1 
ATOM   849  C CA  . HIS A 1 128 ? -4.396  17.759  10.604  1.00 24.33 ? 2279 HIS M CA  1 
ATOM   850  C C   . HIS A 1 128 ? -4.043  16.459  9.902   1.00 19.92 ? 2279 HIS M C   1 
ATOM   851  O O   . HIS A 1 128 ? -4.841  15.521  9.868   1.00 20.52 ? 2279 HIS M O   1 
ATOM   852  C CB  . HIS A 1 128 ? -3.676  17.836  11.948  1.00 28.41 ? 2279 HIS M CB  1 
ATOM   853  C CG  . HIS A 1 128 ? -4.088  19.007  12.781  1.00 35.98 ? 2279 HIS M CG  1 
ATOM   854  N ND1 . HIS A 1 128 ? -3.824  20.311  12.418  1.00 40.44 ? 2279 HIS M ND1 1 
ATOM   855  C CD2 . HIS A 1 128 ? -4.748  19.076  13.964  1.00 34.67 ? 2279 HIS M CD2 1 
ATOM   856  C CE1 . HIS A 1 128 ? -4.306  21.131  13.334  1.00 40.03 ? 2279 HIS M CE1 1 
ATOM   857  N NE2 . HIS A 1 128 ? -4.869  20.404  14.286  1.00 39.46 ? 2279 HIS M NE2 1 
ATOM   858  N N   . THR A 1 129 ? -2.834  16.406  9.353   1.00 20.50 ? 2280 THR M N   1 
ATOM   859  C CA  . THR A 1 129 ? -2.371  15.207  8.652   1.00 19.30 ? 2280 THR M CA  1 
ATOM   860  C C   . THR A 1 129 ? -2.497  13.979  9.545   1.00 18.59 ? 2280 THR M C   1 
ATOM   861  O O   . THR A 1 129 ? -2.013  13.978  10.674  1.00 17.84 ? 2280 THR M O   1 
ATOM   862  C CB  . THR A 1 129 ? -0.906  15.371  8.235   1.00 28.09 ? 2280 THR M CB  1 
ATOM   863  O OG1 . THR A 1 129 ? -0.769  16.554  7.438   1.00 26.89 ? 2280 THR M OG1 1 
ATOM   864  C CG2 . THR A 1 129 ? -0.430  14.158  7.447   1.00 22.00 ? 2280 THR M CG2 1 
ATOM   865  N N   . LYS A 1 130 ? -3.159  12.930  9.059   1.00 14.73 ? 2281 LYS M N   1 
ATOM   866  C CA  . LYS A 1 130 ? -3.252  11.711  9.848   1.00 12.74 ? 2281 LYS M CA  1 
ATOM   867  C C   . LYS A 1 130 ? -2.031  10.816  9.641   1.00 17.36 ? 2281 LYS M C   1 
ATOM   868  O O   . LYS A 1 130 ? -1.717  10.439  8.510   1.00 18.43 ? 2281 LYS M O   1 
ATOM   869  C CB  . LYS A 1 130 ? -4.518  10.927  9.511   1.00 17.78 ? 2281 LYS M CB  1 
ATOM   870  C CG  . LYS A 1 130 ? -4.688  9.666   10.361  1.00 21.79 ? 2281 LYS M CG  1 
ATOM   871  C CD  . LYS A 1 130 ? -6.027  8.978   10.100  1.00 27.98 ? 2281 LYS M CD  1 
ATOM   872  C CE  . LYS A 1 130 ? -6.167  7.724   10.955  1.00 27.14 ? 2281 LYS M CE  1 
ATOM   873  N NZ  . LYS A 1 130 ? -6.090  8.057   12.414  1.00 33.37 ? 2281 LYS M NZ  1 
ATOM   874  N N   . VAL A 1 131 ? -1.337  10.486  10.729  1.00 16.48 ? 2282 VAL M N   1 
ATOM   875  C CA  . VAL A 1 131 ? -0.301  9.457   10.663  1.00 15.32 ? 2282 VAL M CA  1 
ATOM   876  C C   . VAL A 1 131 ? -0.888  8.120   11.079  1.00 15.80 ? 2282 VAL M C   1 
ATOM   877  O O   . VAL A 1 131 ? -1.370  7.955   12.206  1.00 18.52 ? 2282 VAL M O   1 
ATOM   878  C CB  . VAL A 1 131 ? 0.902   9.780   11.566  1.00 16.70 ? 2282 VAL M CB  1 
ATOM   879  C CG1 . VAL A 1 131 ? 1.890   8.622   11.550  1.00 18.31 ? 2282 VAL M CG1 1 
ATOM   880  C CG2 . VAL A 1 131 ? 1.576   11.069  11.103  1.00 17.57 ? 2282 VAL M CG2 1 
ATOM   881  N N   . PHE A 1 132 ? -0.867  7.160   10.160  1.00 14.85 ? 2283 PHE M N   1 
ATOM   882  C CA  . PHE A 1 132 ? -1.397  5.846   10.455  1.00 15.63 ? 2283 PHE M CA  1 
ATOM   883  C C   . PHE A 1 132 ? -0.320  4.998   11.087  1.00 16.13 ? 2283 PHE M C   1 
ATOM   884  O O   . PHE A 1 132 ? 0.824   4.993   10.627  1.00 18.23 ? 2283 PHE M O   1 
ATOM   885  C CB  . PHE A 1 132 ? -1.875  5.165   9.173   1.00 16.20 ? 2283 PHE M CB  1 
ATOM   886  C CG  . PHE A 1 132 ? -3.092  5.802   8.564   1.00 16.25 ? 2283 PHE M CG  1 
ATOM   887  C CD1 . PHE A 1 132 ? -2.981  6.932   7.759   1.00 17.80 ? 2283 PHE M CD1 1 
ATOM   888  C CD2 . PHE A 1 132 ? -4.351  5.249   8.780   1.00 20.52 ? 2283 PHE M CD2 1 
ATOM   889  C CE1 . PHE A 1 132 ? -4.119  7.513   7.192   1.00 16.29 ? 2283 PHE M CE1 1 
ATOM   890  C CE2 . PHE A 1 132 ? -5.484  5.818   8.215   1.00 20.02 ? 2283 PHE M CE2 1 
ATOM   891  C CZ  . PHE A 1 132 ? -5.364  6.950   7.422   1.00 16.60 ? 2283 PHE M CZ  1 
ATOM   892  N N   . GLN A 1 133 ? -0.685  4.284   12.142  1.00 13.33 ? 2284 GLN M N   1 
ATOM   893  C CA  . GLN A 1 133 ? 0.233   3.326   12.744  1.00 19.50 ? 2284 GLN M CA  1 
ATOM   894  C C   . GLN A 1 133 ? 0.140   2.021   11.976  1.00 17.64 ? 2284 GLN M C   1 
ATOM   895  O O   . GLN A 1 133 ? -0.930  1.397   11.899  1.00 20.00 ? 2284 GLN M O   1 
ATOM   896  C CB  . GLN A 1 133 ? -0.090  3.112   14.223  1.00 21.25 ? 2284 GLN M CB  1 
ATOM   897  C CG  . GLN A 1 133 ? 0.176   4.339   15.081  1.00 28.40 ? 2284 GLN M CG  1 
ATOM   898  C CD  . GLN A 1 133 ? 1.637   4.737   15.069  1.00 29.57 ? 2284 GLN M CD  1 
ATOM   899  O OE1 . GLN A 1 133 ? 2.529   3.894   15.212  1.00 29.51 ? 2284 GLN M OE1 1 
ATOM   900  N NE2 . GLN A 1 133 ? 1.893   6.023   14.888  1.00 25.20 ? 2284 GLN M NE2 1 
ATOM   901  N N   . GLY A 1 134 ? 1.264   1.615   11.393  1.00 16.03 ? 2285 GLY M N   1 
ATOM   902  C CA  . GLY A 1 134 ? 1.287   0.447   10.537  1.00 17.26 ? 2285 GLY M CA  1 
ATOM   903  C C   . GLY A 1 134 ? 1.834   -0.773  11.250  1.00 22.23 ? 2285 GLY M C   1 
ATOM   904  O O   . GLY A 1 134 ? 1.293   -1.205  12.276  1.00 20.87 ? 2285 GLY M O   1 
ATOM   905  N N   . ASN A 1 135 ? 2.913   -1.330  10.716  1.00 14.89 ? 2286 ASN M N   1 
ATOM   906  C CA  . ASN A 1 135 ? 3.375   -2.637  11.187  1.00 13.51 ? 2286 ASN M CA  1 
ATOM   907  C C   . ASN A 1 135 ? 4.458   -2.580  12.247  1.00 16.44 ? 2286 ASN M C   1 
ATOM   908  O O   . ASN A 1 135 ? 5.115   -1.558  12.420  1.00 20.44 ? 2286 ASN M O   1 
ATOM   909  C CB  . ASN A 1 135 ? 3.834   -3.481  9.999   1.00 15.18 ? 2286 ASN M CB  1 
ATOM   910  C CG  . ASN A 1 135 ? 2.699   -3.781  9.046   1.00 12.38 ? 2286 ASN M CG  1 
ATOM   911  O OD1 . ASN A 1 135 ? 2.588   -3.175  7.978   1.00 16.94 ? 2286 ASN M OD1 1 
ATOM   912  N ND2 . ASN A 1 135 ? 1.834   -4.706  9.438   1.00 15.22 ? 2286 ASN M ND2 1 
ATOM   913  N N   . GLN A 1 136 ? 4.639   -3.701  12.948  1.00 19.72 ? 2287 GLN M N   1 
ATOM   914  C CA  . GLN A 1 136 ? 5.694   -3.815  13.946  1.00 19.95 ? 2287 GLN M CA  1 
ATOM   915  C C   . GLN A 1 136 ? 6.421   -5.144  13.788  1.00 23.77 ? 2287 GLN M C   1 
ATOM   916  O O   . GLN A 1 136 ? 7.221   -5.544  14.641  1.00 22.99 ? 2287 GLN M O   1 
ATOM   917  C CB  . GLN A 1 136 ? 5.132   -3.653  15.361  1.00 28.52 ? 2287 GLN M CB  1 
ATOM   918  C CG  . GLN A 1 136 ? 4.063   -4.657  15.743  1.00 35.78 ? 2287 GLN M CG  1 
ATOM   919  C CD  . GLN A 1 136 ? 3.521   -4.417  17.147  1.00 51.31 ? 2287 GLN M CD  1 
ATOM   920  O OE1 . GLN A 1 136 ? 3.062   -3.319  17.469  1.00 51.25 ? 2287 GLN M OE1 1 
ATOM   921  N NE2 . GLN A 1 136 ? 3.581   -5.446  17.992  1.00 57.66 ? 2287 GLN M NE2 1 
ATOM   922  N N   . ASP A 1 137 ? 6.133   -5.822  12.680  1.00 19.73 ? 2288 ASP M N   1 
ATOM   923  C CA  . ASP A 1 137 ? 6.855   -7.025  12.279  1.00 19.55 ? 2288 ASP M CA  1 
ATOM   924  C C   . ASP A 1 137 ? 6.685   -7.243  10.776  1.00 21.21 ? 2288 ASP M C   1 
ATOM   925  O O   . ASP A 1 137 ? 6.033   -6.435  10.097  1.00 19.25 ? 2288 ASP M O   1 
ATOM   926  C CB  . ASP A 1 137 ? 6.414   -8.256  13.089  1.00 21.09 ? 2288 ASP M CB  1 
ATOM   927  C CG  . ASP A 1 137 ? 4.960   -8.652  12.857  1.00 27.18 ? 2288 ASP M CG  1 
ATOM   928  O OD1 . ASP A 1 137 ? 4.416   -9.365  13.725  1.00 24.31 ? 2288 ASP M OD1 1 
ATOM   929  O OD2 . ASP A 1 137 ? 4.350   -8.292  11.824  1.00 21.29 ? 2288 ASP M OD2 1 
ATOM   930  N N   . SER A 1 138 ? 7.259   -8.322  10.258  1.00 20.58 ? 2289 SER M N   1 
ATOM   931  C CA  . SER A 1 138 ? 7.259   -8.531  8.814   1.00 22.54 ? 2289 SER M CA  1 
ATOM   932  C C   . SER A 1 138 ? 6.075   -9.319  8.273   1.00 21.37 ? 2289 SER M C   1 
ATOM   933  O O   . SER A 1 138 ? 5.799   -9.258  7.074   1.00 22.11 ? 2289 SER M O   1 
ATOM   934  C CB  . SER A 1 138 ? 8.582   -9.153  8.369   1.00 27.10 ? 2289 SER M CB  1 
ATOM   935  O OG  . SER A 1 138 ? 9.618   -8.193  8.492   1.00 31.72 ? 2289 SER M OG  1 
ATOM   936  N N   . SER A 1 139 ? 5.351   -10.029 9.136   1.00 17.74 ? 2290 SER M N   1 
ATOM   937  C CA  . SER A 1 139 ? 4.314   -10.929 8.634   1.00 21.45 ? 2290 SER M CA  1 
ATOM   938  C C   . SER A 1 139 ? 2.878   -10.706 9.132   1.00 19.34 ? 2290 SER M C   1 
ATOM   939  O O   . SER A 1 139 ? 1.946   -11.249 8.542   1.00 21.86 ? 2290 SER M O   1 
ATOM   940  C CB  . SER A 1 139 ? 4.718   -12.386 8.883   1.00 27.02 ? 2290 SER M CB  1 
ATOM   941  O OG  . SER A 1 139 ? 4.613   -12.704 10.259  1.00 32.86 ? 2290 SER M OG  1 
ATOM   942  N N   . THR A 1 140 ? 2.687   -9.935  10.203  1.00 17.41 ? 2291 THR M N   1 
ATOM   943  C CA  . THR A 1 140 ? 1.337   -9.733  10.744  1.00 18.98 ? 2291 THR M CA  1 
ATOM   944  C C   . THR A 1 140 ? 0.610   -8.612  10.011  1.00 15.51 ? 2291 THR M C   1 
ATOM   945  O O   . THR A 1 140 ? 1.123   -7.504  9.925   1.00 17.88 ? 2291 THR M O   1 
ATOM   946  C CB  . THR A 1 140 ? 1.362   -9.371  12.242  1.00 19.64 ? 2291 THR M CB  1 
ATOM   947  O OG1 . THR A 1 140 ? 2.075   -10.382 12.969  1.00 21.28 ? 2291 THR M OG1 1 
ATOM   948  C CG2 . THR A 1 140 ? -0.056  -9.257  12.796  1.00 24.20 ? 2291 THR M CG2 1 
ATOM   949  N N   . PRO A 1 141 ? -0.594  -8.895  9.490   1.00 17.62 ? 2292 PRO M N   1 
ATOM   950  C CA  . PRO A 1 141 ? -1.350  -7.834  8.816   1.00 17.12 ? 2292 PRO M CA  1 
ATOM   951  C C   . PRO A 1 141 ? -1.927  -6.873  9.845   1.00 19.74 ? 2292 PRO M C   1 
ATOM   952  O O   . PRO A 1 141 ? -2.339  -7.297  10.929  1.00 19.39 ? 2292 PRO M O   1 
ATOM   953  C CB  . PRO A 1 141 ? -2.494  -8.589  8.112   1.00 19.21 ? 2292 PRO M CB  1 
ATOM   954  C CG  . PRO A 1 141 ? -2.200  -10.048 8.273   1.00 25.71 ? 2292 PRO M CG  1 
ATOM   955  C CD  . PRO A 1 141 ? -1.280  -10.195 9.443   1.00 23.02 ? 2292 PRO M CD  1 
ATOM   956  N N   . VAL A 1 142 ? -1.957  -5.592  9.511   1.00 16.96 ? 2293 VAL M N   1 
ATOM   957  C CA  . VAL A 1 142 ? -2.521  -4.593  10.406  1.00 15.59 ? 2293 VAL M CA  1 
ATOM   958  C C   . VAL A 1 142 ? -3.578  -3.838  9.622   1.00 16.22 ? 2293 VAL M C   1 
ATOM   959  O O   . VAL A 1 142 ? -3.288  -3.282  8.556   1.00 17.10 ? 2293 VAL M O   1 
ATOM   960  C CB  . VAL A 1 142 ? -1.438  -3.625  10.914  1.00 19.04 ? 2293 VAL M CB  1 
ATOM   961  C CG1 . VAL A 1 142 ? -2.062  -2.422  11.628  1.00 20.56 ? 2293 VAL M CG1 1 
ATOM   962  C CG2 . VAL A 1 142 ? -0.480  -4.354  11.844  1.00 20.33 ? 2293 VAL M CG2 1 
ATOM   963  N N   . VAL A 1 143 ? -4.810  -3.847  10.130  1.00 16.32 ? 2294 VAL M N   1 
ATOM   964  C CA  . VAL A 1 143 ? -5.926  -3.163  9.484   1.00 15.17 ? 2294 VAL M CA  1 
ATOM   965  C C   . VAL A 1 143 ? -6.110  -1.764  10.041  1.00 18.23 ? 2294 VAL M C   1 
ATOM   966  O O   . VAL A 1 143 ? -6.172  -1.580  11.264  1.00 20.21 ? 2294 VAL M O   1 
ATOM   967  C CB  . VAL A 1 143 ? -7.245  -3.938  9.673   1.00 17.51 ? 2294 VAL M CB  1 
ATOM   968  C CG1 . VAL A 1 143 ? -8.415  -3.160  9.065   1.00 21.80 ? 2294 VAL M CG1 1 
ATOM   969  C CG2 . VAL A 1 143 ? -7.136  -5.321  9.049   1.00 18.28 ? 2294 VAL M CG2 1 
ATOM   970  N N   . ASN A 1 144 ? -6.192  -0.780  9.144   1.00 14.99 ? 2295 ASN M N   1 
ATOM   971  C CA  . ASN A 1 144 ? -6.464  0.605   9.524   1.00 17.52 ? 2295 ASN M CA  1 
ATOM   972  C C   . ASN A 1 144 ? -7.769  1.106   8.913   1.00 19.54 ? 2295 ASN M C   1 
ATOM   973  O O   . ASN A 1 144 ? -7.919  1.129   7.694   1.00 19.36 ? 2295 ASN M O   1 
ATOM   974  C CB  . ASN A 1 144 ? -5.329  1.513   9.068   1.00 17.33 ? 2295 ASN M CB  1 
ATOM   975  C CG  . ASN A 1 144 ? -4.321  1.774   10.160  1.00 21.62 ? 2295 ASN M CG  1 
ATOM   976  O OD1 . ASN A 1 144 ? -4.624  2.469   11.131  1.00 22.39 ? 2295 ASN M OD1 1 
ATOM   977  N ND2 . ASN A 1 144 ? -3.116  1.227   10.012  1.00 17.25 ? 2295 ASN M ND2 1 
ATOM   978  N N   . ALA A 1 145 ? -8.699  1.533   9.761   1.00 16.10 ? 2296 ALA M N   1 
ATOM   979  C CA  . ALA A 1 145 ? -9.969  2.088   9.290   1.00 19.11 ? 2296 ALA M CA  1 
ATOM   980  C C   . ALA A 1 145 ? -9.781  3.488   8.725   1.00 17.24 ? 2296 ALA M C   1 
ATOM   981  O O   . ALA A 1 145 ? -8.942  4.255   9.210   1.00 18.97 ? 2296 ALA M O   1 
ATOM   982  C CB  . ALA A 1 145 ? -10.972 2.117   10.429  1.00 24.36 ? 2296 ALA M CB  1 
ATOM   983  N N   . LEU A 1 146 ? -10.564 3.819   7.702   1.00 18.38 ? 2297 LEU M N   1 
ATOM   984  C CA  . LEU A 1 146 ? -10.583 5.171   7.168   1.00 18.56 ? 2297 LEU M CA  1 
ATOM   985  C C   . LEU A 1 146 ? -11.905 5.802   7.575   1.00 19.54 ? 2297 LEU M C   1 
ATOM   986  O O   . LEU A 1 146 ? -12.959 5.408   7.073   1.00 21.45 ? 2297 LEU M O   1 
ATOM   987  C CB  . LEU A 1 146 ? -10.471 5.163   5.643   1.00 20.51 ? 2297 LEU M CB  1 
ATOM   988  C CG  . LEU A 1 146 ? -9.193  4.564   5.061   1.00 19.95 ? 2297 LEU M CG  1 
ATOM   989  C CD1 . LEU A 1 146 ? -9.154  4.758   3.559   1.00 22.90 ? 2297 LEU M CD1 1 
ATOM   990  C CD2 . LEU A 1 146 ? -7.999  5.223   5.703   1.00 21.90 ? 2297 LEU M CD2 1 
ATOM   991  N N   . ASP A 1 147 ? -11.833 6.756   8.497   1.00 22.16 ? 2298 ASP M N   1 
ATOM   992  C CA  . ASP A 1 147 ? -13.009 7.461   8.990   1.00 23.74 ? 2298 ASP M CA  1 
ATOM   993  C C   . ASP A 1 147 ? -12.696 8.955   9.010   1.00 18.69 ? 2298 ASP M C   1 
ATOM   994  O O   . ASP A 1 147 ? -11.833 9.404   9.764   1.00 22.47 ? 2298 ASP M O   1 
ATOM   995  C CB  . ASP A 1 147 ? -13.363 6.967   10.393  1.00 28.27 ? 2298 ASP M CB  1 
ATOM   996  C CG  . ASP A 1 147 ? -14.673 7.537   10.906  1.00 40.74 ? 2298 ASP M CG  1 
ATOM   997  O OD1 . ASP A 1 147 ? -14.900 7.468   12.133  1.00 43.62 ? 2298 ASP M OD1 1 
ATOM   998  O OD2 . ASP A 1 147 ? -15.477 8.043   10.093  1.00 35.33 ? 2298 ASP M OD2 1 
ATOM   999  N N   . PRO A 1 148 ? -13.398 9.743   8.184   1.00 20.22 ? 2299 PRO M N   1 
ATOM   1000 C CA  . PRO A 1 148 ? -14.484 9.329   7.285   1.00 20.46 ? 2299 PRO M CA  1 
ATOM   1001 C C   . PRO A 1 148 ? -14.003 8.500   6.098   1.00 19.53 ? 2299 PRO M C   1 
ATOM   1002 O O   . PRO A 1 148 ? -12.848 8.624   5.689   1.00 22.02 ? 2299 PRO M O   1 
ATOM   1003 C CB  . PRO A 1 148 ? -15.054 10.662  6.784   1.00 23.23 ? 2299 PRO M CB  1 
ATOM   1004 C CG  . PRO A 1 148 ? -13.960 11.651  6.971   1.00 30.17 ? 2299 PRO M CG  1 
ATOM   1005 C CD  . PRO A 1 148 ? -13.199 11.203  8.183   1.00 23.87 ? 2299 PRO M CD  1 
ATOM   1006 N N   . PRO A 1 149 ? -14.880 7.655   5.555   1.00 19.37 ? 2300 PRO M N   1 
ATOM   1007 C CA  . PRO A 1 149 ? -14.464 6.824   4.426   1.00 18.19 ? 2300 PRO M CA  1 
ATOM   1008 C C   . PRO A 1 149 ? -14.248 7.669   3.181   1.00 19.95 ? 2300 PRO M C   1 
ATOM   1009 O O   . PRO A 1 149 ? -14.734 8.811   3.113   1.00 20.13 ? 2300 PRO M O   1 
ATOM   1010 C CB  . PRO A 1 149 ? -15.650 5.879   4.236   1.00 20.22 ? 2300 PRO M CB  1 
ATOM   1011 C CG  . PRO A 1 149 ? -16.829 6.658   4.770   1.00 25.36 ? 2300 PRO M CG  1 
ATOM   1012 C CD  . PRO A 1 149 ? -16.291 7.434   5.926   1.00 23.12 ? 2300 PRO M CD  1 
ATOM   1013 N N   . LEU A 1 150 ? -13.509 7.116   2.224   1.00 18.38 ? 2301 LEU M N   1 
ATOM   1014 C CA  . LEU A 1 150 ? -13.236 7.770   0.953   1.00 16.47 ? 2301 LEU M CA  1 
ATOM   1015 C C   . LEU A 1 150 ? -14.176 7.257   -0.134  1.00 20.22 ? 2301 LEU M C   1 
ATOM   1016 O O   . LEU A 1 150 ? -14.405 6.050   -0.254  1.00 22.96 ? 2301 LEU M O   1 
ATOM   1017 C CB  . LEU A 1 150 ? -11.790 7.502   0.526   1.00 20.47 ? 2301 LEU M CB  1 
ATOM   1018 C CG  . LEU A 1 150 ? -10.687 8.061   1.426   1.00 20.29 ? 2301 LEU M CG  1 
ATOM   1019 C CD1 . LEU A 1 150 ? -9.308  7.671   0.904   1.00 21.25 ? 2301 LEU M CD1 1 
ATOM   1020 C CD2 . LEU A 1 150 ? -10.803 9.566   1.530   1.00 20.86 ? 2301 LEU M CD2 1 
ATOM   1021 N N   . PHE A 1 151 ? -14.747 8.177   -0.903  1.00 17.12 ? 2302 PHE M N   1 
ATOM   1022 C CA  . PHE A 1 151 ? -15.377 7.817   -2.167  1.00 14.86 ? 2302 PHE M CA  1 
ATOM   1023 C C   . PHE A 1 151 ? -14.399 8.263   -3.238  1.00 16.31 ? 2302 PHE M C   1 
ATOM   1024 O O   . PHE A 1 151 ? -14.289 9.453   -3.549  1.00 19.40 ? 2302 PHE M O   1 
ATOM   1025 C CB  . PHE A 1 151 ? -16.739 8.507   -2.322  1.00 18.18 ? 2302 PHE M CB  1 
ATOM   1026 C CG  . PHE A 1 151 ? -17.775 7.990   -1.369  1.00 18.46 ? 2302 PHE M CG  1 
ATOM   1027 C CD1 . PHE A 1 151 ? -18.695 7.040   -1.775  1.00 21.32 ? 2302 PHE M CD1 1 
ATOM   1028 C CD2 . PHE A 1 151 ? -17.797 8.424   -0.049  1.00 27.66 ? 2302 PHE M CD2 1 
ATOM   1029 C CE1 . PHE A 1 151 ? -19.636 6.544   -0.893  1.00 25.99 ? 2302 PHE M CE1 1 
ATOM   1030 C CE2 . PHE A 1 151 ? -18.741 7.936   0.836   1.00 28.37 ? 2302 PHE M CE2 1 
ATOM   1031 C CZ  . PHE A 1 151 ? -19.658 6.991   0.413   1.00 21.77 ? 2302 PHE M CZ  1 
ATOM   1032 N N   . THR A 1 152 ? -13.632 7.313   -3.761  1.00 17.06 ? 2303 THR M N   1 
ATOM   1033 C CA  . THR A 1 152 ? -12.480 7.680   -4.561  1.00 15.83 ? 2303 THR M CA  1 
ATOM   1034 C C   . THR A 1 152 ? -12.148 6.594   -5.585  1.00 17.16 ? 2303 THR M C   1 
ATOM   1035 O O   . THR A 1 152 ? -12.682 5.483   -5.528  1.00 19.02 ? 2303 THR M O   1 
ATOM   1036 C CB  . THR A 1 152 ? -11.249 7.968   -3.653  1.00 15.25 ? 2303 THR M CB  1 
ATOM   1037 O OG1 . THR A 1 152 ? -10.231 8.617   -4.419  1.00 18.60 ? 2303 THR M OG1 1 
ATOM   1038 C CG2 . THR A 1 152 ? -10.693 6.669   -3.064  1.00 19.95 ? 2303 THR M CG2 1 
ATOM   1039 N N   . ARG A 1 153 ? -11.275 6.935   -6.529  1.00 15.48 ? 2304 ARG M N   1 
ATOM   1040 C CA  . ARG A 1 153 ? -10.817 5.969   -7.520  1.00 15.80 ? 2304 ARG M CA  1 
ATOM   1041 C C   . ARG A 1 153 ? -9.372  5.541   -7.277  1.00 14.65 ? 2304 ARG M C   1 
ATOM   1042 O O   . ARG A 1 153 ? -9.037  4.357   -7.413  1.00 16.84 ? 2304 ARG M O   1 
ATOM   1043 C CB  . ARG A 1 153 ? -10.939 6.544   -8.927  1.00 16.30 ? 2304 ARG M CB  1 
ATOM   1044 C CG  . ARG A 1 153 ? -10.386 5.590   -9.976  1.00 18.54 ? 2304 ARG M CG  1 
ATOM   1045 C CD  . ARG A 1 153 ? -10.590 6.106   -11.383 1.00 20.75 ? 2304 ARG M CD  1 
ATOM   1046 N NE  . ARG A 1 153 ? -9.738  5.362   -12.307 1.00 19.94 ? 2304 ARG M NE  1 
ATOM   1047 C CZ  . ARG A 1 153 ? -9.805  5.444   -13.630 1.00 29.01 ? 2304 ARG M CZ  1 
ATOM   1048 N NH1 . ARG A 1 153 ? -10.704 6.229   -14.207 1.00 28.44 ? 2304 ARG M NH1 1 
ATOM   1049 N NH2 . ARG A 1 153 ? -8.975  4.729   -14.375 1.00 26.12 ? 2304 ARG M NH2 1 
ATOM   1050 N N   . TYR A 1 154 ? -8.522  6.501   -6.922  1.00 15.30 ? 2305 TYR M N   1 
ATOM   1051 C CA  . TYR A 1 154 ? -7.089  6.233   -6.734  1.00 16.70 ? 2305 TYR M CA  1 
ATOM   1052 C C   . TYR A 1 154 ? -6.710  6.375   -5.268  1.00 17.59 ? 2305 TYR M C   1 
ATOM   1053 O O   . TYR A 1 154 ? -7.217  7.258   -4.570  1.00 15.18 ? 2305 TYR M O   1 
ATOM   1054 C CB  . TYR A 1 154 ? -6.234  7.226   -7.534  1.00 14.52 ? 2305 TYR M CB  1 
ATOM   1055 C CG  . TYR A 1 154 ? -6.354  7.167   -9.038  1.00 19.21 ? 2305 TYR M CG  1 
ATOM   1056 C CD1 . TYR A 1 154 ? -7.389  7.822   -9.698  1.00 18.35 ? 2305 TYR M CD1 1 
ATOM   1057 C CD2 . TYR A 1 154 ? -5.400  6.506   -9.806  1.00 20.75 ? 2305 TYR M CD2 1 
ATOM   1058 C CE1 . TYR A 1 154 ? -7.490  7.793   -11.074 1.00 21.52 ? 2305 TYR M CE1 1 
ATOM   1059 C CE2 . TYR A 1 154 ? -5.490  6.476   -11.186 1.00 18.49 ? 2305 TYR M CE2 1 
ATOM   1060 C CZ  . TYR A 1 154 ? -6.538  7.120   -11.813 1.00 27.67 ? 2305 TYR M CZ  1 
ATOM   1061 O OH  . TYR A 1 154 ? -6.644  7.093   -13.187 1.00 24.41 ? 2305 TYR M OH  1 
ATOM   1062 N N   . LEU A 1 155 ? -5.816  5.511   -4.800  1.00 14.84 ? 2306 LEU M N   1 
ATOM   1063 C CA  . LEU A 1 155 ? -5.266  5.609   -3.442  1.00 17.64 ? 2306 LEU M CA  1 
ATOM   1064 C C   . LEU A 1 155 ? -3.746  5.611   -3.506  1.00 17.50 ? 2306 LEU M C   1 
ATOM   1065 O O   . LEU A 1 155 ? -3.163  4.919   -4.332  1.00 15.28 ? 2306 LEU M O   1 
ATOM   1066 C CB  . LEU A 1 155 ? -5.665  4.386   -2.614  1.00 18.64 ? 2306 LEU M CB  1 
ATOM   1067 C CG  . LEU A 1 155 ? -6.906  4.301   -1.731  1.00 33.82 ? 2306 LEU M CG  1 
ATOM   1068 C CD1 . LEU A 1 155 ? -6.791  3.067   -0.830  1.00 32.25 ? 2306 LEU M CD1 1 
ATOM   1069 C CD2 . LEU A 1 155 ? -7.078  5.552   -0.892  1.00 26.88 ? 2306 LEU M CD2 1 
ATOM   1070 N N   . ARG A 1 156 ? -3.099  6.374   -2.629  1.00 14.36 ? 2307 ARG M N   1 
ATOM   1071 C CA  . ARG A 1 156 ? -1.654  6.230   -2.429  1.00 15.17 ? 2307 ARG M CA  1 
ATOM   1072 C C   . ARG A 1 156 ? -1.316  6.005   -0.965  1.00 16.39 ? 2307 ARG M C   1 
ATOM   1073 O O   . ARG A 1 156 ? -1.911  6.628   -0.084  1.00 16.13 ? 2307 ARG M O   1 
ATOM   1074 C CB  . ARG A 1 156 ? -0.894  7.464   -2.922  1.00 13.91 ? 2307 ARG M CB  1 
ATOM   1075 C CG  . ARG A 1 156 ? -0.688  7.525   -4.423  1.00 14.94 ? 2307 ARG M CG  1 
ATOM   1076 C CD  . ARG A 1 156 ? 0.015   8.819   -4.808  1.00 14.51 ? 2307 ARG M CD  1 
ATOM   1077 N NE  . ARG A 1 156 ? 0.237   8.896   -6.245  1.00 16.00 ? 2307 ARG M NE  1 
ATOM   1078 C CZ  . ARG A 1 156 ? 0.764   9.947   -6.864  1.00 22.09 ? 2307 ARG M CZ  1 
ATOM   1079 N NH1 . ARG A 1 156 ? 1.128   11.015  -6.165  1.00 21.93 ? 2307 ARG M NH1 1 
ATOM   1080 N NH2 . ARG A 1 156 ? 0.922   9.925   -8.179  1.00 21.38 ? 2307 ARG M NH2 1 
ATOM   1081 N N   . ILE A 1 157 ? -0.364  5.103   -0.715  1.00 12.34 ? 2308 ILE M N   1 
ATOM   1082 C CA  . ILE A 1 157 ? 0.196   4.903   0.621   1.00 11.51 ? 2308 ILE M CA  1 
ATOM   1083 C C   . ILE A 1 157 ? 1.585   5.543   0.643   1.00 15.51 ? 2308 ILE M C   1 
ATOM   1084 O O   . ILE A 1 157 ? 2.418   5.234   -0.212  1.00 15.81 ? 2308 ILE M O   1 
ATOM   1085 C CB  . ILE A 1 157 ? 0.350   3.390   0.938   1.00 15.85 ? 2308 ILE M CB  1 
ATOM   1086 C CG1 . ILE A 1 157 ? -0.969  2.643   0.733   1.00 22.24 ? 2308 ILE M CG1 1 
ATOM   1087 C CG2 . ILE A 1 157 ? 0.883   3.167   2.355   1.00 17.03 ? 2308 ILE M CG2 1 
ATOM   1088 C CD1 . ILE A 1 157 ? -2.085  3.159   1.598   1.00 24.11 ? 2308 ILE M CD1 1 
ATOM   1089 N N   . HIS A 1 158 ? 1.830   6.433   1.609   1.00 14.42 ? 2309 HIS M N   1 
ATOM   1090 C CA  . HIS A 1 158 ? 3.098   7.165   1.719   1.00 15.82 ? 2309 HIS M CA  1 
ATOM   1091 C C   . HIS A 1 158 ? 3.864   6.769   2.989   1.00 14.93 ? 2309 HIS M C   1 
ATOM   1092 O O   . HIS A 1 158 ? 3.551   7.254   4.074   1.00 13.87 ? 2309 HIS M O   1 
ATOM   1093 C CB  . HIS A 1 158 ? 2.828   8.674   1.816   1.00 13.56 ? 2309 HIS M CB  1 
ATOM   1094 C CG  . HIS A 1 158 ? 2.021   9.237   0.683   1.00 14.76 ? 2309 HIS M CG  1 
ATOM   1095 N ND1 . HIS A 1 158 ? 2.594   9.895   -0.382  1.00 16.59 ? 2309 HIS M ND1 1 
ATOM   1096 C CD2 . HIS A 1 158 ? 0.682   9.256   0.457   1.00 17.02 ? 2309 HIS M CD2 1 
ATOM   1097 C CE1 . HIS A 1 158 ? 1.649   10.292  -1.220  1.00 16.37 ? 2309 HIS M CE1 1 
ATOM   1098 N NE2 . HIS A 1 158 ? 0.480   9.924   -0.728  1.00 16.23 ? 2309 HIS M NE2 1 
ATOM   1099 N N   . PRO A 1 159 ? 4.883   5.908   2.871   1.00 15.59 ? 2310 PRO M N   1 
ATOM   1100 C CA  . PRO A 1 159 ? 5.612   5.524   4.088   1.00 15.17 ? 2310 PRO M CA  1 
ATOM   1101 C C   . PRO A 1 159 ? 6.345   6.714   4.716   1.00 13.54 ? 2310 PRO M C   1 
ATOM   1102 O O   . PRO A 1 159 ? 6.989   7.492   4.002   1.00 18.23 ? 2310 PRO M O   1 
ATOM   1103 C CB  . PRO A 1 159 ? 6.626   4.486   3.576   1.00 12.90 ? 2310 PRO M CB  1 
ATOM   1104 C CG  . PRO A 1 159 ? 5.989   3.947   2.307   1.00 14.25 ? 2310 PRO M CG  1 
ATOM   1105 C CD  . PRO A 1 159 ? 5.295   5.125   1.694   1.00 16.44 ? 2310 PRO M CD  1 
ATOM   1106 N N   . THR A 1 160 ? 6.239   6.864   6.035   1.00 12.91 ? 2311 THR M N   1 
ATOM   1107 C CA  . THR A 1 160 ? 6.937   7.952   6.725   1.00 15.79 ? 2311 THR M CA  1 
ATOM   1108 C C   . THR A 1 160 ? 7.877   7.462   7.836   1.00 17.75 ? 2311 THR M C   1 
ATOM   1109 O O   . THR A 1 160 ? 8.704   8.229   8.348   1.00 17.06 ? 2311 THR M O   1 
ATOM   1110 C CB  . THR A 1 160 ? 5.949   8.998   7.281   1.00 17.87 ? 2311 THR M CB  1 
ATOM   1111 O OG1 . THR A 1 160 ? 4.976   8.352   8.110   1.00 18.49 ? 2311 THR M OG1 1 
ATOM   1112 C CG2 . THR A 1 160 ? 5.235   9.700   6.154   1.00 19.28 ? 2311 THR M CG2 1 
ATOM   1113 N N   . SER A 1 161 ? 7.748   6.190   8.203   1.00 14.32 ? 2312 SER M N   1 
ATOM   1114 C CA  . SER A 1 161 ? 8.651   5.551   9.166   1.00 18.65 ? 2312 SER M CA  1 
ATOM   1115 C C   . SER A 1 161 ? 8.736   4.064   8.831   1.00 17.42 ? 2312 SER M C   1 
ATOM   1116 O O   . SER A 1 161 ? 7.728   3.449   8.461   1.00 17.11 ? 2312 SER M O   1 
ATOM   1117 C CB  . SER A 1 161 ? 8.126   5.742   10.593  1.00 21.29 ? 2312 SER M CB  1 
ATOM   1118 O OG  . SER A 1 161 ? 9.080   5.327   11.564  1.00 19.88 ? 2312 SER M OG  1 
ATOM   1119 N N   . TRP A 1 162 ? 9.927   3.480   8.945   1.00 16.38 ? 2313 TRP M N   1 
ATOM   1120 C CA  . TRP A 1 162 ? 10.094  2.081   8.578   1.00 16.17 ? 2313 TRP M CA  1 
ATOM   1121 C C   . TRP A 1 162 ? 11.217  1.416   9.346   1.00 21.43 ? 2313 TRP M C   1 
ATOM   1122 O O   . TRP A 1 162 ? 12.086  2.085   9.913   1.00 18.20 ? 2313 TRP M O   1 
ATOM   1123 C CB  . TRP A 1 162 ? 10.340  1.945   7.069   1.00 16.30 ? 2313 TRP M CB  1 
ATOM   1124 C CG  . TRP A 1 162 ? 11.465  2.786   6.580   1.00 17.20 ? 2313 TRP M CG  1 
ATOM   1125 C CD1 . TRP A 1 162 ? 12.782  2.430   6.487   1.00 20.53 ? 2313 TRP M CD1 1 
ATOM   1126 C CD2 . TRP A 1 162 ? 11.383  4.147   6.143   1.00 19.92 ? 2313 TRP M CD2 1 
ATOM   1127 N NE1 . TRP A 1 162 ? 13.520  3.486   6.007   1.00 18.26 ? 2313 TRP M NE1 1 
ATOM   1128 C CE2 . TRP A 1 162 ? 12.681  4.549   5.786   1.00 19.97 ? 2313 TRP M CE2 1 
ATOM   1129 C CE3 . TRP A 1 162 ? 10.329  5.060   6.012   1.00 17.90 ? 2313 TRP M CE3 1 
ATOM   1130 C CZ2 . TRP A 1 162 ? 12.956  5.835   5.308   1.00 23.23 ? 2313 TRP M CZ2 1 
ATOM   1131 C CZ3 . TRP A 1 162 ? 10.602  6.331   5.537   1.00 18.67 ? 2313 TRP M CZ3 1 
ATOM   1132 C CH2 . TRP A 1 162 ? 11.907  6.706   5.192   1.00 20.76 ? 2313 TRP M CH2 1 
ATOM   1133 N N   . ALA A 1 163 ? 11.178  0.091   9.365   1.00 14.84 ? 2314 ALA M N   1 
ATOM   1134 C CA  . ALA A 1 163 ? 12.236  -0.714  9.965   1.00 18.29 ? 2314 ALA M CA  1 
ATOM   1135 C C   . ALA A 1 163 ? 13.083  -1.335  8.864   1.00 22.31 ? 2314 ALA M C   1 
ATOM   1136 O O   . ALA A 1 163 ? 12.548  -2.028  7.990   1.00 19.71 ? 2314 ALA M O   1 
ATOM   1137 C CB  . ALA A 1 163 ? 11.633  -1.792  10.830  1.00 21.97 ? 2314 ALA M CB  1 
ATOM   1138 N N   . GLN A 1 164 ? 14.397  -1.092  8.927   1.00 20.28 ? 2315 GLN M N   1 
ATOM   1139 C CA  . GLN A 1 164 ? 15.388  -1.563  7.943   1.00 22.83 ? 2315 GLN M CA  1 
ATOM   1140 C C   . GLN A 1 164 ? 15.261  -0.949  6.560   1.00 20.32 ? 2315 GLN M C   1 
ATOM   1141 O O   . GLN A 1 164 ? 16.174  -0.275  6.079   1.00 22.98 ? 2315 GLN M O   1 
ATOM   1142 C CB  . GLN A 1 164 ? 15.381  -3.090  7.780   1.00 24.35 ? 2315 GLN M CB  1 
ATOM   1143 C CG  . GLN A 1 164 ? 15.466  -3.871  9.069   1.00 26.79 ? 2315 GLN M CG  1 
ATOM   1144 C CD  . GLN A 1 164 ? 16.745  -3.614  9.818   1.00 39.33 ? 2315 GLN M CD  1 
ATOM   1145 O OE1 . GLN A 1 164 ? 17.836  -3.687  9.252   1.00 43.83 ? 2315 GLN M OE1 1 
ATOM   1146 N NE2 . GLN A 1 164 ? 16.622  -3.304  11.101  1.00 40.02 ? 2315 GLN M NE2 1 
ATOM   1147 N N   . HIS A 1 165 ? 14.128  -1.205  5.912   1.00 18.85 ? 2316 HIS M N   1 
ATOM   1148 C CA  . HIS A 1 165 ? 13.863  -0.685  4.579   1.00 16.31 ? 2316 HIS M CA  1 
ATOM   1149 C C   . HIS A 1 165 ? 12.350  -0.641  4.424   1.00 14.86 ? 2316 HIS M C   1 
ATOM   1150 O O   . HIS A 1 165 ? 11.630  -1.366  5.128   1.00 18.93 ? 2316 HIS M O   1 
ATOM   1151 C CB  . HIS A 1 165 ? 14.448  -1.574  3.472   1.00 19.08 ? 2316 HIS M CB  1 
ATOM   1152 C CG  . HIS A 1 165 ? 15.897  -1.896  3.654   1.00 24.41 ? 2316 HIS M CG  1 
ATOM   1153 N ND1 . HIS A 1 165 ? 16.906  -1.045  3.258   1.00 32.30 ? 2316 HIS M ND1 1 
ATOM   1154 C CD2 . HIS A 1 165 ? 16.508  -2.973  4.206   1.00 30.76 ? 2316 HIS M CD2 1 
ATOM   1155 C CE1 . HIS A 1 165 ? 18.077  -1.586  3.552   1.00 29.41 ? 2316 HIS M CE1 1 
ATOM   1156 N NE2 . HIS A 1 165 ? 17.862  -2.758  4.125   1.00 28.94 ? 2316 HIS M NE2 1 
ATOM   1157 N N   . ILE A 1 166 ? 11.875  0.211   3.521   1.00 15.87 ? 2317 ILE M N   1 
ATOM   1158 C CA  . ILE A 1 166 ? 10.462  0.230   3.151   1.00 14.27 ? 2317 ILE M CA  1 
ATOM   1159 C C   . ILE A 1 166 ? 10.135  -1.027  2.342   1.00 13.81 ? 2317 ILE M C   1 
ATOM   1160 O O   . ILE A 1 166 ? 10.779  -1.297  1.324   1.00 14.75 ? 2317 ILE M O   1 
ATOM   1161 C CB  . ILE A 1 166 ? 10.122  1.476   2.301   1.00 13.94 ? 2317 ILE M CB  1 
ATOM   1162 C CG1 . ILE A 1 166 ? 10.311  2.755   3.128   1.00 14.99 ? 2317 ILE M CG1 1 
ATOM   1163 C CG2 . ILE A 1 166 ? 8.693   1.390   1.750   1.00 14.18 ? 2317 ILE M CG2 1 
ATOM   1164 C CD1 . ILE A 1 166 ? 10.247  4.030   2.294   1.00 16.25 ? 2317 ILE M CD1 1 
ATOM   1165 N N   . ALA A 1 167 ? 9.158   -1.799  2.809   1.00 13.54 ? 2318 ALA M N   1 
ATOM   1166 C CA  . ALA A 1 167 ? 8.601   -2.913  2.037   1.00 11.42 ? 2318 ALA M CA  1 
ATOM   1167 C C   . ALA A 1 167 ? 7.124   -2.992  2.361   1.00 16.26 ? 2318 ALA M C   1 
ATOM   1168 O O   . ALA A 1 167 ? 6.730   -2.789  3.513   1.00 15.41 ? 2318 ALA M O   1 
ATOM   1169 C CB  . ALA A 1 167 ? 9.289   -4.212  2.389   1.00 13.44 ? 2318 ALA M CB  1 
ATOM   1170 N N   . LEU A 1 168 ? 6.298   -3.303  1.365   1.00 13.39 ? 2319 LEU M N   1 
ATOM   1171 C CA  A LEU A 1 168 ? 4.860   -3.257  1.557   0.43 13.20 ? 2319 LEU M CA  1 
ATOM   1172 C CA  B LEU A 1 168 ? 4.854   -3.265  1.560   0.57 13.18 ? 2319 LEU M CA  1 
ATOM   1173 C C   . LEU A 1 168 ? 4.123   -4.372  0.823   1.00 12.38 ? 2319 LEU M C   1 
ATOM   1174 O O   . LEU A 1 168 ? 4.376   -4.619  -0.359  1.00 14.01 ? 2319 LEU M O   1 
ATOM   1175 C CB  A LEU A 1 168 ? 4.341   -1.900  1.071   0.43 16.72 ? 2319 LEU M CB  1 
ATOM   1176 C CB  B LEU A 1 168 ? 4.287   -1.920  1.088   0.57 16.71 ? 2319 LEU M CB  1 
ATOM   1177 C CG  A LEU A 1 168 ? 3.086   -1.302  1.695   0.43 16.68 ? 2319 LEU M CG  1 
ATOM   1178 C CG  B LEU A 1 168 ? 4.026   -0.791  2.085   0.57 15.64 ? 2319 LEU M CG  1 
ATOM   1179 C CD1 A LEU A 1 168 ? 3.137   -1.423  3.211   0.43 18.82 ? 2319 LEU M CD1 1 
ATOM   1180 C CD1 B LEU A 1 168 ? 3.335   0.377   1.380   0.57 18.74 ? 2319 LEU M CD1 1 
ATOM   1181 C CD2 A LEU A 1 168 ? 2.946   0.167   1.277   0.43 18.71 ? 2319 LEU M CD2 1 
ATOM   1182 C CD2 B LEU A 1 168 ? 3.172   -1.299  3.242   0.57 18.82 ? 2319 LEU M CD2 1 
ATOM   1183 N N   . ARG A 1 169 ? 3.211   -5.030  1.541   1.00 12.12 ? 2320 ARG M N   1 
ATOM   1184 C CA  . ARG A 1 169 ? 2.161   -5.867  0.958   1.00 12.33 ? 2320 ARG M CA  1 
ATOM   1185 C C   . ARG A 1 169 ? 0.852   -5.236  1.457   1.00 13.26 ? 2320 ARG M C   1 
ATOM   1186 O O   . ARG A 1 169 ? 0.769   -4.810  2.609   1.00 14.34 ? 2320 ARG M O   1 
ATOM   1187 C CB  . ARG A 1 169 ? 2.297   -7.321  1.402   1.00 11.83 ? 2320 ARG M CB  1 
ATOM   1188 C CG  . ARG A 1 169 ? 3.425   -8.063  0.680   1.00 12.65 ? 2320 ARG M CG  1 
ATOM   1189 C CD  . ARG A 1 169 ? 3.528   -9.495  1.143   1.00 12.96 ? 2320 ARG M CD  1 
ATOM   1190 N NE  . ARG A 1 169 ? 4.044   -9.577  2.510   1.00 16.04 ? 2320 ARG M NE  1 
ATOM   1191 C CZ  . ARG A 1 169 ? 4.073   -10.701 3.220   1.00 15.88 ? 2320 ARG M CZ  1 
ATOM   1192 N NH1 . ARG A 1 169 ? 3.629   -11.828 2.690   1.00 16.63 ? 2320 ARG M NH1 1 
ATOM   1193 N NH2 . ARG A 1 169 ? 4.539   -10.699 4.459   1.00 14.99 ? 2320 ARG M NH2 1 
ATOM   1194 N N   A LEU A 1 170 ? -0.154  -5.162  0.591   0.45 12.32 ? 2321 LEU M N   1 
ATOM   1195 N N   B LEU A 1 170 ? -0.163  -5.175  0.598   0.55 12.30 ? 2321 LEU M N   1 
ATOM   1196 C CA  A LEU A 1 170 ? -1.350  -4.390  0.905   0.45 14.71 ? 2321 LEU M CA  1 
ATOM   1197 C CA  B LEU A 1 170 ? -1.333  -4.342  0.872   0.55 14.73 ? 2321 LEU M CA  1 
ATOM   1198 C C   A LEU A 1 170 ? -2.658  -5.112  0.620   0.45 14.88 ? 2321 LEU M C   1 
ATOM   1199 C C   B LEU A 1 170 ? -2.657  -5.039  0.567   0.55 14.94 ? 2321 LEU M C   1 
ATOM   1200 O O   A LEU A 1 170 ? -2.711  -6.034  -0.191  0.45 15.34 ? 2321 LEU M O   1 
ATOM   1201 O O   B LEU A 1 170 ? -2.717  -5.899  -0.305  0.55 15.16 ? 2321 LEU M O   1 
ATOM   1202 C CB  A LEU A 1 170 ? -1.354  -3.094  0.093   0.45 15.31 ? 2321 LEU M CB  1 
ATOM   1203 C CB  B LEU A 1 170 ? -1.235  -3.069  0.020   0.55 15.30 ? 2321 LEU M CB  1 
ATOM   1204 C CG  A LEU A 1 170 ? -0.289  -2.038  0.367   0.45 15.92 ? 2321 LEU M CG  1 
ATOM   1205 C CG  B LEU A 1 170 ? -2.263  -1.940  0.146   0.55 16.42 ? 2321 LEU M CG  1 
ATOM   1206 C CD1 A LEU A 1 170 ? -0.344  -0.972  -0.693  0.45 15.98 ? 2321 LEU M CD1 1 
ATOM   1207 C CD1 B LEU A 1 170 ? -2.047  -1.196  1.447   0.55 14.46 ? 2321 LEU M CD1 1 
ATOM   1208 C CD2 A LEU A 1 170 ? -0.525  -1.405  1.712   0.45 16.57 ? 2321 LEU M CD2 1 
ATOM   1209 C CD2 B LEU A 1 170 ? -2.174  -0.985  -1.039  0.55 15.08 ? 2321 LEU M CD2 1 
ATOM   1210 N N   . GLU A 1 171 ? -3.714  -4.664  1.289   1.00 12.59 ? 2322 GLU M N   1 
ATOM   1211 C CA  . GLU A 1 171 ? -5.083  -4.931  0.840   1.00 13.26 ? 2322 GLU M CA  1 
ATOM   1212 C C   . GLU A 1 171 ? -5.860  -3.626  1.013   1.00 13.54 ? 2322 GLU M C   1 
ATOM   1213 O O   . GLU A 1 171 ? -5.572  -2.832  1.919   1.00 15.19 ? 2322 GLU M O   1 
ATOM   1214 C CB  . GLU A 1 171 ? -5.760  -6.074  1.610   1.00 16.69 ? 2322 GLU M CB  1 
ATOM   1215 C CG  . GLU A 1 171 ? -7.157  -6.435  1.053   1.00 15.23 ? 2322 GLU M CG  1 
ATOM   1216 C CD  . GLU A 1 171 ? -7.116  -6.867  -0.407  1.00 16.61 ? 2322 GLU M CD  1 
ATOM   1217 O OE1 . GLU A 1 171 ? -6.856  -8.064  -0.668  1.00 16.53 ? 2322 GLU M OE1 1 
ATOM   1218 O OE2 . GLU A 1 171 ? -7.349  -6.022  -1.306  1.00 14.77 ? 2322 GLU M OE2 1 
ATOM   1219 N N   . VAL A 1 172 ? -6.820  -3.390  0.126   1.00 13.38 ? 2323 VAL M N   1 
ATOM   1220 C CA  . VAL A 1 172 ? -7.709  -2.243  0.257   1.00 12.87 ? 2323 VAL M CA  1 
ATOM   1221 C C   . VAL A 1 172 ? -9.089  -2.796  0.571   1.00 15.11 ? 2323 VAL M C   1 
ATOM   1222 O O   . VAL A 1 172 ? -9.511  -3.774  -0.047  1.00 15.65 ? 2323 VAL M O   1 
ATOM   1223 C CB  . VAL A 1 172 ? -7.776  -1.451  -1.047  1.00 14.13 ? 2323 VAL M CB  1 
ATOM   1224 C CG1 . VAL A 1 172 ? -8.589  -0.174  -0.844  1.00 15.84 ? 2323 VAL M CG1 1 
ATOM   1225 C CG2 . VAL A 1 172 ? -6.370  -1.108  -1.521  1.00 16.46 ? 2323 VAL M CG2 1 
ATOM   1226 N N   . LEU A 1 173 ? -9.777  -2.188  1.535   1.00 14.97 ? 2324 LEU M N   1 
ATOM   1227 C CA  . LEU A 1 173 ? -11.079 -2.689  1.977   1.00 15.93 ? 2324 LEU M CA  1 
ATOM   1228 C C   . LEU A 1 173 ? -12.177 -1.681  1.659   1.00 14.50 ? 2324 LEU M C   1 
ATOM   1229 O O   . LEU A 1 173 ? -11.983 -0.469  1.807   1.00 16.64 ? 2324 LEU M O   1 
ATOM   1230 C CB  . LEU A 1 173 ? -11.065 -2.938  3.485   1.00 17.62 ? 2324 LEU M CB  1 
ATOM   1231 C CG  . LEU A 1 173 ? -9.934  -3.799  4.035   1.00 18.05 ? 2324 LEU M CG  1 
ATOM   1232 C CD1 . LEU A 1 173 ? -9.952  -3.770  5.563   1.00 21.93 ? 2324 LEU M CD1 1 
ATOM   1233 C CD2 . LEU A 1 173 ? -10.053 -5.217  3.521   1.00 18.57 ? 2324 LEU M CD2 1 
ATOM   1234 N N   . GLY A 1 174 ? -13.338 -2.172  1.242   1.00 16.33 ? 2325 GLY M N   1 
ATOM   1235 C CA  . GLY A 1 174 ? -14.433 -1.268  0.944   1.00 14.74 ? 2325 GLY M CA  1 
ATOM   1236 C C   . GLY A 1 174 ? -15.572 -1.984  0.265   1.00 22.19 ? 2325 GLY M C   1 
ATOM   1237 O O   . GLY A 1 174 ? -15.769 -3.177  0.471   1.00 23.58 ? 2325 GLY M O   1 
ATOM   1238 N N   . CYS A 1 175 ? -16.325 -1.250  -0.546  1.00 24.05 ? 2326 CYS M N   1 
ATOM   1239 C CA  . CYS A 1 175 ? -17.445 -1.830  -1.270  1.00 30.49 ? 2326 CYS M CA  1 
ATOM   1240 C C   . CYS A 1 175 ? -17.903 -0.877  -2.356  1.00 35.92 ? 2326 CYS M C   1 
ATOM   1241 O O   . CYS A 1 175 ? -17.562 0.312   -2.348  1.00 25.82 ? 2326 CYS M O   1 
ATOM   1242 C CB  . CYS A 1 175 ? -18.609 -2.095  -0.319  1.00 31.88 ? 2326 CYS M CB  1 
ATOM   1243 S SG  . CYS A 1 175 ? -19.308 -0.578  0.370   1.00 33.90 ? 2326 CYS M SG  1 
ATOM   1244 N N   . GLU A 1 176 ? -18.681 -1.402  -3.294  1.00 38.67 ? 2327 GLU M N   1 
ATOM   1245 C CA  . GLU A 1 176 ? -19.326 -0.562  -4.291  1.00 46.70 ? 2327 GLU M CA  1 
ATOM   1246 C C   . GLU A 1 176 ? -20.416 0.284   -3.636  1.00 49.42 ? 2327 GLU M C   1 
ATOM   1247 O O   . GLU A 1 176 ? -21.295 -0.251  -2.957  1.00 54.85 ? 2327 GLU M O   1 
ATOM   1248 C CB  . GLU A 1 176 ? -19.923 -1.429  -5.394  1.00 50.18 ? 2327 GLU M CB  1 
ATOM   1249 C CG  . GLU A 1 176 ? -19.074 -1.508  -6.645  1.00 58.50 ? 2327 GLU M CG  1 
ATOM   1250 C CD  . GLU A 1 176 ? -19.816 -1.010  -7.870  1.00 65.54 ? 2327 GLU M CD  1 
ATOM   1251 O OE1 . GLU A 1 176 ? -20.257 -1.855  -8.678  1.00 69.71 ? 2327 GLU M OE1 1 
ATOM   1252 O OE2 . GLU A 1 176 ? -19.962 0.223   -8.023  1.00 65.05 ? 2327 GLU M OE2 1 
ATOM   1253 N N   . ALA A 1 177 ? -20.349 1.598   -3.850  1.00 48.57 ? 2329 ALA M N   1 
ATOM   1254 C CA  . ALA A 1 177 ? -21.284 2.561   -3.257  1.00 51.33 ? 2329 ALA M CA  1 
ATOM   1255 C C   . ALA A 1 177 ? -21.234 2.565   -1.728  1.00 46.94 ? 2329 ALA M C   1 
ATOM   1256 O O   . ALA A 1 177 ? -22.268 2.534   -1.059  1.00 54.00 ? 2329 ALA M O   1 
ATOM   1257 C CB  . ALA A 1 177 ? -22.719 2.333   -3.762  1.00 51.17 ? 2329 ALA M CB  1 
HETATM 1258 C C1  . GOL B 2 .   ? 18.934  -6.860  -2.267  1.00 38.95 ? 2401 GOL M C1  1 
HETATM 1259 O O1  . GOL B 2 .   ? 18.278  -6.956  -3.516  1.00 34.56 ? 2401 GOL M O1  1 
HETATM 1260 C C2  . GOL B 2 .   ? 18.126  -7.650  -1.240  1.00 36.96 ? 2401 GOL M C2  1 
HETATM 1261 O O2  . GOL B 2 .   ? 17.189  -8.449  -1.923  1.00 54.78 ? 2401 GOL M O2  1 
HETATM 1262 C C3  . GOL B 2 .   ? 19.032  -8.525  -0.380  1.00 46.22 ? 2401 GOL M C3  1 
HETATM 1263 O O3  . GOL B 2 .   ? 18.290  -9.596  0.168   1.00 46.21 ? 2401 GOL M O3  1 
HETATM 1264 O O   . HOH C 3 .   ? 4.644   -2.706  6.189   1.00 14.71 ? 2501 HOH M O   1 
HETATM 1265 O O   . HOH C 3 .   ? -2.660  10.727  5.873   1.00 16.47 ? 2502 HOH M O   1 
HETATM 1266 O O   . HOH C 3 .   ? -7.328  -9.917  1.284   1.00 20.04 ? 2503 HOH M O   1 
HETATM 1267 O O   . HOH C 3 .   ? 5.273   9.430   10.508  1.00 21.97 ? 2504 HOH M O   1 
HETATM 1268 O O   . HOH C 3 .   ? -7.530  11.117  1.250   1.00 18.87 ? 2505 HOH M O   1 
HETATM 1269 O O   . HOH C 3 .   ? -14.059 10.863  -0.170  1.00 21.54 ? 2506 HOH M O   1 
HETATM 1270 O O   . HOH C 3 .   ? 6.297   -13.628 -5.432  1.00 22.90 ? 2507 HOH M O   1 
HETATM 1271 O O   . HOH C 3 .   ? 3.634   -7.218  8.652   1.00 17.74 ? 2508 HOH M O   1 
HETATM 1272 O O   . HOH C 3 .   ? -7.951  -9.358  3.934   1.00 23.78 ? 2509 HOH M O   1 
HETATM 1273 O O   . HOH C 3 .   ? -8.334  -9.547  -2.495  1.00 14.95 ? 2510 HOH M O   1 
HETATM 1274 O O   . HOH C 3 .   ? -5.579  -9.970  -12.320 1.00 21.44 ? 2511 HOH M O   1 
HETATM 1275 O O   . HOH C 3 .   ? 5.267   2.229   -11.200 1.00 19.31 ? 2512 HOH M O   1 
HETATM 1276 O O   . HOH C 3 .   ? -1.302  -13.435 -1.837  1.00 21.01 ? 2513 HOH M O   1 
HETATM 1277 O O   . HOH C 3 .   ? -0.031  12.185  -3.378  1.00 25.68 ? 2514 HOH M O   1 
HETATM 1278 O O   . HOH C 3 .   ? -1.848  2.867   -10.435 1.00 18.83 ? 2515 HOH M O   1 
HETATM 1279 O O   . HOH C 3 .   ? -9.204  -11.460 -0.601  1.00 20.59 ? 2516 HOH M O   1 
HETATM 1280 O O   . HOH C 3 .   ? -10.253 11.215  -3.068  1.00 21.79 ? 2517 HOH M O   1 
HETATM 1281 O O   . HOH C 3 .   ? -2.384  -0.610  7.919   1.00 21.30 ? 2518 HOH M O   1 
HETATM 1282 O O   . HOH C 3 .   ? 1.188   -6.137  14.326  1.00 30.15 ? 2519 HOH M O   1 
HETATM 1283 O O   . HOH C 3 .   ? -5.252  -5.105  12.665  1.00 24.56 ? 2520 HOH M O   1 
HETATM 1284 O O   . HOH C 3 .   ? -2.298  -6.211  -15.646 1.00 26.33 ? 2521 HOH M O   1 
HETATM 1285 O O   . HOH C 3 .   ? -3.424  4.158   13.008  1.00 21.43 ? 2522 HOH M O   1 
HETATM 1286 O O   . HOH C 3 .   ? 1.604   5.849   -11.335 1.00 25.23 ? 2523 HOH M O   1 
HETATM 1287 O O   . HOH C 3 .   ? 13.415  -1.248  0.376   1.00 21.26 ? 2524 HOH M O   1 
HETATM 1288 O O   . HOH C 3 .   ? 0.439   0.178   -15.346 1.00 22.99 ? 2525 HOH M O   1 
HETATM 1289 O O   . HOH C 3 .   ? -2.816  -9.199  -13.120 1.00 21.97 ? 2526 HOH M O   1 
HETATM 1290 O O   . HOH C 3 .   ? -8.551  1.325   12.655  1.00 30.56 ? 2527 HOH M O   1 
HETATM 1291 O O   . HOH C 3 .   ? 10.360  7.811   11.933  1.00 24.54 ? 2528 HOH M O   1 
HETATM 1292 O O   . HOH C 3 .   ? 3.627   -12.656 -7.902  1.00 28.35 ? 2529 HOH M O   1 
HETATM 1293 O O   . HOH C 3 .   ? 7.770   4.883   14.102  1.00 28.38 ? 2530 HOH M O   1 
HETATM 1294 O O   . HOH C 3 .   ? 15.643  0.461   10.990  1.00 28.64 ? 2531 HOH M O   1 
HETATM 1295 O O   . HOH C 3 .   ? 16.388  3.430   5.783   1.00 27.61 ? 2532 HOH M O   1 
HETATM 1296 O O   . HOH C 3 .   ? -8.340  8.809   -14.507 1.00 34.69 ? 2533 HOH M O   1 
HETATM 1297 O O   . HOH C 3 .   ? 11.921  2.930   -10.242 1.00 24.90 ? 2534 HOH M O   1 
HETATM 1298 O O   . HOH C 3 .   ? 1.293   -9.768  -8.865  1.00 24.58 ? 2535 HOH M O   1 
HETATM 1299 O O   . HOH C 3 .   ? -7.000  4.043   11.290  1.00 22.29 ? 2536 HOH M O   1 
HETATM 1300 O O   . HOH C 3 .   ? -9.481  12.574  2.636   1.00 24.94 ? 2537 HOH M O   1 
HETATM 1301 O O   . HOH C 3 .   ? 8.044   2.291   -10.170 1.00 23.27 ? 2538 HOH M O   1 
HETATM 1302 O O   . HOH C 3 .   ? -10.207 11.130  10.365  1.00 26.86 ? 2539 HOH M O   1 
HETATM 1303 O O   . HOH C 3 .   ? 7.847   -18.685 -0.659  1.00 28.93 ? 2540 HOH M O   1 
HETATM 1304 O O   . HOH C 3 .   ? -9.080  14.214  -8.235  1.00 29.87 ? 2541 HOH M O   1 
HETATM 1305 O O   . HOH C 3 .   ? 8.377   -17.489 -6.738  1.00 26.53 ? 2542 HOH M O   1 
HETATM 1306 O O   . HOH C 3 .   ? -2.911  -15.536 -0.816  1.00 20.03 ? 2543 HOH M O   1 
HETATM 1307 O O   . HOH C 3 .   ? -14.409 8.865   -8.987  1.00 24.55 ? 2544 HOH M O   1 
HETATM 1308 O O   . HOH C 3 .   ? 8.248   7.116   1.505   1.00 25.45 ? 2545 HOH M O   1 
HETATM 1309 O O   . HOH C 3 .   ? 4.205   -8.946  -9.825  1.00 25.82 ? 2546 HOH M O   1 
HETATM 1310 O O   . HOH C 3 .   ? 0.982   -12.310 -7.981  1.00 32.73 ? 2547 HOH M O   1 
HETATM 1311 O O   . HOH C 3 .   ? -8.436  -14.032 -1.300  1.00 26.88 ? 2548 HOH M O   1 
HETATM 1312 O O   . HOH C 3 .   ? -10.093 16.220  9.586   1.00 28.29 ? 2549 HOH M O   1 
HETATM 1313 O O   . HOH C 3 .   ? 4.171   -13.512 5.427   1.00 29.42 ? 2550 HOH M O   1 
HETATM 1314 O O   . HOH C 3 .   ? -0.169  7.796   14.633  1.00 26.80 ? 2551 HOH M O   1 
HETATM 1315 O O   . HOH C 3 .   ? -7.769  15.156  -4.948  1.00 25.20 ? 2552 HOH M O   1 
HETATM 1316 O O   . HOH C 3 .   ? 5.442   10.083  -0.226  1.00 23.68 ? 2553 HOH M O   1 
HETATM 1317 O O   . HOH C 3 .   ? -1.691  -12.711 -4.590  1.00 23.85 ? 2554 HOH M O   1 
HETATM 1318 O O   . HOH C 3 .   ? 12.819  11.739  2.646   1.00 29.93 ? 2555 HOH M O   1 
HETATM 1319 O O   . HOH C 3 .   ? -5.856  1.442   -14.370 1.00 30.36 ? 2556 HOH M O   1 
HETATM 1320 O O   . HOH C 3 .   ? -6.038  -8.864  7.645   1.00 26.71 ? 2557 HOH M O   1 
HETATM 1321 O O   . HOH C 3 .   ? -5.160  -0.774  13.630  1.00 33.87 ? 2558 HOH M O   1 
HETATM 1322 O O   . HOH C 3 .   ? -9.488  6.849   10.149  1.00 25.00 ? 2559 HOH M O   1 
HETATM 1323 O O   . HOH C 3 .   ? -12.966 9.112   -11.096 1.00 29.15 ? 2560 HOH M O   1 
HETATM 1324 O O   . HOH C 3 .   ? -8.789  14.791  3.850   1.00 23.42 ? 2561 HOH M O   1 
HETATM 1325 O O   . HOH C 3 .   ? -7.605  18.462  -1.632  1.00 34.18 ? 2562 HOH M O   1 
HETATM 1326 O O   . HOH C 3 .   ? 18.620  0.450   6.934   1.00 30.66 ? 2563 HOH M O   1 
HETATM 1327 O O   . HOH C 3 .   ? 2.734   -7.924  15.786  1.00 34.52 ? 2564 HOH M O   1 
HETATM 1328 O O   . HOH C 3 .   ? 11.237  -12.290 0.644   1.00 27.93 ? 2565 HOH M O   1 
HETATM 1329 O O   . HOH C 3 .   ? -12.041 -11.717 -0.414  1.00 31.92 ? 2566 HOH M O   1 
HETATM 1330 O O   . HOH C 3 .   ? -6.217  17.395  2.936   1.00 26.58 ? 2567 HOH M O   1 
HETATM 1331 O O   . HOH C 3 .   ? 14.883  2.725   9.931   1.00 35.35 ? 2568 HOH M O   1 
HETATM 1332 O O   . HOH C 3 .   ? 9.766   -6.729  14.829  1.00 36.68 ? 2569 HOH M O   1 
HETATM 1333 O O   . HOH C 3 .   ? 16.999  2.706   8.379   1.00 34.65 ? 2570 HOH M O   1 
HETATM 1334 O O   . HOH C 3 .   ? 7.557   -12.054 5.197   1.00 27.80 ? 2571 HOH M O   1 
HETATM 1335 O O   . HOH C 3 .   ? 9.426   -9.553  11.827  1.00 31.42 ? 2572 HOH M O   1 
HETATM 1336 O O   . HOH C 3 .   ? -11.259 13.451  11.921  1.00 39.58 ? 2573 HOH M O   1 
HETATM 1337 O O   . HOH C 3 .   ? -8.842  9.158   11.796  1.00 40.10 ? 2574 HOH M O   1 
HETATM 1338 O O   . HOH C 3 .   ? -12.214 -7.925  5.622   1.00 41.46 ? 2575 HOH M O   1 
HETATM 1339 O O   . HOH C 3 .   ? -12.155 2.681   -15.655 1.00 34.13 ? 2576 HOH M O   1 
HETATM 1340 O O   . HOH C 3 .   ? 7.718   -13.452 3.264   1.00 39.78 ? 2577 HOH M O   1 
HETATM 1341 O O   . HOH C 3 .   ? 9.034   -12.605 -8.198  1.00 36.40 ? 2578 HOH M O   1 
HETATM 1342 O O   . HOH C 3 .   ? 1.362   -11.086 15.609  1.00 46.03 ? 2579 HOH M O   1 
HETATM 1343 O O   . HOH C 3 .   ? -15.358 4.315   7.502   1.00 40.38 ? 2580 HOH M O   1 
HETATM 1344 O O   . HOH C 3 .   ? -10.586 -10.213 4.745   1.00 42.99 ? 2581 HOH M O   1 
HETATM 1345 O O   . HOH C 3 .   ? 4.483   5.615   -11.695 1.00 34.09 ? 2582 HOH M O   1 
HETATM 1346 O O   . HOH C 3 .   ? 17.514  3.128   1.050   1.00 31.49 ? 2583 HOH M O   1 
HETATM 1347 O O   . HOH C 3 .   ? 12.417  4.110   12.452  1.00 36.11 ? 2584 HOH M O   1 
HETATM 1348 O O   . HOH C 3 .   ? 10.879  -8.032  13.379  1.00 36.47 ? 2585 HOH M O   1 
HETATM 1349 O O   . HOH C 3 .   ? 9.219   10.433  -5.235  1.00 37.77 ? 2586 HOH M O   1 
HETATM 1350 O O   . HOH C 3 .   ? 14.724  0.572   -0.709  1.00 29.33 ? 2587 HOH M O   1 
HETATM 1351 O O   . HOH C 3 .   ? -13.905 2.742   8.081   1.00 37.37 ? 2588 HOH M O   1 
HETATM 1352 O O   . HOH C 3 .   ? 13.434  -12.792 -0.392  1.00 31.05 ? 2589 HOH M O   1 
HETATM 1353 O O   . HOH C 3 .   ? -13.693 -9.420  -1.491  1.00 32.19 ? 2590 HOH M O   1 
HETATM 1354 O O   . HOH C 3 .   ? 4.391   -3.840  -11.133 1.00 23.23 ? 2591 HOH M O   1 
HETATM 1355 O O   . HOH C 3 .   ? -7.567  -7.272  5.807   1.00 22.22 ? 2592 HOH M O   1 
HETATM 1356 O O   . HOH C 3 .   ? 2.571   -12.931 11.798  1.00 34.58 ? 2593 HOH M O   1 
HETATM 1357 O O   . HOH C 3 .   ? -1.029  -13.160 -6.686  1.00 36.47 ? 2594 HOH M O   1 
HETATM 1358 O O   . HOH C 3 .   ? 13.995  -0.108  13.413  1.00 42.87 ? 2595 HOH M O   1 
HETATM 1359 O O   . HOH C 3 .   ? 1.033   -14.022 8.230   1.00 41.88 ? 2596 HOH M O   1 
HETATM 1360 O O   . HOH C 3 .   ? -2.148  16.960  -5.754  1.00 32.88 ? 2597 HOH M O   1 
HETATM 1361 O O   . HOH C 3 .   ? -3.784  13.933  13.100  1.00 32.88 ? 2598 HOH M O   1 
HETATM 1362 O O   . HOH C 3 .   ? -3.929  17.540  0.417   1.00 33.64 ? 2599 HOH M O   1 
HETATM 1363 O O   . HOH C 3 .   ? -13.591 7.157   -12.914 1.00 35.40 ? 2600 HOH M O   1 
HETATM 1364 O O   . HOH C 3 .   ? -0.333  -0.909  14.845  1.00 45.36 ? 2601 HOH M O   1 
HETATM 1365 O O   . HOH C 3 .   ? -1.136  -11.217 -13.718 1.00 39.97 ? 2602 HOH M O   1 
HETATM 1366 O O   . HOH C 3 .   ? 16.219  -7.192  10.216  1.00 37.56 ? 2603 HOH M O   1 
HETATM 1367 O O   . HOH C 3 .   ? 3.824   0.979   14.079  1.00 42.03 ? 2604 HOH M O   1 
HETATM 1368 O O   . HOH C 3 .   ? 5.733   12.190  -5.991  1.00 42.81 ? 2605 HOH M O   1 
HETATM 1369 O O   . HOH C 3 .   ? -6.696  -8.918  9.887   1.00 42.76 ? 2606 HOH M O   1 
HETATM 1370 O O   . HOH C 3 .   ? 8.519   -20.611 -2.794  1.00 40.95 ? 2607 HOH M O   1 
HETATM 1371 O O   . HOH C 3 .   ? -11.646 -1.378  8.912   1.00 43.90 ? 2608 HOH M O   1 
HETATM 1372 O O   . HOH C 3 .   ? -13.206 -1.425  7.322   1.00 40.10 ? 2609 HOH M O   1 
HETATM 1373 O O   . HOH C 3 .   ? 6.231   -0.238  14.755  1.00 44.35 ? 2610 HOH M O   1 
HETATM 1374 O O   . HOH C 3 .   ? -22.408 4.933   2.460   1.00 41.99 ? 2611 HOH M O   1 
HETATM 1375 O O   . HOH C 3 .   ? 6.180   4.503   -13.039 1.00 37.31 ? 2612 HOH M O   1 
HETATM 1376 O O   . HOH C 3 .   ? 7.406   2.882   -14.136 1.00 35.60 ? 2613 HOH M O   1 
HETATM 1377 O O   . HOH C 3 .   ? 13.729  -5.092  11.340  1.00 31.69 ? 2614 HOH M O   1 
HETATM 1378 O O   . HOH C 3 .   ? -2.602  15.813  14.791  1.00 25.31 ? 2615 HOH M O   1 
HETATM 1379 O O   . HOH C 3 .   ? -5.606  -11.208 6.355   1.00 33.76 ? 2616 HOH M O   1 
HETATM 1380 O O   . HOH C 3 .   ? -6.647  -3.835  -15.464 1.00 33.97 ? 2617 HOH M O   1 
HETATM 1381 O O   . HOH C 3 .   ? 6.554   -19.671 1.870   1.00 39.26 ? 2618 HOH M O   1 
HETATM 1382 O O   . HOH C 3 .   ? 13.151  -13.421 -2.946  1.00 33.94 ? 2619 HOH M O   1 
HETATM 1383 O O   . HOH C 3 .   ? 18.266  -4.288  1.461   1.00 53.65 ? 2620 HOH M O   1 
HETATM 1384 O O   . HOH C 3 .   ? -12.605 -9.050  -4.470  1.00 40.04 ? 2621 HOH M O   1 
HETATM 1385 O O   . HOH C 3 .   ? 10.064  -15.132 -0.013  1.00 29.73 ? 2622 HOH M O   1 
HETATM 1386 O O   . HOH C 3 .   ? 8.722   14.145  2.802   1.00 38.67 ? 2623 HOH M O   1 
HETATM 1387 O O   . HOH C 3 .   ? -11.634 11.197  4.700   1.00 25.42 ? 2624 HOH M O   1 
HETATM 1388 O O   . HOH C 3 .   ? 2.860   -5.860  12.166  1.00 17.29 ? 2625 HOH M O   1 
HETATM 1389 O O   . HOH C 3 .   ? 12.233  5.506   9.635   1.00 20.91 ? 2626 HOH M O   1 
HETATM 1390 O O   . HOH C 3 .   ? 6.389   7.744   16.173  1.00 23.10 ? 2627 HOH M O   1 
HETATM 1391 O O   . HOH C 3 .   ? -12.096 12.174  -1.518  1.00 24.07 ? 2628 HOH M O   1 
HETATM 1392 O O   . HOH C 3 .   ? -2.090  11.393  13.370  1.00 21.92 ? 2629 HOH M O   1 
HETATM 1393 O O   . HOH C 3 .   ? 14.770  5.429   10.161  1.00 28.47 ? 2630 HOH M O   1 
HETATM 1394 O O   . HOH C 3 .   ? 0.939   -14.176 5.510   1.00 28.13 ? 2631 HOH M O   1 
HETATM 1395 O O   . HOH C 3 .   ? -7.410  5.518   13.370  1.00 30.54 ? 2632 HOH M O   1 
HETATM 1396 O O   . HOH C 3 .   ? -10.136 -3.945  -10.133 1.00 22.68 ? 2633 HOH M O   1 
HETATM 1397 O O   . HOH C 3 .   ? 2.538   -2.414  -12.257 1.00 32.28 ? 2634 HOH M O   1 
HETATM 1398 O O   . HOH C 3 .   ? -10.017 -7.270  7.174   1.00 28.49 ? 2635 HOH M O   1 
HETATM 1399 O O   . HOH C 3 .   ? -4.248  10.635  -14.352 1.00 40.71 ? 2636 HOH M O   1 
HETATM 1400 O O   . HOH C 3 .   ? -9.895  12.574  6.274   1.00 26.67 ? 2637 HOH M O   1 
HETATM 1401 O O   . HOH C 3 .   ? -2.689  0.493   14.027  1.00 34.16 ? 2638 HOH M O   1 
HETATM 1402 O O   . HOH C 3 .   ? -1.508  6.687   16.990  1.00 43.70 ? 2639 HOH M O   1 
HETATM 1403 O O   . HOH C 3 .   ? 1.131   8.604   -11.055 1.00 28.71 ? 2640 HOH M O   1 
HETATM 1404 O O   . HOH C 3 .   ? -3.749  7.206   13.218  1.00 30.00 ? 2641 HOH M O   1 
HETATM 1405 O O   . HOH C 3 .   ? 5.466   -14.584 -7.602  1.00 31.79 ? 2642 HOH M O   1 
HETATM 1406 O O   . HOH C 3 .   ? 5.840   3.455   15.223  1.00 33.83 ? 2643 HOH M O   1 
HETATM 1407 O O   . HOH C 3 .   ? 11.621  8.189   9.277   1.00 29.32 ? 2644 HOH M O   1 
HETATM 1408 O O   . HOH C 3 .   ? -7.839  -13.773 2.728   1.00 35.26 ? 2645 HOH M O   1 
HETATM 1409 O O   . HOH C 3 .   ? -11.340 14.390  7.768   1.00 39.38 ? 2646 HOH M O   1 
HETATM 1410 O O   . HOH C 3 .   ? -11.663 -3.028  -12.216 1.00 37.07 ? 2647 HOH M O   1 
HETATM 1411 O O   . HOH C 3 .   ? -19.076 -4.215  -3.710  1.00 40.27 ? 2648 HOH M O   1 
HETATM 1412 O O   . HOH C 3 .   ? 11.401  -1.313  14.735  1.00 46.10 ? 2649 HOH M O   1 
HETATM 1413 O O   . HOH C 3 .   ? 17.967  -0.395  11.830  1.00 36.36 ? 2650 HOH M O   1 
HETATM 1414 O O   . HOH C 3 .   ? 6.504   -11.500 11.592  1.00 37.23 ? 2651 HOH M O   1 
HETATM 1415 O O   . HOH C 3 .   ? 10.519  9.926   7.445   1.00 33.82 ? 2652 HOH M O   1 
HETATM 1416 O O   . HOH C 3 .   ? 14.374  -14.744 1.480   1.00 44.10 ? 2653 HOH M O   1 
HETATM 1417 O O   . HOH C 3 .   ? 14.489  -2.915  12.819  1.00 44.46 ? 2654 HOH M O   1 
HETATM 1418 O O   . HOH C 3 .   ? 17.354  1.731   3.534   1.00 34.99 ? 2655 HOH M O   1 
HETATM 1419 O O   . HOH C 3 .   ? 16.995  -0.881  -8.163  1.00 39.47 ? 2656 HOH M O   1 
HETATM 1420 O O   . HOH C 3 .   ? -14.668 10.998  -10.717 1.00 32.85 ? 2657 HOH M O   1 
HETATM 1421 O O   . HOH C 3 .   ? -6.455  1.296   14.539  1.00 45.91 ? 2658 HOH M O   1 
HETATM 1422 O O   . HOH C 3 .   ? 7.974   -13.771 7.477   1.00 39.49 ? 2659 HOH M O   1 
HETATM 1423 O O   . HOH C 3 .   ? 10.208  -19.024 -2.893  1.00 45.34 ? 2660 HOH M O   1 
HETATM 1424 O O   . HOH C 3 .   ? 11.029  -10.752 -10.750 1.00 41.19 ? 2661 HOH M O   1 
HETATM 1425 O O   . HOH C 3 .   ? 8.886   -9.838  -9.228  1.00 34.76 ? 2662 HOH M O   1 
HETATM 1426 O O   . HOH C 3 .   ? 13.369  8.628   -2.562  1.00 43.34 ? 2663 HOH M O   1 
HETATM 1427 O O   . HOH C 3 .   ? -3.628  7.932   -14.345 1.00 37.28 ? 2664 HOH M O   1 
HETATM 1428 O O   . HOH C 3 .   ? 1.925   -11.212 -11.783 1.00 41.83 ? 2665 HOH M O   1 
HETATM 1429 O O   . HOH C 3 .   ? -3.982  4.064   -14.496 1.00 38.90 ? 2666 HOH M O   1 
HETATM 1430 O O   . HOH C 3 .   ? 9.015   -2.108  15.693  1.00 47.05 ? 2667 HOH M O   1 
HETATM 1431 O O   . HOH C 3 .   ? -11.740 -5.147  -13.816 1.00 44.87 ? 2668 HOH M O   1 
HETATM 1432 O O   . HOH C 3 .   ? -8.805  -5.675  -13.481 1.00 34.02 ? 2669 HOH M O   1 
HETATM 1433 O O   . HOH C 3 .   ? 6.903   -13.479 -9.585  1.00 44.87 ? 2670 HOH M O   1 
HETATM 1434 O O   . HOH C 3 .   ? -17.106 9.854   10.385  1.00 40.08 ? 2671 HOH M O   1 
HETATM 1435 O O   . HOH C 3 .   ? -3.849  -13.587 8.531   1.00 53.11 ? 2672 HOH M O   1 
HETATM 1436 O O   . HOH C 3 .   ? -1.430  15.598  -1.301  1.00 45.44 ? 2673 HOH M O   1 
HETATM 1437 O O   . HOH C 3 .   ? -10.919 -14.084 -3.304  1.00 31.55 ? 2674 HOH M O   1 
HETATM 1438 O O   . HOH C 3 .   ? -13.980 -8.361  -6.626  1.00 46.09 ? 2675 HOH M O   1 
HETATM 1439 O O   . HOH C 3 .   ? -17.176 5.970   9.780   1.00 45.67 ? 2676 HOH M O   1 
HETATM 1440 O O   . HOH C 3 .   ? 7.226   -8.420  -10.830 1.00 41.40 ? 2677 HOH M O   1 
HETATM 1441 O O   . HOH C 3 .   ? 11.279  8.432   -6.126  1.00 39.90 ? 2678 HOH M O   1 
HETATM 1442 O O   . HOH C 3 .   ? -14.114 -5.152  -13.606 1.00 54.83 ? 2679 HOH M O   1 
# 
